data_1FW6
#
_entry.id   1FW6
#
_cell.length_a   103.717
_cell.length_b   113.496
_cell.length_c   160.501
_cell.angle_alpha   90.00
_cell.angle_beta   90.00
_cell.angle_gamma   90.00
#
_symmetry.space_group_name_H-M   'P 21 21 21'
#
loop_
_entity.id
_entity.type
_entity.pdbx_description
1 polymer "5'-D(*GP*CP*GP*AP*CP*GP*CP*TP*AP*GP*CP*GP*TP*GP*CP*GP*GP*CP*TP*CP*GP*TP*C)-3'"
2 polymer "5'-D(*GP*GP*AP*CP*GP*AP*GP*CP*CP*GP*CP*CP*GP*CP*TP*AP*GP*CP*GP*TP*CP*G)-3'"
3 polymer 'DNA MISMATCH REPAIR PROTEIN MUTS'
4 non-polymer 'MAGNESIUM ION'
5 non-polymer 'SULFATE ION'
6 non-polymer "ADENOSINE-5'-DIPHOSPHATE"
7 water water
#
loop_
_entity_poly.entity_id
_entity_poly.type
_entity_poly.pdbx_seq_one_letter_code
_entity_poly.pdbx_strand_id
1 'polydeoxyribonucleotide'
;(DG)(DC)(DG)(DA)(DC)(DG)(DC)(DT)(DA)(DG)(DC)(DG)(DT)(DG)(DC)(DG)(DG)(DC)(DT)(DC)
(DG)(DT)(DC)
;
C
2 'polydeoxyribonucleotide'
;(DG)(DG)(DA)(DC)(DG)(DA)(DG)(DC)(DC)(DG)(DC)(DC)(DG)(DC)(DT)(DA)(DG)(DC)(DG)(DT)
(DC)(DG)
;
D
3 'polypeptide(L)'
;(MSE)EG(MSE)LKGEGPGPLPPLLQQYVELRDQYPDYLLLFQVGDFYECFGEDAERLARALGLVLTHKTSKDFTTP
(MSE)AGIPLRAFEAYAERLLK(MSE)GFRLAVADQVEPAEEAEGLVRREVTQLLTPGTLLQESLLPREANYLAAIATGD
GWGLAFLDVSTGEFKGTVLKSKSALYDELFRHRPAEVLLAPELLENGAFLDEFRKRFPV(MSE)LSEAPFEPEGEGPLAL
RRARGALLAYAQRTQGGALSLQPFRFYDPGAF(MSE)RLPEATLRALEVFEPLRGQDTLFSVLDETRTAPGRRLLQSWLR
HPLLDRGPLEARLDRVEGFVREGALREGVRRLLYRLADLERLATRLELGRASPKDLGALRRSLQILPELRALLGEEVGLP
DLSPLKEELEAALVEDPPLKVSEGGLIREGYDPDLDALRAAHREGVAYFLELEERERERTGIPTLKVGYNAVFGYYLEVT
RPYYERVPKEYRPVQTLKDRQRYTLPE(MSE)KEKEREVYRLEALIRRREEEVFLEVRERAKRQAEALREAARILAELDV
YAALAEVAVRYGYVRPRFGDRLQIRAGRHPVVERRTEFVPNDLE(MSE)AHELVLITGPN(MSE)AGKSTFLRQTALIAL
LAQVGSFVPAEEAHLPLFDGIYTRIGASDDLAGGKSTF(MSE)VE(MSE)EEVALILKEATENSLVLLDEVGRGTSSLDG
VAIATAVAEALHERRAYTLFATHYFELTALGLPRLKNLHVAAREEAGGLVFYHQVLPGPASKSYGVEVAA(MSE)AGLPK
EVVARARALLQA(MSE)AARREG
;
A,B
#
# COMPACT_ATOMS: atom_id res chain seq x y z
N GLU C 2 9.22 -34.64 -7.11
CA GLU C 2 9.75 -33.42 -7.75
C GLU C 2 11.20 -33.44 -8.20
N GLY C 3 11.41 -32.95 -9.42
CA GLY C 3 12.73 -32.89 -10.01
C GLY C 3 12.61 -32.57 -11.48
N LEU C 5 11.36 -29.26 -14.46
CA LEU C 5 11.08 -27.86 -14.76
C LEU C 5 10.02 -27.66 -15.84
N LYS C 6 9.37 -26.50 -15.81
CA LYS C 6 8.34 -26.18 -16.79
C LYS C 6 8.95 -25.61 -18.07
N GLY C 7 9.21 -26.49 -19.03
CA GLY C 7 9.77 -26.09 -20.30
C GLY C 7 9.19 -26.96 -21.38
N GLU C 8 8.80 -26.37 -22.51
CA GLU C 8 8.19 -27.16 -23.56
C GLU C 8 9.14 -27.72 -24.64
N GLY C 9 9.18 -29.04 -24.71
CA GLY C 9 10.02 -29.76 -25.65
C GLY C 9 10.41 -31.08 -25.01
N PRO C 10 10.89 -32.07 -25.79
CA PRO C 10 11.26 -33.35 -25.17
C PRO C 10 12.74 -33.36 -24.79
N GLY C 11 13.33 -34.54 -24.83
CA GLY C 11 14.73 -34.68 -24.50
C GLY C 11 15.04 -34.36 -23.05
N PRO C 12 16.29 -34.58 -22.60
CA PRO C 12 16.74 -34.33 -21.22
C PRO C 12 16.87 -32.87 -20.82
N LEU C 13 17.23 -32.65 -19.56
CA LEU C 13 17.38 -31.31 -19.01
C LEU C 13 18.87 -30.92 -19.06
N PRO C 14 19.21 -29.82 -19.77
CA PRO C 14 20.59 -29.34 -19.90
C PRO C 14 21.39 -29.40 -18.59
N PRO C 15 22.73 -29.49 -18.68
CA PRO C 15 23.64 -29.55 -17.53
C PRO C 15 23.43 -28.46 -16.47
N LEU C 16 23.17 -27.24 -16.95
CA LEU C 16 22.95 -26.06 -16.11
C LEU C 16 21.58 -26.09 -15.43
N LEU C 17 20.54 -26.09 -16.25
CA LEU C 17 19.17 -26.13 -15.75
C LEU C 17 19.08 -27.31 -14.80
N GLN C 18 19.87 -28.34 -15.09
CA GLN C 18 19.89 -29.53 -14.26
C GLN C 18 20.32 -29.09 -12.86
N GLN C 19 21.44 -28.37 -12.79
CA GLN C 19 22.00 -27.86 -11.54
C GLN C 19 21.02 -26.89 -10.87
N TYR C 20 20.25 -26.19 -11.70
CA TYR C 20 19.25 -25.23 -11.24
C TYR C 20 18.14 -25.93 -10.45
N VAL C 21 17.57 -26.95 -11.08
CA VAL C 21 16.50 -27.73 -10.47
C VAL C 21 16.97 -28.43 -9.20
N GLU C 22 18.20 -28.97 -9.24
CA GLU C 22 18.78 -29.69 -8.12
C GLU C 22 18.79 -28.89 -6.81
N LEU C 23 19.07 -27.59 -6.91
CA LEU C 23 19.09 -26.71 -5.73
C LEU C 23 17.69 -26.17 -5.44
N ARG C 24 16.99 -25.81 -6.52
CA ARG C 24 15.65 -25.24 -6.45
C ARG C 24 14.63 -26.04 -5.66
N ASP C 25 14.79 -27.35 -5.61
CA ASP C 25 13.84 -28.19 -4.89
C ASP C 25 14.29 -28.55 -3.48
N GLN C 26 15.36 -27.91 -3.02
CA GLN C 26 15.89 -28.13 -1.68
C GLN C 26 15.31 -27.05 -0.77
N TYR C 27 14.88 -25.95 -1.40
CA TYR C 27 14.27 -24.83 -0.70
C TYR C 27 12.94 -24.57 -1.43
N PRO C 28 11.95 -25.43 -1.15
CA PRO C 28 10.60 -25.41 -1.72
C PRO C 28 9.79 -24.13 -1.54
N ASP C 29 10.01 -23.42 -0.45
CA ASP C 29 9.23 -22.21 -0.19
C ASP C 29 10.03 -20.94 -0.36
N TYR C 30 11.16 -21.06 -1.06
CA TYR C 30 12.02 -19.92 -1.31
C TYR C 30 12.10 -19.65 -2.80
N LEU C 31 12.15 -18.38 -3.18
CA LEU C 31 12.29 -18.04 -4.59
C LEU C 31 13.78 -18.08 -4.84
N LEU C 32 14.19 -19.06 -5.63
CA LEU C 32 15.59 -19.27 -5.94
C LEU C 32 16.12 -18.35 -7.02
N LEU C 33 17.12 -17.56 -6.65
CA LEU C 33 17.78 -16.63 -7.56
C LEU C 33 19.13 -17.25 -7.92
N PHE C 34 19.15 -17.83 -9.13
CA PHE C 34 20.29 -18.55 -9.70
C PHE C 34 21.34 -17.62 -10.28
N GLN C 35 22.56 -17.73 -9.75
CA GLN C 35 23.68 -16.92 -10.19
C GLN C 35 24.38 -17.49 -11.43
N VAL C 36 24.07 -16.94 -12.59
CA VAL C 36 24.71 -17.39 -13.83
C VAL C 36 25.44 -16.17 -14.36
N GLY C 37 26.76 -16.14 -14.16
CA GLY C 37 27.55 -15.01 -14.61
C GLY C 37 27.13 -13.75 -13.89
N ASP C 38 27.06 -12.64 -14.62
CA ASP C 38 26.70 -11.36 -14.03
C ASP C 38 25.19 -11.15 -13.87
N PHE C 39 24.45 -12.24 -13.74
CA PHE C 39 23.00 -12.16 -13.56
C PHE C 39 22.48 -13.23 -12.62
N TYR C 40 21.35 -12.92 -11.97
CA TYR C 40 20.66 -13.87 -11.11
C TYR C 40 19.51 -14.29 -12.01
N GLU C 41 19.29 -15.59 -12.16
CA GLU C 41 18.26 -16.04 -13.07
C GLU C 41 17.30 -17.06 -12.48
N CYS C 42 16.13 -17.17 -13.10
CA CYS C 42 15.12 -18.11 -12.66
C CYS C 42 14.52 -18.66 -13.94
N PHE C 43 14.26 -19.97 -13.96
CA PHE C 43 13.70 -20.62 -15.14
C PHE C 43 12.39 -21.35 -14.80
N GLY C 44 11.55 -21.55 -15.81
CA GLY C 44 10.28 -22.23 -15.61
C GLY C 44 9.20 -21.33 -15.03
N GLU C 45 8.39 -21.86 -14.12
CA GLU C 45 7.34 -21.06 -13.50
C GLU C 45 8.03 -20.01 -12.64
N ASP C 46 9.14 -20.40 -12.02
CA ASP C 46 9.90 -19.50 -11.17
C ASP C 46 10.35 -18.27 -11.96
N ALA C 47 10.56 -18.45 -13.26
CA ALA C 47 10.97 -17.37 -14.14
C ALA C 47 9.78 -16.46 -14.39
N GLU C 48 8.60 -17.06 -14.49
CA GLU C 48 7.39 -16.29 -14.72
C GLU C 48 7.08 -15.48 -13.46
N ARG C 49 7.16 -16.14 -12.30
CA ARG C 49 6.90 -15.46 -11.03
C ARG C 49 7.67 -14.17 -10.97
N LEU C 50 8.96 -14.26 -11.29
CA LEU C 50 9.86 -13.11 -11.28
C LEU C 50 9.35 -12.05 -12.24
N ALA C 51 9.51 -12.29 -13.55
CA ALA C 51 9.08 -11.37 -14.59
C ALA C 51 7.92 -10.47 -14.20
N ARG C 52 6.79 -11.08 -13.84
CA ARG C 52 5.61 -10.29 -13.45
C ARG C 52 5.83 -9.54 -12.14
N ALA C 53 6.14 -10.27 -11.08
CA ALA C 53 6.40 -9.66 -9.77
C ALA C 53 7.29 -8.43 -9.90
N LEU C 54 8.32 -8.51 -10.73
CA LEU C 54 9.25 -7.40 -10.92
C LEU C 54 9.16 -6.73 -12.29
N GLY C 55 8.10 -7.00 -13.03
CA GLY C 55 7.93 -6.39 -14.34
C GLY C 55 9.05 -6.66 -15.32
N LEU C 56 9.90 -7.63 -14.98
CA LEU C 56 11.01 -8.01 -15.84
C LEU C 56 10.51 -8.50 -17.19
N VAL C 57 11.44 -8.85 -18.09
CA VAL C 57 11.08 -9.34 -19.40
C VAL C 57 11.11 -10.87 -19.37
N LEU C 58 10.18 -11.51 -20.05
CA LEU C 58 10.20 -12.96 -20.07
C LEU C 58 10.89 -13.40 -21.36
N THR C 59 11.91 -14.24 -21.22
CA THR C 59 12.66 -14.74 -22.35
C THR C 59 12.75 -16.25 -22.21
N HIS C 60 13.72 -16.86 -22.89
CA HIS C 60 13.90 -18.30 -22.83
C HIS C 60 15.36 -18.72 -22.99
N LYS C 61 15.66 -19.92 -22.52
CA LYS C 61 17.00 -20.50 -22.63
C LYS C 61 16.79 -21.81 -23.37
N THR C 62 16.96 -21.78 -24.68
CA THR C 62 16.75 -22.96 -25.51
C THR C 62 17.95 -23.88 -25.61
N SER C 63 17.66 -25.16 -25.75
CA SER C 63 18.69 -26.19 -25.89
C SER C 63 18.14 -27.27 -26.83
N LYS C 64 18.98 -28.24 -27.17
CA LYS C 64 18.61 -29.33 -28.07
C LYS C 64 17.30 -30.00 -27.65
N ASP C 65 17.31 -30.56 -26.45
CA ASP C 65 16.13 -31.23 -25.93
C ASP C 65 14.95 -30.27 -25.95
N PHE C 66 14.95 -29.29 -25.05
CA PHE C 66 13.85 -28.33 -25.02
C PHE C 66 14.20 -26.87 -24.74
N THR C 67 13.15 -26.05 -24.65
CA THR C 67 13.27 -24.63 -24.38
C THR C 67 12.41 -24.27 -23.17
N THR C 68 13.02 -23.59 -22.20
CA THR C 68 12.35 -23.19 -20.98
C THR C 68 12.32 -21.67 -20.85
N PRO C 69 11.43 -21.14 -20.00
CA PRO C 69 11.36 -19.68 -19.85
C PRO C 69 12.53 -19.21 -19.00
N ALA C 71 14.17 -15.54 -16.87
CA ALA C 71 14.05 -14.17 -16.36
C ALA C 71 15.22 -13.94 -15.42
N GLY C 72 15.87 -12.79 -15.57
CA GLY C 72 17.02 -12.52 -14.73
C GLY C 72 17.20 -11.06 -14.37
N ILE C 73 18.03 -10.81 -13.37
CA ILE C 73 18.28 -9.46 -12.94
C ILE C 73 19.79 -9.30 -12.77
N PRO C 74 20.34 -8.13 -13.15
CA PRO C 74 21.78 -7.91 -13.01
C PRO C 74 22.17 -7.88 -11.53
N LEU C 75 23.25 -8.56 -11.18
CA LEU C 75 23.68 -8.61 -9.78
C LEU C 75 23.82 -7.21 -9.18
N ARG C 76 24.23 -6.26 -10.02
CA ARG C 76 24.42 -4.87 -9.58
C ARG C 76 23.29 -4.40 -8.69
N ALA C 77 22.07 -4.74 -9.08
CA ALA C 77 20.87 -4.34 -8.36
C ALA C 77 20.27 -5.44 -7.49
N PHE C 78 21.03 -6.49 -7.19
CA PHE C 78 20.50 -7.60 -6.38
C PHE C 78 19.65 -7.11 -5.21
N GLU C 79 20.29 -6.48 -4.24
CA GLU C 79 19.61 -5.95 -3.07
C GLU C 79 18.42 -5.08 -3.50
N ALA C 80 18.65 -4.19 -4.46
CA ALA C 80 17.58 -3.33 -4.95
C ALA C 80 16.37 -4.20 -5.28
N TYR C 81 16.59 -5.25 -6.05
CA TYR C 81 15.51 -6.16 -6.42
C TYR C 81 15.07 -7.00 -5.22
N ALA C 82 16.03 -7.36 -4.37
CA ALA C 82 15.75 -8.16 -3.17
C ALA C 82 14.67 -7.51 -2.33
N GLU C 83 14.97 -6.30 -1.88
CA GLU C 83 14.04 -5.52 -1.06
C GLU C 83 12.62 -5.64 -1.60
N ARG C 84 12.42 -5.22 -2.85
CA ARG C 84 11.10 -5.28 -3.48
C ARG C 84 10.49 -6.68 -3.35
N LEU C 85 11.28 -7.70 -3.64
CA LEU C 85 10.83 -9.10 -3.55
C LEU C 85 10.35 -9.45 -2.14
N LEU C 86 11.18 -9.16 -1.14
CA LEU C 86 10.86 -9.44 0.25
C LEU C 86 9.54 -8.80 0.66
N LYS C 87 9.38 -7.52 0.35
CA LYS C 87 8.18 -6.76 0.70
C LYS C 87 6.90 -7.36 0.15
N GLY C 89 6.48 -10.71 0.18
CA GLY C 89 6.27 -11.96 0.92
C GLY C 89 7.09 -13.16 0.51
N PHE C 90 8.11 -12.96 -0.30
CA PHE C 90 8.96 -14.05 -0.76
C PHE C 90 10.19 -14.23 0.12
N ARG C 91 10.62 -15.48 0.29
CA ARG C 91 11.84 -15.79 1.02
C ARG C 91 12.80 -16.00 -0.16
N LEU C 92 13.96 -15.37 -0.12
CA LEU C 92 14.89 -15.52 -1.23
C LEU C 92 15.98 -16.55 -0.96
N ALA C 93 16.33 -17.31 -2.00
CA ALA C 93 17.38 -18.32 -1.89
C ALA C 93 18.45 -17.88 -2.86
N VAL C 94 19.55 -17.35 -2.33
CA VAL C 94 20.63 -16.87 -3.19
C VAL C 94 21.66 -17.96 -3.49
N ALA C 95 21.63 -18.45 -4.73
CA ALA C 95 22.55 -19.48 -5.20
C ALA C 95 23.66 -18.80 -6.00
N ASP C 96 24.86 -18.73 -5.43
CA ASP C 96 25.97 -18.06 -6.11
C ASP C 96 27.02 -18.99 -6.74
N GLN C 97 27.95 -18.40 -7.47
CA GLN C 97 29.04 -19.13 -8.11
C GLN C 97 30.19 -19.15 -7.10
N VAL C 98 30.25 -20.21 -6.30
CA VAL C 98 31.29 -20.39 -5.28
C VAL C 98 32.72 -20.28 -5.80
N GLU C 99 33.20 -21.33 -6.45
CA GLU C 99 34.55 -21.36 -7.01
C GLU C 99 34.63 -20.46 -8.23
N PRO C 100 35.78 -19.81 -8.44
CA PRO C 100 35.96 -18.92 -9.59
C PRO C 100 35.69 -19.61 -10.93
N ALA C 101 35.57 -18.82 -11.99
CA ALA C 101 35.29 -19.37 -13.32
C ALA C 101 36.53 -19.98 -13.97
N GLU C 102 37.62 -19.20 -14.00
CA GLU C 102 38.90 -19.62 -14.59
C GLU C 102 39.39 -21.00 -14.19
N GLU C 103 39.04 -21.45 -12.98
CA GLU C 103 39.47 -22.77 -12.50
C GLU C 103 38.29 -23.65 -12.14
N ALA C 104 37.42 -23.90 -13.11
CA ALA C 104 36.25 -24.73 -12.90
C ALA C 104 36.25 -25.94 -13.83
N GLU C 105 35.58 -27.01 -13.40
CA GLU C 105 35.49 -28.21 -14.24
C GLU C 105 34.28 -28.06 -15.15
N GLY C 106 34.39 -27.14 -16.10
CA GLY C 106 33.30 -26.89 -17.03
C GLY C 106 32.19 -26.13 -16.32
N LEU C 107 31.25 -26.88 -15.75
CA LEU C 107 30.12 -26.31 -15.04
C LEU C 107 30.57 -25.78 -13.68
N VAL C 108 30.47 -24.46 -13.51
CA VAL C 108 30.87 -23.82 -12.27
C VAL C 108 30.02 -24.23 -11.08
N ARG C 109 30.69 -24.59 -9.99
CA ARG C 109 30.02 -25.01 -8.76
C ARG C 109 29.07 -23.92 -8.28
N ARG C 110 27.82 -24.31 -8.01
CA ARG C 110 26.84 -23.36 -7.53
C ARG C 110 26.07 -23.90 -6.34
N GLU C 111 26.03 -23.13 -5.27
CA GLU C 111 25.33 -23.52 -4.07
C GLU C 111 24.66 -22.30 -3.46
N VAL C 112 23.60 -22.54 -2.69
CA VAL C 112 22.87 -21.46 -2.05
C VAL C 112 23.74 -20.84 -0.96
N THR C 113 24.20 -19.61 -1.18
CA THR C 113 25.08 -18.88 -0.25
C THR C 113 24.37 -18.48 1.03
N GLN C 114 23.27 -17.76 0.88
CA GLN C 114 22.51 -17.28 2.01
C GLN C 114 21.02 -17.37 1.71
N LEU C 115 20.22 -17.18 2.74
CA LEU C 115 18.78 -17.19 2.62
C LEU C 115 18.31 -15.83 3.12
N LEU C 116 17.41 -15.17 2.39
CA LEU C 116 16.94 -13.87 2.82
C LEU C 116 15.54 -13.97 3.36
N THR C 117 15.41 -13.98 4.69
CA THR C 117 14.10 -14.03 5.31
C THR C 117 13.93 -12.68 5.98
N PRO C 118 12.69 -12.19 6.05
CA PRO C 118 12.43 -10.90 6.67
C PRO C 118 12.99 -10.70 8.09
N GLY C 119 13.11 -11.79 8.85
CA GLY C 119 13.63 -11.66 10.20
C GLY C 119 15.07 -12.12 10.42
N THR C 120 15.82 -12.26 9.34
CA THR C 120 17.21 -12.70 9.45
C THR C 120 18.11 -11.91 8.52
N LEU C 121 17.63 -10.75 8.09
CA LEU C 121 18.39 -9.92 7.18
C LEU C 121 19.65 -9.37 7.83
N LEU C 122 20.70 -9.33 7.03
CA LEU C 122 21.98 -8.81 7.45
C LEU C 122 22.30 -7.66 6.51
N GLN C 123 21.77 -7.71 5.31
CA GLN C 123 22.02 -6.65 4.33
C GLN C 123 21.57 -5.31 4.91
N GLU C 124 22.53 -4.42 5.15
CA GLU C 124 22.25 -3.10 5.72
C GLU C 124 21.14 -2.32 4.99
N SER C 125 21.16 -2.34 3.66
CA SER C 125 20.14 -1.60 2.90
C SER C 125 18.75 -2.20 3.00
N LEU C 126 18.67 -3.40 3.59
CA LEU C 126 17.39 -4.10 3.75
C LEU C 126 16.84 -4.01 5.18
N LEU C 127 17.64 -3.44 6.08
CA LEU C 127 17.28 -3.29 7.49
C LEU C 127 16.92 -1.88 7.93
N PRO C 128 16.02 -1.77 8.91
CA PRO C 128 15.58 -0.49 9.46
C PRO C 128 16.62 -0.12 10.51
N ARG C 129 16.65 1.13 10.96
CA ARG C 129 17.63 1.48 11.99
C ARG C 129 17.22 0.71 13.25
N GLU C 130 15.92 0.44 13.36
CA GLU C 130 15.34 -0.28 14.50
C GLU C 130 15.75 -1.75 14.60
N ALA C 131 15.53 -2.35 15.76
CA ALA C 131 15.88 -3.76 15.95
C ALA C 131 15.00 -4.61 15.05
N ASN C 132 15.56 -5.67 14.50
CA ASN C 132 14.81 -6.57 13.63
C ASN C 132 14.84 -7.92 14.29
N TYR C 133 13.72 -8.40 14.83
CA TYR C 133 13.73 -9.70 15.51
C TYR C 133 13.12 -10.89 14.81
N LEU C 134 13.66 -12.05 15.16
CA LEU C 134 13.15 -13.33 14.73
C LEU C 134 12.64 -13.81 16.10
N ALA C 135 11.43 -14.36 16.14
CA ALA C 135 10.90 -14.82 17.41
C ALA C 135 10.46 -16.27 17.29
N ALA C 136 10.69 -17.03 18.35
CA ALA C 136 10.33 -18.45 18.38
C ALA C 136 9.46 -18.70 19.59
N ILE C 137 8.37 -19.43 19.37
CA ILE C 137 7.41 -19.73 20.43
C ILE C 137 7.27 -21.22 20.59
N ALA C 138 7.32 -21.69 21.83
CA ALA C 138 7.20 -23.11 22.10
C ALA C 138 6.51 -23.36 23.44
N THR C 139 6.11 -24.61 23.65
CA THR C 139 5.43 -25.03 24.88
C THR C 139 6.28 -26.10 25.62
N GLY C 140 5.82 -26.54 26.79
CA GLY C 140 6.56 -27.55 27.54
C GLY C 140 7.01 -27.00 28.89
N ASP C 141 6.06 -26.89 29.83
CA ASP C 141 6.32 -26.33 31.16
C ASP C 141 6.14 -24.83 31.03
N GLY C 142 5.01 -24.45 30.44
CA GLY C 142 4.71 -23.04 30.23
C GLY C 142 5.04 -22.60 28.82
N TRP C 143 4.82 -21.30 28.54
CA TRP C 143 5.10 -20.73 27.22
C TRP C 143 6.55 -20.29 27.10
N GLY C 144 7.16 -20.67 25.99
CA GLY C 144 8.55 -20.31 25.73
C GLY C 144 8.65 -19.32 24.58
N LEU C 145 9.32 -18.21 24.84
CA LEU C 145 9.46 -17.20 23.83
C LEU C 145 10.90 -16.71 23.73
N ALA C 146 11.45 -16.68 22.53
CA ALA C 146 12.83 -16.21 22.37
C ALA C 146 12.99 -15.30 21.15
N PHE C 147 13.91 -14.34 21.25
CA PHE C 147 14.18 -13.41 20.16
C PHE C 147 15.66 -13.40 19.79
N LEU C 148 15.91 -13.16 18.51
CA LEU C 148 17.28 -13.04 18.02
C LEU C 148 17.34 -11.98 16.93
N ASP C 149 18.30 -11.07 17.08
CA ASP C 149 18.48 -10.05 16.06
C ASP C 149 19.77 -10.44 15.38
N VAL C 150 19.63 -11.15 14.27
CA VAL C 150 20.76 -11.64 13.51
C VAL C 150 21.77 -10.57 13.13
N SER C 151 21.35 -9.32 13.03
CA SER C 151 22.27 -8.27 12.61
C SER C 151 23.11 -7.66 13.72
N THR C 152 22.64 -7.78 14.95
CA THR C 152 23.38 -7.25 16.10
C THR C 152 23.83 -8.38 17.01
N GLY C 153 23.22 -9.55 16.83
CA GLY C 153 23.55 -10.69 17.65
C GLY C 153 22.79 -10.66 18.97
N GLU C 154 21.80 -9.78 19.10
CA GLU C 154 21.02 -9.77 20.33
C GLU C 154 20.26 -11.09 20.36
N PHE C 155 20.34 -11.74 21.52
CA PHE C 155 19.77 -13.07 21.72
C PHE C 155 19.19 -13.16 23.14
N LYS C 156 17.87 -13.11 23.25
CA LYS C 156 17.25 -13.16 24.57
C LYS C 156 15.95 -13.95 24.64
N GLY C 157 15.50 -14.20 25.87
CA GLY C 157 14.27 -14.95 26.04
C GLY C 157 13.77 -15.12 27.47
N THR C 158 12.53 -15.63 27.56
CA THR C 158 11.88 -15.89 28.83
C THR C 158 10.77 -16.96 28.70
N VAL C 159 10.11 -17.21 29.83
CA VAL C 159 9.05 -18.18 29.90
C VAL C 159 7.90 -17.46 30.59
N LEU C 160 6.72 -17.48 29.99
CA LEU C 160 5.57 -16.82 30.60
C LEU C 160 4.50 -17.84 30.93
N LYS C 161 3.73 -17.57 31.99
CA LYS C 161 2.69 -18.48 32.45
C LYS C 161 1.39 -18.48 31.64
N SER C 162 1.00 -17.34 31.08
CA SER C 162 -0.24 -17.29 30.32
C SER C 162 -0.07 -16.99 28.84
N LYS C 163 -1.13 -17.26 28.07
CA LYS C 163 -1.11 -17.00 26.64
C LYS C 163 -1.20 -15.50 26.47
N SER C 164 -1.72 -14.85 27.50
CA SER C 164 -1.86 -13.40 27.50
C SER C 164 -0.48 -12.77 27.60
N ALA C 165 0.27 -13.17 28.61
CA ALA C 165 1.61 -12.65 28.81
C ALA C 165 2.46 -12.85 27.57
N LEU C 166 2.43 -14.05 26.99
CA LEU C 166 3.21 -14.34 25.80
C LEU C 166 2.93 -13.27 24.74
N TYR C 167 1.65 -13.09 24.41
CA TYR C 167 1.27 -12.13 23.40
C TYR C 167 1.71 -10.72 23.74
N ASP C 168 1.69 -10.35 25.02
CA ASP C 168 2.11 -9.00 25.37
C ASP C 168 3.58 -8.86 25.06
N GLU C 169 4.39 -9.71 25.67
CA GLU C 169 5.83 -9.66 25.45
C GLU C 169 6.15 -9.65 23.98
N LEU C 170 5.46 -10.49 23.21
CA LEU C 170 5.70 -10.61 21.78
C LEU C 170 5.32 -9.31 21.05
N PHE C 171 4.24 -8.69 21.50
CA PHE C 171 3.79 -7.47 20.86
C PHE C 171 4.63 -6.26 21.19
N ARG C 172 5.40 -6.30 22.26
CA ARG C 172 6.20 -5.14 22.55
C ARG C 172 7.54 -5.23 21.84
N HIS C 173 7.85 -6.41 21.32
CA HIS C 173 9.08 -6.63 20.59
C HIS C 173 8.91 -6.47 19.09
N ARG C 174 7.65 -6.37 18.65
CA ARG C 174 7.36 -6.18 17.23
C ARG C 174 8.21 -7.08 16.34
N PRO C 175 8.14 -8.39 16.54
CA PRO C 175 8.93 -9.36 15.77
C PRO C 175 8.58 -9.29 14.29
N ALA C 176 9.59 -9.40 13.43
CA ALA C 176 9.33 -9.33 12.00
C ALA C 176 9.11 -10.69 11.35
N GLU C 177 9.35 -11.76 12.10
CA GLU C 177 9.18 -13.11 11.58
C GLU C 177 9.06 -14.06 12.76
N VAL C 178 8.11 -15.00 12.70
CA VAL C 178 7.95 -15.90 13.82
C VAL C 178 8.00 -17.40 13.51
N LEU C 179 8.72 -18.11 14.37
CA LEU C 179 8.86 -19.54 14.27
C LEU C 179 7.92 -20.12 15.31
N LEU C 180 7.03 -21.01 14.88
CA LEU C 180 6.06 -21.63 15.80
C LEU C 180 6.37 -23.10 15.97
N ALA C 181 6.46 -23.53 17.23
CA ALA C 181 6.77 -24.93 17.54
C ALA C 181 5.73 -25.85 16.91
N PRO C 182 6.11 -27.13 16.67
CA PRO C 182 5.22 -28.13 16.08
C PRO C 182 3.79 -28.12 16.63
N GLU C 183 3.69 -28.24 17.95
CA GLU C 183 2.40 -28.26 18.64
C GLU C 183 1.48 -27.15 18.19
N LEU C 184 1.95 -25.91 18.36
CA LEU C 184 1.17 -24.76 18.01
C LEU C 184 0.73 -24.73 16.55
N LEU C 185 1.62 -25.14 15.65
CA LEU C 185 1.31 -25.16 14.22
C LEU C 185 0.16 -26.10 13.90
N GLU C 186 0.25 -27.32 14.42
CA GLU C 186 -0.80 -28.33 14.22
C GLU C 186 -2.12 -27.75 14.70
N ASN C 187 -2.20 -27.44 16.00
CA ASN C 187 -3.40 -26.88 16.59
C ASN C 187 -3.98 -25.73 15.76
N GLY C 188 -4.94 -26.07 14.91
CA GLY C 188 -5.59 -25.09 14.05
C GLY C 188 -6.31 -24.00 14.82
N ALA C 189 -6.76 -24.33 16.03
CA ALA C 189 -7.44 -23.38 16.88
C ALA C 189 -6.52 -22.18 17.15
N PHE C 190 -5.44 -22.47 17.86
CA PHE C 190 -4.42 -21.50 18.23
C PHE C 190 -3.90 -20.70 17.04
N LEU C 191 -3.38 -21.41 16.05
CA LEU C 191 -2.84 -20.78 14.86
C LEU C 191 -3.74 -19.67 14.33
N ASP C 192 -5.04 -19.94 14.22
CA ASP C 192 -5.98 -18.93 13.74
C ASP C 192 -5.82 -17.64 14.53
N GLU C 193 -5.93 -17.78 15.85
CA GLU C 193 -5.81 -16.65 16.76
C GLU C 193 -4.50 -15.89 16.53
N PHE C 194 -3.39 -16.63 16.62
CA PHE C 194 -2.07 -16.04 16.44
C PHE C 194 -1.92 -15.34 15.10
N ARG C 195 -2.33 -16.03 14.04
CA ARG C 195 -2.24 -15.49 12.68
C ARG C 195 -3.08 -14.23 12.58
N LYS C 196 -4.17 -14.20 13.36
CA LYS C 196 -5.07 -13.06 13.36
C LYS C 196 -4.62 -11.91 14.25
N ARG C 197 -3.90 -12.22 15.32
CA ARG C 197 -3.42 -11.17 16.21
C ARG C 197 -2.02 -10.66 15.83
N PHE C 198 -1.27 -11.50 15.12
CA PHE C 198 0.07 -11.14 14.65
C PHE C 198 0.21 -11.54 13.19
N PRO C 199 -0.19 -10.64 12.28
CA PRO C 199 -0.12 -10.84 10.83
C PRO C 199 1.32 -10.90 10.30
N VAL C 200 2.24 -11.38 11.12
CA VAL C 200 3.66 -11.48 10.76
C VAL C 200 3.86 -12.72 9.92
N LEU C 202 5.10 -16.39 9.00
CA LEU C 202 5.43 -17.59 9.76
C LEU C 202 6.40 -18.43 8.97
N SER C 203 7.27 -19.16 9.67
CA SER C 203 8.23 -20.02 9.02
C SER C 203 8.53 -21.28 9.83
N GLU C 204 8.81 -22.36 9.13
CA GLU C 204 9.10 -23.63 9.77
C GLU C 204 10.52 -23.77 10.27
N ALA C 205 10.66 -24.34 11.46
CA ALA C 205 11.98 -24.55 12.04
C ALA C 205 11.95 -25.73 13.01
N PRO C 206 13.08 -26.43 13.15
CA PRO C 206 13.13 -27.56 14.07
C PRO C 206 13.26 -27.03 15.48
N PHE C 207 12.39 -27.49 16.38
CA PHE C 207 12.44 -27.05 17.76
C PHE C 207 13.10 -28.04 18.69
N GLU C 208 14.27 -28.51 18.30
CA GLU C 208 14.99 -29.44 19.16
C GLU C 208 15.63 -28.57 20.24
N PRO C 209 15.45 -28.94 21.51
CA PRO C 209 16.03 -28.13 22.58
C PRO C 209 17.50 -27.83 22.31
N GLU C 210 18.01 -26.77 22.94
CA GLU C 210 19.41 -26.36 22.81
C GLU C 210 19.82 -25.77 24.14
N GLY C 211 21.01 -26.11 24.61
CA GLY C 211 21.44 -25.57 25.88
C GLY C 211 20.59 -26.05 27.05
N GLU C 212 20.68 -25.32 28.17
CA GLU C 212 19.98 -25.65 29.41
C GLU C 212 18.87 -24.68 29.80
N GLY C 213 18.02 -25.09 30.72
CA GLY C 213 16.92 -24.24 31.16
C GLY C 213 15.56 -24.83 30.86
N PRO C 214 14.45 -24.13 31.21
CA PRO C 214 13.12 -24.67 30.95
C PRO C 214 13.03 -25.28 29.56
N LEU C 215 12.45 -26.48 29.47
CA LEU C 215 12.31 -27.21 28.21
C LEU C 215 11.88 -26.24 27.12
N ALA C 216 10.79 -25.52 27.39
CA ALA C 216 10.23 -24.56 26.45
C ALA C 216 11.25 -23.56 25.88
N LEU C 217 12.03 -22.95 26.75
CA LEU C 217 13.02 -21.97 26.32
C LEU C 217 14.09 -22.62 25.44
N ARG C 218 14.52 -23.80 25.83
CA ARG C 218 15.55 -24.51 25.09
C ARG C 218 15.07 -24.85 23.68
N ARG C 219 13.78 -25.13 23.54
CA ARG C 219 13.27 -25.45 22.22
C ARG C 219 13.18 -24.21 21.32
N ALA C 220 12.64 -23.12 21.87
CA ALA C 220 12.52 -21.88 21.11
C ALA C 220 13.92 -21.43 20.66
N ARG C 221 14.86 -21.46 21.61
CA ARG C 221 16.23 -21.08 21.34
C ARG C 221 16.79 -21.92 20.21
N GLY C 222 16.69 -23.23 20.33
CA GLY C 222 17.20 -24.08 19.27
C GLY C 222 16.58 -23.71 17.94
N ALA C 223 15.27 -23.51 17.93
CA ALA C 223 14.56 -23.16 16.71
C ALA C 223 15.22 -21.93 16.06
N LEU C 224 15.45 -20.91 16.88
CA LEU C 224 16.07 -19.68 16.44
C LEU C 224 17.42 -19.99 15.82
N LEU C 225 18.28 -20.64 16.60
CA LEU C 225 19.61 -20.98 16.15
C LEU C 225 19.57 -21.82 14.88
N ALA C 226 18.73 -22.85 14.88
CA ALA C 226 18.61 -23.73 13.73
C ALA C 226 18.29 -22.92 12.46
N TYR C 227 17.22 -22.16 12.52
CA TYR C 227 16.77 -21.32 11.41
C TYR C 227 17.85 -20.31 10.98
N ALA C 228 18.26 -19.45 11.89
CA ALA C 228 19.28 -18.42 11.60
C ALA C 228 20.57 -19.00 11.03
N GLN C 229 21.07 -20.09 11.61
CA GLN C 229 22.30 -20.73 11.12
C GLN C 229 22.13 -21.11 9.66
N ARG C 230 20.90 -21.43 9.29
CA ARG C 230 20.58 -21.83 7.93
C ARG C 230 20.55 -20.67 6.94
N THR C 231 19.95 -19.55 7.34
CA THR C 231 19.85 -18.38 6.47
C THR C 231 21.14 -17.58 6.35
N GLN C 232 22.00 -17.69 7.37
CA GLN C 232 23.27 -16.97 7.37
C GLN C 232 24.21 -17.76 6.47
N GLY C 233 24.16 -19.08 6.60
CA GLY C 233 25.03 -19.92 5.80
C GLY C 233 26.35 -20.07 6.50
N GLY C 234 26.29 -20.33 7.81
CA GLY C 234 27.50 -20.49 8.59
C GLY C 234 27.20 -20.14 10.03
N ALA C 235 28.20 -20.22 10.89
CA ALA C 235 28.02 -19.90 12.30
C ALA C 235 27.55 -18.46 12.47
N LEU C 236 26.70 -18.25 13.49
CA LEU C 236 26.15 -16.93 13.76
C LEU C 236 26.99 -16.15 14.76
N SER C 237 26.80 -14.84 14.77
CA SER C 237 27.50 -13.97 15.69
C SER C 237 26.54 -13.70 16.85
N LEU C 238 26.55 -14.55 17.86
CA LEU C 238 25.64 -14.39 18.98
C LEU C 238 26.26 -13.66 20.16
N GLN C 239 25.39 -13.07 20.97
CA GLN C 239 25.79 -12.35 22.19
C GLN C 239 25.32 -13.23 23.34
N PRO C 240 25.87 -13.02 24.54
CA PRO C 240 25.43 -13.86 25.66
C PRO C 240 23.91 -13.89 25.66
N PHE C 241 23.34 -15.08 25.75
CA PHE C 241 21.88 -15.21 25.77
C PHE C 241 21.33 -14.71 27.09
N ARG C 242 20.28 -13.90 27.04
CA ARG C 242 19.68 -13.38 28.24
C ARG C 242 18.37 -14.08 28.55
N PHE C 243 18.31 -14.74 29.71
CA PHE C 243 17.08 -15.37 30.14
C PHE C 243 16.62 -14.28 31.11
N TYR C 244 15.80 -13.35 30.61
CA TYR C 244 15.33 -12.24 31.42
C TYR C 244 13.94 -12.50 32.00
N ASP C 245 13.54 -11.64 32.94
CA ASP C 245 12.24 -11.73 33.60
C ASP C 245 11.43 -10.45 33.47
N PRO C 246 10.36 -10.47 32.66
CA PRO C 246 9.52 -9.28 32.45
C PRO C 246 8.82 -8.74 33.70
N GLY C 247 8.99 -9.44 34.82
CA GLY C 247 8.38 -8.99 36.06
C GLY C 247 9.27 -7.95 36.70
N ALA C 248 10.48 -7.82 36.17
CA ALA C 248 11.44 -6.85 36.69
C ALA C 248 11.26 -5.45 36.08
N PHE C 249 10.37 -5.34 35.09
CA PHE C 249 10.09 -4.06 34.44
C PHE C 249 8.65 -3.65 34.56
N ARG C 251 4.96 -3.09 33.64
CA ARG C 251 4.05 -3.78 32.74
C ARG C 251 3.35 -2.87 31.73
N LEU C 252 3.58 -3.13 30.45
CA LEU C 252 2.94 -2.34 29.40
C LEU C 252 2.24 -3.27 28.44
N PRO C 253 1.04 -3.75 28.80
CA PRO C 253 0.26 -4.66 27.95
C PRO C 253 0.06 -4.13 26.53
N GLU C 254 -0.48 -4.96 25.63
CA GLU C 254 -0.70 -4.52 24.26
C GLU C 254 -1.71 -3.40 24.20
N ALA C 255 -2.79 -3.51 24.96
CA ALA C 255 -3.82 -2.49 24.97
C ALA C 255 -3.30 -1.12 25.39
N THR C 256 -2.25 -1.07 26.19
CA THR C 256 -1.73 0.22 26.66
C THR C 256 -0.86 0.88 25.60
N LEU C 257 0.05 0.11 25.02
CA LEU C 257 0.93 0.63 23.98
C LEU C 257 0.08 1.16 22.83
N ARG C 258 -0.96 0.39 22.50
CA ARG C 258 -1.86 0.75 21.41
C ARG C 258 -2.64 2.00 21.75
N ALA C 259 -3.40 1.95 22.83
CA ALA C 259 -4.23 3.07 23.27
C ALA C 259 -3.41 4.31 23.55
N LEU C 260 -2.19 4.13 24.03
CA LEU C 260 -1.30 5.23 24.34
C LEU C 260 -0.45 5.61 23.13
N GLU C 261 -0.60 4.85 22.04
CA GLU C 261 0.16 5.04 20.80
C GLU C 261 1.64 5.26 21.07
N VAL C 262 2.21 4.42 21.91
CA VAL C 262 3.62 4.55 22.23
C VAL C 262 4.48 4.33 20.98
N PHE C 263 4.19 3.27 20.22
CA PHE C 263 4.96 2.93 19.04
C PHE C 263 4.20 3.06 17.72
N GLU C 264 2.90 2.77 17.74
CA GLU C 264 2.06 2.82 16.54
C GLU C 264 0.91 3.77 16.79
N PRO C 265 0.50 4.54 15.76
CA PRO C 265 -0.60 5.49 15.95
C PRO C 265 -1.96 4.90 15.62
N LEU C 266 -2.99 5.65 15.96
CA LEU C 266 -4.34 5.23 15.70
C LEU C 266 -4.82 5.85 14.39
N ARG C 267 -4.34 7.06 14.09
CA ARG C 267 -4.72 7.78 12.88
C ARG C 267 -3.55 8.45 12.14
N GLY C 268 -2.68 7.64 11.53
CA GLY C 268 -1.54 8.15 10.77
C GLY C 268 -0.87 9.39 11.35
N GLN C 269 -0.99 9.55 12.66
CA GLN C 269 -0.42 10.69 13.37
C GLN C 269 0.97 10.35 13.89
N ASP C 270 1.33 11.00 14.99
CA ASP C 270 2.61 10.77 15.61
C ASP C 270 2.40 9.74 16.70
N THR C 271 3.50 9.35 17.33
CA THR C 271 3.45 8.37 18.39
C THR C 271 4.37 8.90 19.47
N LEU C 272 4.30 8.30 20.67
CA LEU C 272 5.18 8.79 21.71
C LEU C 272 6.62 8.67 21.28
N PHE C 273 6.92 7.56 20.62
CA PHE C 273 8.28 7.34 20.18
C PHE C 273 8.76 8.36 19.13
N SER C 274 7.93 8.58 18.11
CA SER C 274 8.29 9.49 17.05
C SER C 274 8.64 10.84 17.63
N VAL C 275 7.79 11.33 18.53
CA VAL C 275 7.97 12.64 19.18
C VAL C 275 9.20 12.73 20.08
N LEU C 276 9.46 11.66 20.81
CA LEU C 276 10.56 11.60 21.76
C LEU C 276 11.93 11.36 21.16
N ASP C 277 12.00 10.48 20.17
CA ASP C 277 13.28 10.14 19.58
C ASP C 277 13.95 11.13 18.66
N GLU C 278 15.09 11.62 19.11
CA GLU C 278 15.88 12.55 18.34
C GLU C 278 17.30 12.02 18.28
N THR C 279 17.46 10.74 18.62
CA THR C 279 18.76 10.10 18.58
C THR C 279 19.36 10.35 17.20
N ARG C 280 20.68 10.34 17.12
CA ARG C 280 21.38 10.56 15.86
C ARG C 280 21.91 9.28 15.24
N THR C 281 22.23 8.31 16.08
CA THR C 281 22.76 7.03 15.63
C THR C 281 21.67 5.96 15.64
N ALA C 282 21.88 4.86 14.94
CA ALA C 282 20.89 3.77 14.92
C ALA C 282 20.90 2.97 16.23
N PRO C 283 22.10 2.61 16.74
CA PRO C 283 22.12 1.86 18.00
C PRO C 283 21.43 2.69 19.07
N GLY C 284 21.56 4.01 18.94
CA GLY C 284 20.94 4.90 19.89
C GLY C 284 19.44 4.70 19.82
N ARG C 285 18.87 4.88 18.64
CA ARG C 285 17.44 4.69 18.47
C ARG C 285 17.04 3.34 19.05
N ARG C 286 17.81 2.31 18.76
CA ARG C 286 17.46 0.99 19.29
C ARG C 286 17.43 0.99 20.81
N LEU C 287 18.45 1.55 21.44
CA LEU C 287 18.51 1.58 22.89
C LEU C 287 17.27 2.25 23.45
N LEU C 288 16.99 3.45 22.97
CA LEU C 288 15.84 4.22 23.43
C LEU C 288 14.59 3.37 23.30
N GLN C 289 14.42 2.74 22.15
CA GLN C 289 13.26 1.90 21.90
C GLN C 289 13.19 0.81 22.94
N SER C 290 14.34 0.22 23.24
CA SER C 290 14.42 -0.85 24.22
C SER C 290 13.97 -0.34 25.58
N TRP C 291 14.42 0.87 25.92
CA TRP C 291 14.07 1.48 27.19
C TRP C 291 12.56 1.67 27.32
N LEU C 292 11.91 2.13 26.25
CA LEU C 292 10.45 2.33 26.28
C LEU C 292 9.69 1.01 26.39
N ARG C 293 10.24 -0.03 25.75
CA ARG C 293 9.61 -1.36 25.79
C ARG C 293 9.52 -1.89 27.21
N HIS C 294 10.50 -1.56 28.03
CA HIS C 294 10.55 -2.03 29.40
C HIS C 294 11.04 -0.96 30.38
N PRO C 295 10.13 -0.06 30.80
CA PRO C 295 10.47 1.02 31.74
C PRO C 295 10.97 0.39 33.04
N LEU C 296 11.85 1.10 33.73
CA LEU C 296 12.41 0.60 34.98
C LEU C 296 11.47 0.75 36.18
N LEU C 297 11.69 -0.10 37.18
CA LEU C 297 10.90 -0.05 38.40
C LEU C 297 11.77 0.55 39.51
N ASP C 298 13.08 0.42 39.36
CA ASP C 298 14.03 0.88 40.37
C ASP C 298 14.47 2.33 40.34
N ARG C 299 14.20 3.03 41.44
CA ARG C 299 14.51 4.43 41.63
C ARG C 299 15.97 4.78 41.31
N GLY C 300 16.89 4.07 41.94
CA GLY C 300 18.29 4.33 41.71
C GLY C 300 18.69 4.48 40.25
N PRO C 301 18.64 3.40 39.46
CA PRO C 301 19.04 3.55 38.05
C PRO C 301 18.31 4.62 37.27
N LEU C 302 17.02 4.81 37.52
CA LEU C 302 16.27 5.85 36.81
C LEU C 302 16.90 7.20 37.15
N GLU C 303 17.18 7.43 38.42
CA GLU C 303 17.82 8.67 38.86
C GLU C 303 19.16 8.82 38.12
N ALA C 304 19.82 7.70 37.88
CA ALA C 304 21.10 7.69 37.18
C ALA C 304 20.88 8.21 35.77
N ARG C 305 19.88 7.66 35.10
CA ARG C 305 19.57 8.10 33.74
C ARG C 305 19.29 9.61 33.74
N LEU C 306 18.42 10.05 34.65
CA LEU C 306 18.03 11.47 34.74
C LEU C 306 19.18 12.44 35.02
N ASP C 307 20.24 11.97 35.66
CA ASP C 307 21.36 12.87 35.94
C ASP C 307 22.08 13.12 34.63
N ARG C 308 22.37 12.04 33.93
CA ARG C 308 23.06 12.15 32.66
C ARG C 308 22.24 12.95 31.66
N VAL C 309 20.92 12.93 31.77
CA VAL C 309 20.12 13.70 30.83
C VAL C 309 20.29 15.16 31.25
N GLU C 310 20.09 15.39 32.54
CA GLU C 310 20.21 16.72 33.10
C GLU C 310 21.57 17.30 32.76
N GLY C 311 22.60 16.45 32.74
CA GLY C 311 23.93 16.90 32.39
C GLY C 311 23.90 17.65 31.07
N PHE C 312 23.53 16.98 29.98
CA PHE C 312 23.46 17.60 28.65
C PHE C 312 22.44 18.74 28.56
N VAL C 313 21.49 18.78 29.49
CA VAL C 313 20.52 19.85 29.44
C VAL C 313 21.20 21.13 29.85
N ARG C 314 22.13 21.04 30.77
CA ARG C 314 22.88 22.20 31.23
C ARG C 314 23.95 22.58 30.22
N GLU C 315 24.81 21.63 29.88
CA GLU C 315 25.90 21.83 28.93
C GLU C 315 25.47 21.92 27.46
N GLY C 316 24.68 22.93 27.12
CA GLY C 316 24.24 23.08 25.75
C GLY C 316 25.40 22.96 24.77
N ALA C 317 26.52 23.61 25.08
CA ALA C 317 27.66 23.54 24.18
C ALA C 317 27.93 22.05 23.95
N LEU C 318 28.41 21.40 25.00
CA LEU C 318 28.72 19.98 24.97
C LEU C 318 27.65 19.13 24.27
N ARG C 319 26.40 19.32 24.67
CA ARG C 319 25.31 18.54 24.08
C ARG C 319 25.23 18.67 22.54
N GLU C 320 25.41 19.89 22.03
CA GLU C 320 25.37 20.11 20.59
C GLU C 320 26.62 19.57 19.91
N GLY C 321 27.72 19.52 20.66
CA GLY C 321 28.96 18.99 20.11
C GLY C 321 28.79 17.50 19.89
N VAL C 322 28.54 16.77 20.97
CA VAL C 322 28.36 15.34 20.88
C VAL C 322 27.37 14.96 19.77
N ARG C 323 26.28 15.71 19.64
CA ARG C 323 25.29 15.40 18.61
C ARG C 323 25.82 15.76 17.22
N ARG C 324 26.68 16.77 17.16
CA ARG C 324 27.27 17.21 15.90
C ARG C 324 28.16 16.10 15.38
N LEU C 325 28.84 15.42 16.30
CA LEU C 325 29.75 14.33 15.97
C LEU C 325 29.08 12.99 15.68
N LEU C 326 27.97 12.71 16.36
CA LEU C 326 27.25 11.45 16.18
C LEU C 326 26.51 11.38 14.85
N TYR C 327 26.31 12.53 14.21
CA TYR C 327 25.64 12.57 12.91
C TYR C 327 26.41 11.69 11.92
N ARG C 328 27.72 11.66 12.07
CA ARG C 328 28.61 10.90 11.20
C ARG C 328 28.93 9.50 11.72
N LEU C 329 28.42 9.15 12.89
CA LEU C 329 28.71 7.83 13.46
C LEU C 329 27.87 6.69 12.87
N ALA C 330 28.55 5.72 12.27
CA ALA C 330 27.88 4.59 11.66
C ALA C 330 27.49 3.53 12.70
N ASP C 331 26.68 2.58 12.25
CA ASP C 331 26.20 1.49 13.08
C ASP C 331 27.36 0.55 13.42
N LEU C 332 28.22 0.92 14.36
CA LEU C 332 29.34 0.06 14.71
C LEU C 332 28.91 -1.34 15.15
N GLU C 333 27.85 -1.39 15.93
CA GLU C 333 27.29 -2.62 16.45
C GLU C 333 26.96 -3.58 15.33
N ARG C 334 26.37 -3.08 14.26
CA ARG C 334 26.06 -3.95 13.14
C ARG C 334 27.30 -4.23 12.29
N LEU C 335 28.14 -3.23 12.14
CA LEU C 335 29.35 -3.36 11.37
C LEU C 335 30.23 -4.42 12.03
N ALA C 336 30.29 -4.40 13.36
CA ALA C 336 31.10 -5.37 14.10
C ALA C 336 30.58 -6.78 13.86
N THR C 337 29.28 -6.90 13.66
CA THR C 337 28.68 -8.19 13.41
C THR C 337 28.95 -8.62 11.99
N ARG C 338 28.84 -7.72 11.03
CA ARG C 338 29.11 -8.10 9.65
C ARG C 338 30.57 -8.56 9.54
N LEU C 339 31.46 -7.91 10.29
CA LEU C 339 32.88 -8.28 10.29
C LEU C 339 33.08 -9.71 10.82
N GLU C 340 32.59 -9.96 12.04
CA GLU C 340 32.69 -11.27 12.67
C GLU C 340 32.14 -12.36 11.76
N LEU C 341 31.14 -12.00 10.95
CA LEU C 341 30.51 -12.93 10.03
C LEU C 341 31.25 -12.96 8.70
N GLY C 342 32.39 -12.27 8.64
CA GLY C 342 33.16 -12.23 7.42
C GLY C 342 32.32 -11.78 6.23
N ARG C 343 31.58 -10.69 6.43
CA ARG C 343 30.73 -10.14 5.38
C ARG C 343 31.06 -8.69 5.10
N ALA C 344 31.90 -8.11 5.96
CA ALA C 344 32.31 -6.73 5.81
C ALA C 344 32.78 -6.42 4.38
N SER C 345 32.22 -5.37 3.80
CA SER C 345 32.59 -4.96 2.45
C SER C 345 33.56 -3.79 2.54
N PRO C 346 34.11 -3.35 1.39
CA PRO C 346 35.02 -2.21 1.53
C PRO C 346 34.22 -1.00 1.93
N LYS C 347 32.93 -1.01 1.57
CA LYS C 347 32.03 0.09 1.92
C LYS C 347 31.99 0.18 3.45
N ASP C 348 31.81 -0.98 4.08
CA ASP C 348 31.74 -1.08 5.53
C ASP C 348 32.99 -0.54 6.19
N LEU C 349 34.15 -1.00 5.72
CA LEU C 349 35.43 -0.54 6.27
C LEU C 349 35.62 0.96 6.12
N GLY C 350 35.23 1.50 4.97
CA GLY C 350 35.36 2.93 4.75
C GLY C 350 34.54 3.60 5.82
N ALA C 351 33.34 3.06 6.05
CA ALA C 351 32.43 3.58 7.06
C ALA C 351 33.10 3.54 8.44
N LEU C 352 33.65 2.38 8.76
CA LEU C 352 34.32 2.14 10.03
C LEU C 352 35.43 3.16 10.23
N ARG C 353 36.19 3.42 9.16
CA ARG C 353 37.29 4.39 9.22
C ARG C 353 36.79 5.79 9.60
N ARG C 354 35.63 6.17 9.10
CA ARG C 354 35.12 7.49 9.43
C ARG C 354 34.68 7.53 10.89
N SER C 355 33.86 6.57 11.27
CA SER C 355 33.38 6.52 12.65
C SER C 355 34.53 6.58 13.65
N LEU C 356 35.54 5.75 13.44
CA LEU C 356 36.69 5.69 14.35
C LEU C 356 37.46 7.00 14.45
N GLN C 357 37.30 7.85 13.45
CA GLN C 357 37.99 9.14 13.42
C GLN C 357 37.26 10.15 14.29
N ILE C 358 36.01 9.85 14.61
CA ILE C 358 35.22 10.74 15.45
C ILE C 358 35.57 10.52 16.92
N LEU C 359 35.88 9.28 17.29
CA LEU C 359 36.19 8.94 18.66
C LEU C 359 36.99 9.96 19.48
N PRO C 360 38.24 10.27 19.07
CA PRO C 360 39.08 11.24 19.79
C PRO C 360 38.48 12.62 20.07
N GLU C 361 37.64 13.09 19.15
CA GLU C 361 37.00 14.38 19.33
C GLU C 361 35.96 14.23 20.45
N LEU C 362 35.26 13.10 20.45
CA LEU C 362 34.28 12.83 21.50
C LEU C 362 35.02 12.71 22.83
N ARG C 363 36.15 12.02 22.79
CA ARG C 363 36.97 11.83 23.98
C ARG C 363 37.29 13.17 24.58
N ALA C 364 37.79 14.08 23.76
CA ALA C 364 38.13 15.40 24.27
C ALA C 364 36.91 16.11 24.84
N LEU C 365 35.87 16.25 24.01
CA LEU C 365 34.65 16.92 24.45
C LEU C 365 34.05 16.45 25.77
N LEU C 366 34.06 15.14 26.00
CA LEU C 366 33.49 14.61 27.24
C LEU C 366 34.52 14.31 28.33
N GLY C 367 35.76 14.05 27.92
CA GLY C 367 36.79 13.72 28.89
C GLY C 367 37.06 12.23 28.83
N GLU C 368 38.23 11.82 29.30
CA GLU C 368 38.65 10.42 29.27
C GLU C 368 37.79 9.51 30.14
N GLU C 369 36.76 10.06 30.76
CA GLU C 369 35.91 9.25 31.63
C GLU C 369 34.86 8.46 30.85
N VAL C 370 34.57 8.86 29.62
CA VAL C 370 33.59 8.16 28.80
C VAL C 370 33.88 6.66 28.69
N GLY C 371 35.15 6.29 28.81
CA GLY C 371 35.51 4.89 28.71
C GLY C 371 35.66 4.38 27.28
N LEU C 372 35.54 5.26 26.30
CA LEU C 372 35.67 4.86 24.92
C LEU C 372 36.97 4.10 24.70
N PRO C 373 36.88 2.95 24.01
CA PRO C 373 38.05 2.10 23.71
C PRO C 373 39.01 2.84 22.78
N ASP C 374 40.30 2.56 22.91
CA ASP C 374 41.30 3.22 22.08
C ASP C 374 41.60 2.45 20.80
N LEU C 375 40.87 2.77 19.75
CA LEU C 375 41.04 2.10 18.48
C LEU C 375 41.93 2.89 17.53
N SER C 376 42.59 3.93 18.05
CA SER C 376 43.48 4.74 17.23
C SER C 376 44.33 3.84 16.31
N PRO C 377 44.87 2.72 16.83
CA PRO C 377 45.68 1.87 15.95
C PRO C 377 44.87 1.46 14.72
N LEU C 378 43.75 0.78 14.94
CA LEU C 378 42.91 0.35 13.85
C LEU C 378 42.57 1.56 12.94
N LYS C 379 41.99 2.60 13.52
CA LYS C 379 41.62 3.77 12.72
C LYS C 379 42.71 4.20 11.74
N GLU C 380 43.94 4.30 12.23
CA GLU C 380 45.05 4.73 11.40
C GLU C 380 45.37 3.83 10.21
N GLU C 381 45.56 2.53 10.47
CA GLU C 381 45.89 1.62 9.38
C GLU C 381 44.85 1.68 8.29
N LEU C 382 43.61 1.96 8.66
CA LEU C 382 42.55 2.05 7.67
C LEU C 382 42.81 3.25 6.77
N GLU C 383 43.12 4.38 7.37
CA GLU C 383 43.40 5.61 6.62
C GLU C 383 44.61 5.38 5.72
N ALA C 384 45.49 4.48 6.14
CA ALA C 384 46.70 4.17 5.39
C ALA C 384 46.54 3.07 4.35
N ALA C 385 45.38 2.44 4.30
CA ALA C 385 45.14 1.37 3.35
C ALA C 385 44.05 1.70 2.35
N LEU C 386 43.00 2.35 2.82
CA LEU C 386 41.87 2.68 1.97
C LEU C 386 41.92 4.02 1.26
N VAL C 387 41.27 4.06 0.10
CA VAL C 387 41.20 5.27 -0.70
C VAL C 387 40.24 6.22 0.01
N GLU C 388 40.44 7.53 -0.18
CA GLU C 388 39.59 8.51 0.46
C GLU C 388 38.12 8.17 0.22
N ASP C 389 37.86 7.42 -0.85
CA ASP C 389 36.48 7.04 -1.19
C ASP C 389 36.40 5.59 -1.66
N PRO C 390 36.38 4.64 -0.73
CA PRO C 390 36.30 3.19 -1.00
C PRO C 390 35.21 2.71 -1.96
N PRO C 391 35.60 2.00 -3.02
CA PRO C 391 34.67 1.46 -4.03
C PRO C 391 33.80 0.37 -3.43
N LEU C 392 32.85 -0.11 -4.24
CA LEU C 392 31.93 -1.16 -3.80
C LEU C 392 32.56 -2.54 -3.69
N LYS C 393 33.03 -3.08 -4.82
CA LYS C 393 33.66 -4.41 -4.83
C LYS C 393 35.14 -4.28 -5.12
N VAL C 394 35.90 -5.26 -4.65
CA VAL C 394 37.34 -5.26 -4.81
C VAL C 394 37.90 -5.40 -6.23
N SER C 395 37.53 -6.47 -6.93
CA SER C 395 38.03 -6.71 -8.30
C SER C 395 37.98 -5.50 -9.22
N GLU C 396 37.11 -4.54 -8.93
CA GLU C 396 37.04 -3.36 -9.77
C GLU C 396 38.16 -2.39 -9.41
N GLY C 397 37.93 -1.10 -9.63
CA GLY C 397 38.92 -0.08 -9.35
C GLY C 397 39.77 -0.17 -8.09
N GLY C 398 40.50 0.92 -7.86
CA GLY C 398 41.40 1.03 -6.73
C GLY C 398 40.75 1.11 -5.37
N LEU C 399 41.18 0.21 -4.51
CA LEU C 399 40.64 0.14 -3.17
C LEU C 399 41.76 0.50 -2.21
N ILE C 400 42.92 -0.14 -2.38
CA ILE C 400 44.08 0.10 -1.52
C ILE C 400 44.85 1.32 -2.00
N ARG C 401 45.28 2.15 -1.06
CA ARG C 401 46.04 3.36 -1.41
C ARG C 401 47.45 3.04 -1.84
N GLU C 402 47.95 3.81 -2.80
CA GLU C 402 49.29 3.59 -3.29
C GLU C 402 50.31 3.89 -2.22
N GLY C 403 51.20 2.93 -1.97
CA GLY C 403 52.22 3.09 -0.96
C GLY C 403 51.95 2.27 0.28
N TYR C 404 50.96 1.40 0.22
CA TYR C 404 50.64 0.59 1.38
C TYR C 404 51.08 -0.86 1.21
N ASP C 405 51.20 -1.32 -0.03
CA ASP C 405 51.59 -2.71 -0.26
C ASP C 405 52.79 -2.80 -1.20
N PRO C 406 53.93 -3.26 -0.69
CA PRO C 406 55.12 -3.36 -1.55
C PRO C 406 54.82 -4.17 -2.81
N ASP C 407 54.21 -5.33 -2.61
CA ASP C 407 53.84 -6.25 -3.67
C ASP C 407 52.89 -5.61 -4.67
N LEU C 408 52.06 -4.67 -4.22
CA LEU C 408 51.07 -4.01 -5.08
C LEU C 408 51.52 -2.69 -5.72
N ASP C 409 52.51 -2.05 -5.13
CA ASP C 409 53.02 -0.79 -5.67
C ASP C 409 53.87 -1.08 -6.88
N ALA C 410 54.50 -2.25 -6.87
CA ALA C 410 55.35 -2.69 -7.96
C ALA C 410 54.44 -3.10 -9.12
N LEU C 411 53.22 -3.50 -8.79
CA LEU C 411 52.24 -3.89 -9.79
C LEU C 411 51.72 -2.66 -10.51
N ARG C 412 51.30 -1.65 -9.78
CA ARG C 412 50.83 -0.43 -10.41
C ARG C 412 52.01 0.20 -11.13
N ALA C 413 53.21 -0.14 -10.66
CA ALA C 413 54.42 0.38 -11.25
C ALA C 413 54.51 -0.15 -12.68
N ALA C 414 54.64 -1.47 -12.77
CA ALA C 414 54.74 -2.16 -14.04
C ALA C 414 53.58 -1.80 -14.95
N HIS C 415 52.40 -1.62 -14.36
CA HIS C 415 51.25 -1.30 -15.18
C HIS C 415 51.35 0.09 -15.78
N ARG C 416 51.85 1.04 -15.01
CA ARG C 416 51.97 2.39 -15.55
C ARG C 416 52.91 2.43 -16.75
N GLU C 417 54.08 1.82 -16.61
CA GLU C 417 55.04 1.78 -17.71
C GLU C 417 54.42 1.05 -18.90
N GLY C 418 53.83 -0.11 -18.62
CA GLY C 418 53.20 -0.90 -19.66
C GLY C 418 52.16 -0.17 -20.49
N VAL C 419 51.41 0.72 -19.85
CA VAL C 419 50.39 1.47 -20.57
C VAL C 419 51.11 2.54 -21.38
N ALA C 420 52.07 3.21 -20.74
CA ALA C 420 52.83 4.26 -21.42
C ALA C 420 53.38 3.71 -22.71
N TYR C 421 53.73 2.41 -22.69
CA TYR C 421 54.27 1.78 -23.87
C TYR C 421 53.44 2.19 -25.08
N PHE C 422 52.21 1.71 -25.14
CA PHE C 422 51.30 1.98 -26.24
C PHE C 422 51.18 3.44 -26.59
N LEU C 423 51.45 4.31 -25.62
CA LEU C 423 51.38 5.73 -25.87
C LEU C 423 52.60 6.15 -26.67
N GLU C 424 53.77 5.68 -26.24
CA GLU C 424 55.01 5.96 -26.94
C GLU C 424 54.83 5.48 -28.38
N LEU C 425 54.49 4.20 -28.51
CA LEU C 425 54.29 3.56 -29.80
C LEU C 425 53.49 4.41 -30.78
N GLU C 426 52.45 5.08 -30.27
CA GLU C 426 51.64 5.90 -31.14
C GLU C 426 52.49 6.88 -31.91
N GLU C 427 53.33 7.62 -31.18
CA GLU C 427 54.18 8.62 -31.80
C GLU C 427 55.23 8.02 -32.72
N ARG C 428 55.74 6.85 -32.37
CA ARG C 428 56.74 6.20 -33.18
C ARG C 428 56.16 5.88 -34.55
N GLU C 429 54.93 5.37 -34.56
CA GLU C 429 54.28 5.00 -35.80
C GLU C 429 53.80 6.19 -36.61
N ARG C 430 53.32 7.23 -35.92
CA ARG C 430 52.87 8.42 -36.64
C ARG C 430 54.04 8.97 -37.43
N GLU C 431 55.25 8.59 -37.03
CA GLU C 431 56.42 9.09 -37.74
C GLU C 431 56.84 8.14 -38.84
N ARG C 432 57.16 6.91 -38.46
CA ARG C 432 57.58 5.93 -39.45
C ARG C 432 56.61 5.91 -40.64
N THR C 433 55.32 6.00 -40.37
CA THR C 433 54.31 5.95 -41.41
C THR C 433 54.03 7.28 -42.08
N GLY C 434 54.40 8.36 -41.42
CA GLY C 434 54.13 9.68 -41.99
C GLY C 434 52.64 9.99 -41.91
N ILE C 435 51.89 9.15 -41.21
CA ILE C 435 50.46 9.33 -41.04
C ILE C 435 50.23 10.12 -39.74
N PRO C 436 49.99 11.42 -39.86
CA PRO C 436 49.76 12.31 -38.71
C PRO C 436 48.66 11.93 -37.72
N THR C 437 47.53 11.48 -38.25
CA THR C 437 46.37 11.13 -37.45
C THR C 437 46.36 9.75 -36.79
N LEU C 438 47.30 8.90 -37.17
CA LEU C 438 47.38 7.54 -36.63
C LEU C 438 47.15 7.42 -35.12
N LYS C 439 46.04 6.80 -34.73
CA LYS C 439 45.73 6.62 -33.31
C LYS C 439 46.11 5.23 -32.82
N VAL C 440 46.19 5.09 -31.49
CA VAL C 440 46.48 3.81 -30.86
C VAL C 440 45.35 3.65 -29.87
N GLY C 441 44.47 2.69 -30.12
CA GLY C 441 43.34 2.52 -29.24
C GLY C 441 43.22 1.15 -28.64
N TYR C 442 42.15 0.96 -27.91
CA TYR C 442 41.92 -0.30 -27.25
C TYR C 442 40.42 -0.55 -27.07
N ASN C 443 40.06 -1.81 -26.85
CA ASN C 443 38.68 -2.21 -26.59
C ASN C 443 38.63 -3.72 -26.39
N ALA C 444 37.78 -4.13 -25.44
CA ALA C 444 37.60 -5.52 -25.07
C ALA C 444 37.67 -6.53 -26.20
N VAL C 445 36.98 -6.25 -27.31
CA VAL C 445 36.94 -7.19 -28.43
C VAL C 445 38.25 -7.49 -29.17
N PHE C 446 39.08 -6.48 -29.40
CA PHE C 446 40.31 -6.73 -30.14
C PHE C 446 41.60 -6.40 -29.41
N GLY C 447 41.49 -5.80 -28.23
CA GLY C 447 42.69 -5.43 -27.49
C GLY C 447 43.34 -4.17 -28.05
N TYR C 448 44.59 -3.94 -27.68
CA TYR C 448 45.30 -2.76 -28.15
C TYR C 448 45.42 -2.76 -29.66
N TYR C 449 45.23 -1.59 -30.27
CA TYR C 449 45.30 -1.51 -31.72
C TYR C 449 45.81 -0.18 -32.25
N LEU C 450 46.24 -0.22 -33.51
CA LEU C 450 46.74 0.94 -34.24
C LEU C 450 45.60 1.29 -35.17
N GLU C 451 45.16 2.54 -35.16
CA GLU C 451 44.05 2.93 -36.04
C GLU C 451 44.44 3.92 -37.12
N VAL C 452 43.91 3.70 -38.32
CA VAL C 452 44.19 4.56 -39.46
C VAL C 452 42.98 4.79 -40.35
N THR C 453 42.77 6.05 -40.73
CA THR C 453 41.64 6.44 -41.57
C THR C 453 41.78 6.04 -43.04
N ARG C 454 40.71 6.25 -43.79
CA ARG C 454 40.62 5.90 -45.20
C ARG C 454 41.64 6.63 -46.09
N PRO C 455 41.76 7.96 -45.93
CA PRO C 455 42.71 8.75 -46.73
C PRO C 455 44.14 8.21 -46.68
N TYR C 456 44.42 7.39 -45.68
CA TYR C 456 45.77 6.83 -45.54
C TYR C 456 45.82 5.31 -45.68
N TYR C 457 44.80 4.71 -46.28
CA TYR C 457 44.83 3.25 -46.45
C TYR C 457 45.98 2.79 -47.34
N GLU C 458 46.21 3.47 -48.46
CA GLU C 458 47.28 3.09 -49.36
C GLU C 458 48.63 3.50 -48.77
N ARG C 459 48.60 4.10 -47.58
CA ARG C 459 49.83 4.54 -46.95
C ARG C 459 50.26 3.65 -45.78
N VAL C 460 49.45 2.62 -45.52
CA VAL C 460 49.70 1.66 -44.43
C VAL C 460 50.79 0.67 -44.84
N PRO C 461 51.78 0.44 -43.95
CA PRO C 461 52.87 -0.49 -44.25
C PRO C 461 52.49 -1.97 -44.24
N LYS C 462 53.23 -2.77 -45.01
CA LYS C 462 53.00 -4.21 -45.13
C LYS C 462 52.86 -4.87 -43.76
N GLU C 463 53.80 -4.55 -42.86
CA GLU C 463 53.84 -5.10 -41.50
C GLU C 463 52.52 -5.07 -40.72
N TYR C 464 51.69 -4.07 -40.96
CA TYR C 464 50.43 -3.96 -40.26
C TYR C 464 49.49 -5.12 -40.53
N ARG C 465 48.97 -5.70 -39.46
CA ARG C 465 48.06 -6.84 -39.56
C ARG C 465 46.62 -6.38 -39.30
N PRO C 466 45.75 -6.51 -40.32
CA PRO C 466 44.35 -6.10 -40.19
C PRO C 466 43.70 -6.86 -39.04
N VAL C 467 42.90 -6.16 -38.25
CA VAL C 467 42.24 -6.77 -37.12
C VAL C 467 40.77 -6.42 -37.12
N GLN C 468 40.45 -5.17 -37.48
CA GLN C 468 39.06 -4.73 -37.52
C GLN C 468 38.83 -3.63 -38.56
N THR C 469 37.71 -3.73 -39.26
CA THR C 469 37.32 -2.76 -40.30
C THR C 469 36.08 -1.98 -39.89
N LEU C 470 36.08 -0.68 -40.15
CA LEU C 470 34.94 0.14 -39.82
C LEU C 470 34.54 0.97 -41.03
N LYS C 471 33.47 1.74 -40.91
CA LYS C 471 33.00 2.55 -42.04
C LYS C 471 34.14 3.28 -42.76
N ASP C 472 34.99 3.97 -42.01
CA ASP C 472 36.09 4.68 -42.64
C ASP C 472 37.31 4.76 -41.74
N ARG C 473 37.61 3.61 -41.14
CA ARG C 473 38.74 3.42 -40.27
C ARG C 473 39.07 1.94 -40.32
N GLN C 474 40.37 1.64 -40.23
CA GLN C 474 40.89 0.28 -40.25
C GLN C 474 41.83 0.15 -39.07
N ARG C 475 41.85 -1.02 -38.44
CA ARG C 475 42.73 -1.24 -37.28
C ARG C 475 43.68 -2.41 -37.47
N TYR C 476 44.97 -2.14 -37.24
CA TYR C 476 46.04 -3.11 -37.40
C TYR C 476 46.74 -3.51 -36.12
N THR C 477 47.71 -4.41 -36.27
CA THR C 477 48.47 -4.90 -35.14
C THR C 477 49.89 -5.24 -35.56
N LEU C 478 50.84 -4.85 -34.73
CA LEU C 478 52.24 -5.17 -34.98
C LEU C 478 52.54 -6.29 -33.99
N PRO C 479 53.61 -7.04 -34.21
CA PRO C 479 53.92 -8.12 -33.27
C PRO C 479 54.31 -7.64 -31.88
N GLU C 480 55.09 -6.55 -31.81
CA GLU C 480 55.49 -6.02 -30.51
C GLU C 480 54.30 -5.89 -29.58
N LYS C 482 51.18 -7.18 -29.57
CA LYS C 482 50.65 -8.48 -29.17
C LYS C 482 51.30 -8.93 -27.86
N GLU C 483 52.62 -8.75 -27.79
CA GLU C 483 53.39 -9.13 -26.61
C GLU C 483 53.10 -8.18 -25.44
N LYS C 484 53.43 -6.91 -25.63
CA LYS C 484 53.22 -5.91 -24.58
C LYS C 484 51.78 -5.83 -24.09
N GLU C 485 50.83 -6.25 -24.92
CA GLU C 485 49.44 -6.22 -24.53
C GLU C 485 49.16 -7.31 -23.49
N ARG C 486 49.85 -8.43 -23.60
CA ARG C 486 49.65 -9.53 -22.66
C ARG C 486 50.43 -9.30 -21.38
N GLU C 487 51.40 -8.40 -21.43
CA GLU C 487 52.19 -8.05 -20.27
C GLU C 487 51.29 -7.16 -19.41
N VAL C 488 50.41 -6.44 -20.08
CA VAL C 488 49.50 -5.54 -19.38
C VAL C 488 48.38 -6.35 -18.72
N TYR C 489 47.83 -7.31 -19.45
CA TYR C 489 46.76 -8.14 -18.91
C TYR C 489 47.23 -8.97 -17.73
N ARG C 490 48.48 -9.43 -17.77
CA ARG C 490 49.03 -10.23 -16.68
C ARG C 490 49.10 -9.35 -15.44
N LEU C 491 49.63 -8.14 -15.61
CA LEU C 491 49.74 -7.18 -14.53
C LEU C 491 48.38 -6.97 -13.90
N GLU C 492 47.45 -6.43 -14.69
CA GLU C 492 46.08 -6.17 -14.26
C GLU C 492 45.52 -7.37 -13.49
N ALA C 493 45.75 -8.56 -14.02
CA ALA C 493 45.27 -9.78 -13.37
C ALA C 493 45.93 -9.99 -12.01
N LEU C 494 47.20 -9.61 -11.90
CA LEU C 494 47.93 -9.76 -10.64
C LEU C 494 47.53 -8.65 -9.69
N ILE C 495 47.27 -7.47 -10.25
CA ILE C 495 46.87 -6.32 -9.45
C ILE C 495 45.56 -6.57 -8.71
N ARG C 496 44.63 -7.29 -9.34
CA ARG C 496 43.36 -7.58 -8.66
C ARG C 496 43.62 -8.55 -7.52
N ARG C 497 44.20 -9.71 -7.83
CA ARG C 497 44.48 -10.71 -6.83
C ARG C 497 45.07 -10.11 -5.56
N ARG C 498 46.08 -9.27 -5.73
CA ARG C 498 46.75 -8.66 -4.59
C ARG C 498 45.93 -7.58 -3.89
N GLU C 499 45.31 -6.72 -4.67
CA GLU C 499 44.49 -5.66 -4.11
C GLU C 499 43.42 -6.26 -3.20
N GLU C 500 42.88 -7.39 -3.61
CA GLU C 500 41.85 -8.06 -2.83
C GLU C 500 42.44 -8.78 -1.62
N GLU C 501 43.65 -9.28 -1.74
CA GLU C 501 44.27 -9.95 -0.62
C GLU C 501 44.56 -8.90 0.45
N VAL C 502 45.07 -7.74 0.02
CA VAL C 502 45.38 -6.67 0.95
C VAL C 502 44.11 -6.23 1.66
N PHE C 503 43.03 -6.15 0.91
CA PHE C 503 41.77 -5.76 1.49
C PHE C 503 41.39 -6.78 2.56
N LEU C 504 41.34 -8.05 2.18
CA LEU C 504 41.01 -9.13 3.10
C LEU C 504 41.93 -9.13 4.31
N GLU C 505 43.21 -8.83 4.08
CA GLU C 505 44.19 -8.77 5.16
C GLU C 505 43.79 -7.67 6.15
N VAL C 506 43.53 -6.48 5.62
CA VAL C 506 43.13 -5.32 6.41
C VAL C 506 41.80 -5.55 7.11
N ARG C 507 40.89 -6.22 6.42
CA ARG C 507 39.59 -6.51 7.00
C ARG C 507 39.79 -7.34 8.25
N GLU C 508 40.42 -8.50 8.09
CA GLU C 508 40.67 -9.38 9.23
C GLU C 508 41.28 -8.56 10.36
N ARG C 509 42.01 -7.49 10.00
CA ARG C 509 42.61 -6.63 11.01
C ARG C 509 41.49 -6.01 11.83
N ALA C 510 40.51 -5.43 11.15
CA ALA C 510 39.38 -4.81 11.82
C ALA C 510 38.55 -5.86 12.54
N LYS C 511 38.53 -7.08 12.01
CA LYS C 511 37.77 -8.16 12.60
C LYS C 511 38.29 -8.60 13.98
N ARG C 512 39.51 -8.22 14.32
CA ARG C 512 40.05 -8.59 15.62
C ARG C 512 39.74 -7.52 16.63
N GLN C 513 38.97 -6.53 16.21
CA GLN C 513 38.61 -5.43 17.06
C GLN C 513 37.10 -5.42 17.26
N ALA C 514 36.43 -6.43 16.72
CA ALA C 514 34.98 -6.56 16.80
C ALA C 514 34.40 -6.26 18.19
N GLU C 515 34.96 -6.89 19.21
CA GLU C 515 34.51 -6.69 20.58
C GLU C 515 34.75 -5.25 21.03
N ALA C 516 35.86 -4.67 20.61
CA ALA C 516 36.14 -3.29 20.99
C ALA C 516 35.12 -2.40 20.27
N LEU C 517 34.81 -2.78 19.04
CA LEU C 517 33.84 -2.03 18.25
C LEU C 517 32.51 -2.12 18.97
N ARG C 518 32.17 -3.30 19.46
CA ARG C 518 30.92 -3.47 20.17
C ARG C 518 30.82 -2.63 21.43
N GLU C 519 31.88 -2.54 22.21
CA GLU C 519 31.73 -1.74 23.42
C GLU C 519 31.64 -0.25 23.17
N ALA C 520 32.27 0.21 22.09
CA ALA C 520 32.20 1.63 21.76
C ALA C 520 30.75 1.86 21.34
N ALA C 521 30.20 0.90 20.61
CA ALA C 521 28.82 0.99 20.16
C ALA C 521 27.87 1.28 21.34
N ARG C 522 27.96 0.47 22.41
CA ARG C 522 27.12 0.64 23.62
C ARG C 522 27.29 2.03 24.23
N ILE C 523 28.55 2.38 24.55
CA ILE C 523 28.86 3.68 25.15
C ILE C 523 28.35 4.82 24.30
N LEU C 524 28.67 4.78 23.02
CA LEU C 524 28.19 5.83 22.15
C LEU C 524 26.68 5.80 22.00
N ALA C 525 26.04 4.65 22.16
CA ALA C 525 24.58 4.62 22.01
C ALA C 525 23.90 5.28 23.22
N GLU C 526 24.42 5.06 24.42
CA GLU C 526 23.86 5.67 25.62
C GLU C 526 24.07 7.18 25.52
N LEU C 527 25.24 7.54 25.01
CA LEU C 527 25.63 8.92 24.81
C LEU C 527 24.58 9.56 23.92
N ASP C 528 24.24 8.85 22.86
CA ASP C 528 23.27 9.33 21.90
C ASP C 528 21.91 9.55 22.55
N VAL C 529 21.41 8.56 23.28
CA VAL C 529 20.11 8.71 23.92
C VAL C 529 20.08 9.82 24.97
N TYR C 530 21.09 9.87 25.84
CA TYR C 530 21.18 10.88 26.88
C TYR C 530 21.12 12.29 26.33
N ALA C 531 21.86 12.55 25.25
CA ALA C 531 21.86 13.85 24.62
C ALA C 531 20.52 14.09 23.91
N ALA C 532 19.99 13.06 23.26
CA ALA C 532 18.72 13.19 22.55
C ALA C 532 17.62 13.56 23.53
N LEU C 533 17.51 12.80 24.62
CA LEU C 533 16.48 13.07 25.62
C LEU C 533 16.59 14.48 26.16
N ALA C 534 17.83 14.97 26.26
CA ALA C 534 18.08 16.31 26.75
C ALA C 534 17.63 17.29 25.68
N GLU C 535 17.95 16.96 24.43
CA GLU C 535 17.59 17.79 23.30
C GLU C 535 16.10 18.00 23.28
N VAL C 536 15.36 16.93 23.54
CA VAL C 536 13.92 16.96 23.58
C VAL C 536 13.43 17.79 24.76
N ALA C 537 14.06 17.65 25.92
CA ALA C 537 13.63 18.44 27.07
C ALA C 537 13.74 19.93 26.71
N VAL C 538 14.93 20.34 26.28
CA VAL C 538 15.19 21.73 25.93
C VAL C 538 14.20 22.27 24.90
N ARG C 539 14.09 21.58 23.80
CA ARG C 539 13.19 22.01 22.73
C ARG C 539 11.74 22.14 23.17
N TYR C 540 11.23 21.17 23.93
CA TYR C 540 9.82 21.19 24.34
C TYR C 540 9.43 21.57 25.79
N GLY C 541 10.38 22.07 26.57
CA GLY C 541 10.07 22.47 27.93
C GLY C 541 9.72 21.35 28.91
N TYR C 542 10.52 20.30 28.96
CA TYR C 542 10.26 19.21 29.91
C TYR C 542 11.09 19.47 31.14
N VAL C 543 10.80 18.73 32.20
CA VAL C 543 11.52 18.93 33.44
C VAL C 543 11.83 17.59 34.06
N ARG C 544 12.76 17.59 35.01
CA ARG C 544 13.11 16.36 35.66
C ARG C 544 12.07 15.93 36.66
N PRO C 545 11.64 14.67 36.59
CA PRO C 545 10.65 14.21 37.54
C PRO C 545 11.34 13.78 38.84
N ARG C 546 10.61 13.83 39.94
CA ARG C 546 11.12 13.42 41.26
C ARG C 546 10.21 12.28 41.65
N PHE C 547 10.79 11.18 42.12
CA PHE C 547 9.96 10.04 42.51
C PHE C 547 9.60 10.01 44.00
N GLY C 548 8.49 9.33 44.31
CA GLY C 548 8.00 9.23 45.68
C GLY C 548 6.68 8.48 45.70
N ASP C 549 5.92 8.55 46.79
CA ASP C 549 4.67 7.80 46.80
C ASP C 549 3.45 8.59 46.34
N ARG C 550 3.54 9.91 46.43
CA ARG C 550 2.46 10.78 45.99
C ARG C 550 2.74 11.37 44.63
N LEU C 551 1.76 11.29 43.75
CA LEU C 551 1.86 11.85 42.43
C LEU C 551 1.33 13.27 42.47
N GLN C 552 2.18 14.26 42.21
CA GLN C 552 1.75 15.66 42.19
C GLN C 552 2.29 16.25 40.89
N ILE C 553 1.45 16.38 39.88
CA ILE C 553 1.88 16.96 38.62
C ILE C 553 1.38 18.38 38.56
N ARG C 554 2.20 19.29 38.05
CA ARG C 554 1.81 20.67 37.95
C ARG C 554 2.00 21.23 36.56
N ALA C 555 0.90 21.46 35.86
CA ALA C 555 0.96 21.99 34.51
C ALA C 555 1.38 20.89 33.55
N GLY C 556 0.83 19.70 33.77
CA GLY C 556 1.15 18.58 32.92
C GLY C 556 0.41 18.65 31.61
N ARG C 557 1.03 18.16 30.54
CA ARG C 557 0.44 18.19 29.22
C ARG C 557 0.72 16.90 28.46
N HIS C 558 -0.17 16.56 27.52
CA HIS C 558 -0.02 15.36 26.69
C HIS C 558 1.16 15.58 25.72
N PRO C 559 2.26 14.82 25.89
CA PRO C 559 3.46 14.94 25.04
C PRO C 559 3.26 14.86 23.53
N VAL C 560 2.21 14.19 23.08
CA VAL C 560 1.98 14.07 21.64
C VAL C 560 0.96 15.08 21.12
N VAL C 561 -0.12 15.28 21.86
CA VAL C 561 -1.17 16.22 21.45
C VAL C 561 -0.68 17.67 21.44
N GLU C 562 0.18 18.01 22.38
CA GLU C 562 0.67 19.39 22.46
C GLU C 562 1.61 19.69 21.30
N ARG C 563 1.96 18.65 20.55
CA ARG C 563 2.87 18.83 19.43
C ARG C 563 2.15 19.51 18.28
N ARG C 564 0.81 19.39 18.26
CA ARG C 564 0.00 19.96 17.20
C ARG C 564 -1.16 20.83 17.64
N THR C 565 -1.01 21.57 18.74
CA THR C 565 -2.09 22.42 19.22
C THR C 565 -1.71 23.19 20.46
N GLU C 566 -2.34 24.34 20.68
CA GLU C 566 -2.09 25.10 21.88
C GLU C 566 -2.72 24.20 22.96
N PHE C 567 -1.88 23.55 23.76
CA PHE C 567 -2.37 22.64 24.79
C PHE C 567 -2.45 23.31 26.16
N VAL C 568 -3.62 23.21 26.79
CA VAL C 568 -3.82 23.81 28.10
C VAL C 568 -3.30 22.87 29.19
N PRO C 569 -2.24 23.26 29.89
CA PRO C 569 -1.72 22.39 30.95
C PRO C 569 -2.75 22.13 32.05
N ASN C 570 -2.54 21.06 32.81
CA ASN C 570 -3.42 20.72 33.94
C ASN C 570 -2.67 20.06 35.09
N ASP C 571 -3.27 20.09 36.28
CA ASP C 571 -2.67 19.50 37.46
C ASP C 571 -3.28 18.17 37.87
N LEU C 572 -2.65 17.53 38.84
CA LEU C 572 -3.12 16.26 39.36
C LEU C 572 -2.39 15.81 40.63
N GLU C 573 -3.16 15.39 41.63
CA GLU C 573 -2.59 14.88 42.88
C GLU C 573 -3.36 13.62 43.21
N ALA C 575 -2.85 9.44 45.05
CA ALA C 575 -2.07 8.63 45.97
C ALA C 575 -2.91 7.43 46.37
N HIS C 576 -2.92 6.41 45.53
CA HIS C 576 -3.70 5.20 45.80
C HIS C 576 -5.15 5.62 45.99
N GLU C 577 -5.51 6.73 45.37
CA GLU C 577 -6.88 7.24 45.46
C GLU C 577 -7.68 6.85 44.22
N LEU C 578 -9.00 6.97 44.29
CA LEU C 578 -9.87 6.65 43.17
C LEU C 578 -10.30 8.01 42.68
N VAL C 579 -9.82 8.41 41.52
CA VAL C 579 -10.18 9.73 41.02
C VAL C 579 -11.10 9.73 39.81
N LEU C 580 -12.37 10.03 40.07
CA LEU C 580 -13.37 10.10 39.02
C LEU C 580 -13.27 11.44 38.33
N ILE C 581 -13.45 11.42 37.01
CA ILE C 581 -13.37 12.65 36.22
C ILE C 581 -14.68 12.74 35.44
N THR C 582 -15.42 13.80 35.71
CA THR C 582 -16.69 14.02 35.03
C THR C 582 -16.71 15.34 34.25
N GLY C 583 -17.79 15.59 33.54
CA GLY C 583 -17.85 16.81 32.76
C GLY C 583 -18.17 16.50 31.31
N PRO C 584 -18.64 17.50 30.58
CA PRO C 584 -19.02 17.40 29.17
C PRO C 584 -18.01 16.84 28.19
N ASN C 585 -18.49 16.04 27.23
CA ASN C 585 -17.61 15.47 26.21
C ASN C 585 -17.06 16.60 25.32
N ALA C 587 -14.61 18.15 26.23
CA ALA C 587 -13.98 19.01 27.22
C ALA C 587 -12.56 18.61 27.60
N GLY C 588 -12.23 17.32 27.62
CA GLY C 588 -10.87 16.94 27.99
C GLY C 588 -10.59 15.66 28.79
N LYS C 589 -11.64 14.98 29.25
CA LYS C 589 -11.51 13.77 30.05
C LYS C 589 -10.53 12.71 29.55
N SER C 590 -10.76 12.21 28.34
CA SER C 590 -9.90 11.17 27.79
C SER C 590 -8.44 11.61 27.61
N THR C 591 -8.23 12.82 27.10
CA THR C 591 -6.88 13.32 26.90
C THR C 591 -6.17 13.47 28.23
N PHE C 592 -6.93 13.87 29.25
CA PHE C 592 -6.34 14.03 30.57
C PHE C 592 -5.81 12.70 31.08
N LEU C 593 -6.60 11.64 30.96
CA LEU C 593 -6.17 10.30 31.39
C LEU C 593 -4.92 9.88 30.66
N ARG C 594 -4.95 9.96 29.33
CA ARG C 594 -3.80 9.56 28.54
C ARG C 594 -2.56 10.34 28.92
N GLN C 595 -2.74 11.64 29.16
CA GLN C 595 -1.64 12.52 29.52
C GLN C 595 -0.96 12.01 30.78
N THR C 596 -1.77 11.59 31.73
CA THR C 596 -1.23 11.07 32.99
C THR C 596 -0.32 9.85 32.80
N ALA C 597 -0.80 8.87 32.06
CA ALA C 597 -0.04 7.66 31.79
C ALA C 597 1.29 7.97 31.09
N LEU C 598 1.25 8.65 29.93
CA LEU C 598 2.48 9.01 29.20
C LEU C 598 3.55 9.68 30.08
N ILE C 599 3.11 10.57 30.95
CA ILE C 599 4.02 11.25 31.86
C ILE C 599 4.70 10.18 32.74
N ALA C 600 3.89 9.29 33.31
CA ALA C 600 4.43 8.23 34.16
C ALA C 600 5.38 7.38 33.34
N LEU C 601 4.98 7.03 32.12
CA LEU C 601 5.78 6.21 31.23
C LEU C 601 7.11 6.86 30.88
N LEU C 602 7.10 8.17 30.67
CA LEU C 602 8.33 8.88 30.33
C LEU C 602 9.28 8.92 31.53
N ALA C 603 8.76 9.27 32.70
CA ALA C 603 9.56 9.33 33.90
C ALA C 603 10.25 8.00 34.18
N GLN C 604 9.48 6.93 34.26
CA GLN C 604 10.07 5.62 34.52
C GLN C 604 10.85 5.04 33.35
N VAL C 605 11.41 5.91 32.53
CA VAL C 605 12.23 5.51 31.40
C VAL C 605 13.48 6.38 31.47
N GLY C 606 13.43 7.34 32.40
CA GLY C 606 14.57 8.21 32.62
C GLY C 606 14.58 9.51 31.85
N SER C 607 13.47 9.86 31.23
CA SER C 607 13.39 11.08 30.46
C SER C 607 12.68 12.18 31.22
N PHE C 608 12.96 13.43 30.88
CA PHE C 608 12.30 14.55 31.51
C PHE C 608 10.86 14.51 31.00
N VAL C 609 9.94 15.19 31.67
CA VAL C 609 8.54 15.15 31.25
C VAL C 609 7.89 16.52 30.97
N PRO C 610 6.76 16.50 30.26
CA PRO C 610 5.96 17.68 29.88
C PRO C 610 5.12 18.25 31.00
N ALA C 611 5.76 18.97 31.91
CA ALA C 611 5.08 19.60 33.03
C ALA C 611 5.96 20.69 33.62
N GLU C 612 5.48 21.29 34.69
CA GLU C 612 6.22 22.36 35.35
C GLU C 612 6.94 21.78 36.58
N GLU C 613 6.34 20.75 37.16
CA GLU C 613 6.88 20.05 38.33
C GLU C 613 6.17 18.69 38.37
N ALA C 614 6.93 17.62 38.45
CA ALA C 614 6.31 16.30 38.43
C ALA C 614 6.85 15.35 39.46
N HIS C 615 6.05 15.07 40.47
CA HIS C 615 6.45 14.12 41.51
C HIS C 615 5.72 12.82 41.21
N LEU C 616 6.48 11.81 40.81
CA LEU C 616 5.90 10.54 40.43
C LEU C 616 6.34 9.30 41.18
N PRO C 617 5.39 8.37 41.41
CA PRO C 617 5.74 7.15 42.12
C PRO C 617 6.20 6.15 41.06
N LEU C 618 6.82 5.06 41.51
CA LEU C 618 7.29 4.06 40.58
C LEU C 618 6.19 3.04 40.38
N PHE C 619 5.46 3.21 39.29
CA PHE C 619 4.36 2.32 38.95
C PHE C 619 4.85 0.98 38.46
N ASP C 620 4.22 -0.09 38.91
CA ASP C 620 4.59 -1.43 38.50
C ASP C 620 3.92 -1.77 37.19
N GLY C 621 3.05 -0.87 36.73
CA GLY C 621 2.37 -1.10 35.47
C GLY C 621 1.30 -0.08 35.12
N ILE C 622 1.11 0.13 33.83
CA ILE C 622 0.12 1.07 33.36
C ILE C 622 -0.95 0.27 32.63
N TYR C 623 -2.18 0.30 33.14
CA TYR C 623 -3.28 -0.44 32.51
C TYR C 623 -4.38 0.49 32.04
N THR C 624 -4.88 0.25 30.84
CA THR C 624 -5.94 1.10 30.28
C THR C 624 -7.11 0.39 29.67
N ARG C 625 -8.24 1.05 29.76
CA ARG C 625 -9.48 0.58 29.17
C ARG C 625 -9.92 1.88 28.47
N ILE C 626 -9.35 2.12 27.29
CA ILE C 626 -9.63 3.35 26.53
C ILE C 626 -9.81 3.17 25.01
N GLY C 627 -10.86 3.77 24.47
CA GLY C 627 -11.13 3.70 23.05
C GLY C 627 -11.74 2.41 22.53
N ALA C 628 -10.92 1.56 21.93
CA ALA C 628 -11.34 0.26 21.36
C ALA C 628 -12.86 0.10 21.17
N GLY C 635 -15.82 -11.77 22.14
CA GLY C 635 -17.09 -11.15 22.48
C GLY C 635 -17.71 -10.35 21.35
N LYS C 636 -18.71 -10.93 20.69
CA LYS C 636 -19.39 -10.28 19.57
C LYS C 636 -19.69 -8.80 19.80
N SER C 637 -20.08 -8.45 21.02
CA SER C 637 -20.44 -7.06 21.34
C SER C 637 -19.36 -6.15 21.93
N THR C 638 -19.62 -4.85 21.92
CA THR C 638 -18.65 -3.88 22.45
C THR C 638 -18.61 -3.92 23.97
N PHE C 639 -19.78 -4.12 24.58
CA PHE C 639 -19.86 -4.17 26.01
C PHE C 639 -19.07 -5.38 26.50
N VAL C 641 -16.49 -6.89 24.91
CA VAL C 641 -15.08 -6.64 24.68
C VAL C 641 -14.52 -5.73 25.79
N GLU C 642 -15.23 -4.66 26.09
CA GLU C 642 -14.78 -3.76 27.14
C GLU C 642 -14.73 -4.48 28.50
N GLU C 644 -14.18 -7.72 29.00
CA GLU C 644 -13.04 -8.62 29.03
C GLU C 644 -11.78 -7.87 29.46
N GLU C 645 -11.66 -6.62 29.02
CA GLU C 645 -10.52 -5.81 29.39
C GLU C 645 -10.54 -5.48 30.89
N VAL C 646 -11.70 -5.09 31.39
CA VAL C 646 -11.82 -4.77 32.82
C VAL C 646 -11.39 -5.99 33.61
N ALA C 647 -11.74 -7.18 33.12
CA ALA C 647 -11.36 -8.42 33.79
C ALA C 647 -9.84 -8.46 33.89
N LEU C 648 -9.17 -8.43 32.75
CA LEU C 648 -7.71 -8.45 32.74
C LEU C 648 -7.20 -7.41 33.73
N ILE C 649 -7.50 -6.14 33.46
CA ILE C 649 -7.03 -5.07 34.34
C ILE C 649 -7.27 -5.41 35.80
N LEU C 650 -8.40 -6.02 36.11
CA LEU C 650 -8.72 -6.37 37.49
C LEU C 650 -7.91 -7.53 38.03
N LYS C 651 -7.42 -8.39 37.15
CA LYS C 651 -6.64 -9.54 37.59
C LYS C 651 -5.14 -9.31 37.72
N GLU C 652 -4.67 -8.10 37.44
CA GLU C 652 -3.25 -7.85 37.53
C GLU C 652 -2.89 -6.53 38.19
N ALA C 653 -3.85 -5.64 38.33
CA ALA C 653 -3.56 -4.37 38.96
C ALA C 653 -3.19 -4.63 40.41
N THR C 654 -2.24 -3.88 40.93
CA THR C 654 -1.86 -4.01 42.32
C THR C 654 -1.93 -2.58 42.85
N GLU C 655 -1.66 -2.40 44.12
CA GLU C 655 -1.72 -1.08 44.70
C GLU C 655 -0.64 -0.20 44.11
N ASN C 656 0.16 -0.74 43.20
CA ASN C 656 1.22 0.05 42.62
C ASN C 656 1.01 0.21 41.12
N SER C 657 -0.24 0.03 40.69
CA SER C 657 -0.57 0.15 39.29
C SER C 657 -1.31 1.46 38.97
N LEU C 658 -1.00 2.04 37.82
CA LEU C 658 -1.68 3.24 37.38
C LEU C 658 -2.79 2.66 36.54
N VAL C 659 -4.03 2.97 36.88
CA VAL C 659 -5.13 2.43 36.11
C VAL C 659 -5.98 3.54 35.54
N LEU C 660 -6.28 3.42 34.25
CA LEU C 660 -7.04 4.44 33.57
C LEU C 660 -8.29 3.85 32.91
N LEU C 661 -9.45 4.25 33.40
CA LEU C 661 -10.73 3.78 32.88
C LEU C 661 -11.47 4.90 32.20
N ASP C 662 -11.97 4.62 31.00
CA ASP C 662 -12.70 5.61 30.23
C ASP C 662 -14.10 5.12 29.89
N GLU C 663 -15.08 5.65 30.59
CA GLU C 663 -16.48 5.30 30.34
C GLU C 663 -16.89 3.85 30.62
N VAL C 664 -16.16 3.13 31.47
CA VAL C 664 -16.51 1.74 31.76
C VAL C 664 -17.96 1.66 32.25
N GLY C 665 -18.77 0.80 31.64
CA GLY C 665 -20.16 0.66 32.02
C GLY C 665 -21.10 1.00 30.88
N ARG C 666 -20.57 1.62 29.85
CA ARG C 666 -21.34 2.00 28.68
C ARG C 666 -21.51 0.76 27.82
N GLY C 667 -22.63 0.65 27.11
CA GLY C 667 -22.81 -0.49 26.24
C GLY C 667 -23.89 -1.46 26.67
N THR C 668 -24.73 -1.02 27.59
CA THR C 668 -25.81 -1.86 28.06
C THR C 668 -26.95 -1.03 28.63
N SER C 669 -27.64 -1.57 29.63
CA SER C 669 -28.74 -0.84 30.23
C SER C 669 -28.15 0.23 31.13
N SER C 670 -28.91 1.28 31.39
CA SER C 670 -28.44 2.35 32.26
C SER C 670 -28.15 1.69 33.59
N LEU C 671 -29.04 0.77 33.96
CA LEU C 671 -28.96 0.03 35.20
C LEU C 671 -27.72 -0.84 35.36
N ASP C 672 -27.52 -1.80 34.47
CA ASP C 672 -26.33 -2.63 34.58
C ASP C 672 -25.14 -1.70 34.42
N GLY C 673 -25.37 -0.57 33.75
CA GLY C 673 -24.31 0.38 33.55
C GLY C 673 -23.75 0.86 34.87
N VAL C 674 -24.56 1.61 35.61
CA VAL C 674 -24.12 2.11 36.90
C VAL C 674 -23.65 0.97 37.79
N ALA C 675 -24.44 -0.11 37.83
CA ALA C 675 -24.09 -1.25 38.67
C ALA C 675 -22.64 -1.68 38.45
N ILE C 676 -22.32 -2.16 37.26
CA ILE C 676 -20.97 -2.61 36.91
C ILE C 676 -19.94 -1.53 37.25
N ALA C 677 -20.17 -0.32 36.77
CA ALA C 677 -19.26 0.78 37.03
C ALA C 677 -19.02 0.98 38.52
N THR C 678 -20.07 0.89 39.32
CA THR C 678 -19.94 1.07 40.75
C THR C 678 -19.15 -0.08 41.37
N ALA C 679 -19.49 -1.31 41.03
CA ALA C 679 -18.77 -2.44 41.58
C ALA C 679 -17.30 -2.33 41.21
N VAL C 680 -17.04 -2.06 39.94
CA VAL C 680 -15.68 -1.93 39.45
C VAL C 680 -14.93 -0.82 40.17
N ALA C 681 -15.53 0.36 40.22
CA ALA C 681 -14.90 1.48 40.88
C ALA C 681 -14.61 1.13 42.35
N GLU C 682 -15.48 0.31 42.96
CA GLU C 682 -15.27 -0.09 44.33
C GLU C 682 -14.09 -1.06 44.41
N ALA C 683 -14.01 -1.96 43.44
CA ALA C 683 -12.95 -2.96 43.38
C ALA C 683 -11.58 -2.31 43.27
N LEU C 684 -11.42 -1.42 42.29
CA LEU C 684 -10.13 -0.76 42.13
C LEU C 684 -9.79 0.11 43.33
N HIS C 685 -10.83 0.51 44.04
CA HIS C 685 -10.66 1.32 45.22
C HIS C 685 -10.05 0.43 46.28
N GLU C 686 -10.67 -0.73 46.49
CA GLU C 686 -10.15 -1.64 47.49
C GLU C 686 -8.72 -2.01 47.10
N ARG C 687 -8.53 -2.40 45.84
CA ARG C 687 -7.21 -2.77 45.35
C ARG C 687 -6.17 -1.73 45.78
N ARG C 688 -6.59 -0.47 45.80
CA ARG C 688 -5.74 0.64 46.24
C ARG C 688 -4.76 1.15 45.19
N ALA C 689 -5.04 0.85 43.93
CA ALA C 689 -4.20 1.32 42.83
C ALA C 689 -4.53 2.79 42.56
N TYR C 690 -3.69 3.47 41.78
CA TYR C 690 -3.99 4.86 41.43
C TYR C 690 -4.93 4.66 40.25
N THR C 691 -6.20 5.04 40.42
CA THR C 691 -7.17 4.85 39.36
C THR C 691 -7.89 6.11 38.90
N LEU C 692 -7.76 6.41 37.62
CA LEU C 692 -8.43 7.54 37.00
C LEU C 692 -9.63 6.95 36.22
N PHE C 693 -10.83 7.36 36.59
CA PHE C 693 -12.03 6.86 35.95
C PHE C 693 -12.83 8.02 35.34
N ALA C 694 -12.96 8.04 34.02
CA ALA C 694 -13.74 9.09 33.36
C ALA C 694 -15.10 8.43 33.16
N THR C 695 -16.15 9.04 33.71
CA THR C 695 -17.48 8.44 33.63
C THR C 695 -18.56 9.46 33.33
N HIS C 696 -19.75 8.96 33.02
CA HIS C 696 -20.93 9.80 32.78
C HIS C 696 -22.00 9.50 33.84
N TYR C 697 -21.71 8.55 34.73
CA TYR C 697 -22.61 8.21 35.81
C TYR C 697 -22.20 9.08 36.97
N PHE C 698 -22.91 10.19 37.15
CA PHE C 698 -22.60 11.11 38.23
C PHE C 698 -22.71 10.40 39.57
N GLU C 699 -23.45 9.30 39.59
CA GLU C 699 -23.63 8.54 40.80
C GLU C 699 -22.29 8.10 41.39
N LEU C 700 -21.44 7.50 40.55
CA LEU C 700 -20.12 7.05 41.00
C LEU C 700 -19.39 8.13 41.80
N THR C 701 -19.64 9.39 41.48
CA THR C 701 -18.97 10.51 42.18
C THR C 701 -19.46 10.66 43.60
N ALA C 702 -20.71 10.28 43.83
CA ALA C 702 -21.28 10.42 45.16
C ALA C 702 -21.05 9.22 46.05
N LEU C 703 -20.49 8.16 45.48
CA LEU C 703 -20.26 6.94 46.23
C LEU C 703 -19.73 7.15 47.62
N GLY C 704 -19.93 6.14 48.45
CA GLY C 704 -19.47 6.21 49.82
C GLY C 704 -18.13 5.50 49.99
N LEU C 705 -17.08 6.12 49.44
CA LEU C 705 -15.74 5.58 49.53
C LEU C 705 -14.81 6.60 50.20
N PRO C 706 -13.93 6.15 51.10
CA PRO C 706 -12.99 6.99 51.82
C PRO C 706 -11.87 7.63 51.01
N ARG C 707 -11.35 6.92 50.03
CA ARG C 707 -10.27 7.46 49.22
C ARG C 707 -10.77 7.85 47.84
N LEU C 708 -11.93 8.49 47.78
CA LEU C 708 -12.50 8.89 46.50
C LEU C 708 -12.38 10.38 46.26
N LYS C 709 -11.70 10.75 45.18
CA LYS C 709 -11.51 12.17 44.85
C LYS C 709 -12.33 12.47 43.59
N ASN C 710 -12.67 13.74 43.38
CA ASN C 710 -13.48 14.13 42.22
C ASN C 710 -12.89 15.26 41.41
N LEU C 711 -12.91 15.11 40.09
CA LEU C 711 -12.40 16.12 39.17
C LEU C 711 -13.40 16.26 38.02
N HIS C 712 -13.37 17.43 37.38
CA HIS C 712 -14.29 17.69 36.28
C HIS C 712 -13.76 18.74 35.30
N VAL C 713 -14.22 18.65 34.07
CA VAL C 713 -13.87 19.62 33.04
C VAL C 713 -15.19 20.33 32.81
N ALA C 714 -15.17 21.50 32.17
CA ALA C 714 -16.45 22.18 32.01
C ALA C 714 -16.71 22.89 30.69
N ALA C 715 -17.94 23.34 30.54
CA ALA C 715 -18.37 24.06 29.37
C ALA C 715 -19.06 25.33 29.82
N ARG C 716 -19.03 26.35 28.98
CA ARG C 716 -19.67 27.61 29.31
C ARG C 716 -20.58 27.97 28.16
N GLU C 717 -21.88 27.94 28.40
CA GLU C 717 -22.84 28.27 27.37
C GLU C 717 -22.68 29.77 27.14
N GLU C 718 -22.10 30.13 26.01
CA GLU C 718 -21.85 31.54 25.69
C GLU C 718 -22.41 31.96 24.33
N ALA C 719 -22.14 33.21 23.96
CA ALA C 719 -22.58 33.79 22.71
C ALA C 719 -22.99 32.73 21.67
N GLY C 720 -22.00 32.11 21.03
CA GLY C 720 -22.29 31.09 20.04
C GLY C 720 -22.37 29.67 20.58
N GLY C 721 -23.37 29.41 21.41
CA GLY C 721 -23.55 28.08 21.97
C GLY C 721 -22.71 27.71 23.19
N LEU C 722 -22.04 26.58 23.11
CA LEU C 722 -21.20 26.07 24.19
C LEU C 722 -19.74 26.12 23.82
N VAL C 723 -18.93 26.60 24.75
CA VAL C 723 -17.49 26.66 24.53
C VAL C 723 -16.84 25.77 25.57
N PHE C 724 -16.06 24.81 25.11
CA PHE C 724 -15.37 23.91 26.04
C PHE C 724 -13.96 24.37 26.38
N TYR C 725 -13.72 24.61 27.66
CA TYR C 725 -12.40 24.99 28.13
C TYR C 725 -11.77 23.68 28.60
N HIS C 726 -10.47 23.66 28.85
CA HIS C 726 -9.84 22.42 29.25
C HIS C 726 -9.28 22.39 30.66
N GLN C 727 -9.63 23.35 31.50
CA GLN C 727 -9.13 23.34 32.86
C GLN C 727 -9.73 22.13 33.54
N VAL C 728 -8.90 21.30 34.16
CA VAL C 728 -9.40 20.14 34.86
C VAL C 728 -9.59 20.61 36.29
N LEU C 729 -10.74 21.19 36.56
CA LEU C 729 -11.07 21.72 37.87
C LEU C 729 -11.48 20.68 38.92
N PRO C 730 -11.23 20.98 40.20
CA PRO C 730 -11.55 20.10 41.31
C PRO C 730 -13.03 20.06 41.59
N GLY C 731 -13.51 18.92 42.06
CA GLY C 731 -14.92 18.78 42.35
C GLY C 731 -15.61 18.05 41.22
N PRO C 732 -16.83 17.55 41.42
CA PRO C 732 -17.53 16.85 40.35
C PRO C 732 -18.24 17.76 39.33
N ALA C 733 -18.62 17.17 38.20
CA ALA C 733 -19.34 17.91 37.18
C ALA C 733 -20.75 18.12 37.72
N SER C 734 -21.27 19.32 37.51
CA SER C 734 -22.60 19.70 38.00
C SER C 734 -23.74 19.13 37.15
N LYS C 735 -23.72 19.42 35.87
CA LYS C 735 -24.76 18.92 34.99
C LYS C 735 -24.21 18.33 33.71
N SER C 736 -25.07 17.64 32.96
CA SER C 736 -24.70 17.06 31.68
C SER C 736 -25.13 18.04 30.58
N TYR C 737 -24.35 18.12 29.50
CA TYR C 737 -24.66 19.03 28.38
C TYR C 737 -25.18 18.33 27.11
N GLY C 738 -25.76 17.14 27.27
CA GLY C 738 -26.29 16.39 26.14
C GLY C 738 -27.29 17.17 25.30
N VAL C 739 -28.44 17.47 25.87
CA VAL C 739 -29.46 18.21 25.16
C VAL C 739 -28.86 19.47 24.50
N GLU C 740 -28.02 20.17 25.24
CA GLU C 740 -27.38 21.37 24.74
C GLU C 740 -26.57 21.04 23.49
N VAL C 741 -25.83 19.94 23.53
CA VAL C 741 -25.01 19.55 22.39
C VAL C 741 -25.92 19.17 21.25
N ALA C 742 -26.89 18.30 21.52
CA ALA C 742 -27.85 17.87 20.51
C ALA C 742 -28.30 19.12 19.79
N ALA C 743 -28.75 20.11 20.55
CA ALA C 743 -29.23 21.36 20.00
C ALA C 743 -28.16 21.91 19.07
N ALA C 745 -25.97 20.43 17.70
CA ALA C 745 -25.86 19.51 16.58
C ALA C 745 -26.89 19.76 15.50
N GLY C 746 -27.85 20.65 15.78
CA GLY C 746 -28.89 20.97 14.82
C GLY C 746 -30.25 20.38 15.08
N LEU C 747 -30.40 19.56 16.12
CA LEU C 747 -31.70 18.95 16.43
C LEU C 747 -32.79 20.01 16.37
N PRO C 748 -33.94 19.67 15.74
CA PRO C 748 -35.04 20.63 15.64
C PRO C 748 -35.35 21.24 17.02
N LYS C 749 -35.51 22.56 17.06
CA LYS C 749 -35.79 23.27 18.31
C LYS C 749 -36.97 22.74 19.13
N GLU C 750 -38.01 22.23 18.47
CA GLU C 750 -39.17 21.71 19.21
C GLU C 750 -38.79 20.41 19.87
N VAL C 751 -38.03 19.60 19.15
CA VAL C 751 -37.60 18.30 19.65
C VAL C 751 -36.72 18.46 20.87
N VAL C 752 -35.85 19.45 20.85
CA VAL C 752 -34.95 19.71 21.98
C VAL C 752 -35.76 20.19 23.18
N ALA C 753 -36.63 21.18 22.94
CA ALA C 753 -37.47 21.77 23.99
C ALA C 753 -38.29 20.69 24.69
N ARG C 754 -38.71 19.69 23.91
CA ARG C 754 -39.48 18.58 24.45
C ARG C 754 -38.56 17.76 25.35
N ALA C 755 -37.29 17.69 24.96
CA ALA C 755 -36.29 16.96 25.72
C ALA C 755 -36.03 17.68 27.05
N ARG C 756 -35.93 19.01 27.01
CA ARG C 756 -35.68 19.80 28.23
C ARG C 756 -36.81 19.63 29.22
N ALA C 757 -38.03 19.54 28.69
CA ALA C 757 -39.22 19.37 29.51
C ALA C 757 -39.21 17.97 30.16
N LEU C 758 -38.70 16.99 29.43
CA LEU C 758 -38.64 15.65 29.96
C LEU C 758 -37.56 15.56 31.04
N LEU C 759 -36.43 16.23 30.80
CA LEU C 759 -35.35 16.23 31.78
C LEU C 759 -35.83 16.85 33.09
N GLN C 760 -36.51 17.98 32.99
CA GLN C 760 -37.03 18.72 34.13
C GLN C 760 -38.18 18.01 34.81
N ALA C 761 -38.84 17.13 34.06
CA ALA C 761 -39.95 16.37 34.63
C ALA C 761 -39.38 15.24 35.49
N ALA C 763 -36.54 15.20 36.75
CA ALA C 763 -35.80 15.82 37.84
C ALA C 763 -36.73 16.02 39.01
N ALA C 764 -37.98 16.37 38.73
CA ALA C 764 -38.99 16.60 39.76
C ALA C 764 -39.33 15.34 40.53
N ARG C 765 -38.69 14.23 40.18
CA ARG C 765 -38.93 12.95 40.82
C ARG C 765 -40.34 12.45 40.54
N GLU D 2 10.48 28.24 -16.35
CA GLU D 2 10.34 27.94 -17.77
C GLU D 2 11.70 27.94 -18.44
N GLY D 3 11.98 26.90 -19.24
CA GLY D 3 13.26 26.81 -19.91
C GLY D 3 14.40 26.41 -18.97
N LEU D 5 16.15 23.82 -16.31
CA LEU D 5 16.20 22.42 -15.93
C LEU D 5 17.13 22.35 -14.74
N LYS D 6 16.77 21.50 -13.79
CA LYS D 6 17.56 21.33 -12.58
C LYS D 6 18.79 20.50 -12.93
N GLY D 7 19.91 21.19 -13.16
CA GLY D 7 21.15 20.51 -13.51
C GLY D 7 22.40 21.35 -13.29
N GLU D 8 23.54 20.86 -13.78
CA GLU D 8 24.80 21.58 -13.61
C GLU D 8 25.45 21.88 -14.96
N GLY D 9 25.97 23.09 -15.11
CA GLY D 9 26.60 23.47 -16.36
C GLY D 9 25.92 24.70 -16.95
N PRO D 10 26.65 25.50 -17.72
CA PRO D 10 26.12 26.71 -18.34
C PRO D 10 25.30 26.44 -19.61
N GLY D 11 26.01 26.37 -20.72
CA GLY D 11 25.46 26.13 -22.05
C GLY D 11 24.01 25.76 -22.13
N PRO D 12 23.32 26.19 -23.20
CA PRO D 12 21.90 25.94 -23.46
C PRO D 12 21.49 24.48 -23.38
N LEU D 13 20.18 24.26 -23.34
CA LEU D 13 19.66 22.92 -23.31
C LEU D 13 19.94 22.32 -24.69
N PRO D 14 20.55 21.13 -24.73
CA PRO D 14 20.85 20.48 -26.01
C PRO D 14 19.53 20.40 -26.79
N PRO D 15 19.57 20.06 -28.08
CA PRO D 15 18.33 19.99 -28.86
C PRO D 15 17.23 19.16 -28.20
N LEU D 16 17.57 17.92 -27.81
CA LEU D 16 16.60 17.03 -27.17
C LEU D 16 15.96 17.62 -25.93
N LEU D 17 16.75 17.83 -24.87
CA LEU D 17 16.22 18.40 -23.63
C LEU D 17 15.50 19.71 -23.88
N GLN D 18 15.86 20.40 -24.95
CA GLN D 18 15.19 21.65 -25.23
C GLN D 18 13.75 21.31 -25.55
N GLN D 19 13.56 20.29 -26.36
CA GLN D 19 12.22 19.86 -26.75
C GLN D 19 11.46 19.50 -25.49
N TYR D 20 12.03 18.60 -24.71
CA TYR D 20 11.46 18.15 -23.46
C TYR D 20 10.92 19.30 -22.60
N VAL D 21 11.77 20.27 -22.31
CA VAL D 21 11.36 21.40 -21.48
C VAL D 21 10.25 22.24 -22.13
N GLU D 22 10.15 22.19 -23.45
CA GLU D 22 9.12 22.96 -24.16
C GLU D 22 7.74 22.39 -23.87
N LEU D 23 7.63 21.06 -23.83
CA LEU D 23 6.37 20.42 -23.54
C LEU D 23 6.16 20.46 -22.04
N ARG D 24 7.16 20.02 -21.30
CA ARG D 24 7.10 20.00 -19.85
C ARG D 24 6.45 21.29 -19.35
N ASP D 25 6.82 22.39 -19.98
CA ASP D 25 6.31 23.70 -19.59
C ASP D 25 4.89 23.99 -20.00
N GLN D 26 4.38 23.19 -20.93
CA GLN D 26 3.03 23.39 -21.38
C GLN D 26 2.03 22.76 -20.42
N TYR D 27 2.39 21.65 -19.78
CA TYR D 27 1.45 21.05 -18.85
C TYR D 27 1.98 21.02 -17.43
N PRO D 28 2.30 22.20 -16.89
CA PRO D 28 2.83 22.43 -15.54
C PRO D 28 2.34 21.54 -14.38
N ASP D 29 1.02 21.43 -14.20
CA ASP D 29 0.51 20.62 -13.10
C ASP D 29 0.63 19.11 -13.29
N TYR D 30 1.22 18.70 -14.42
CA TYR D 30 1.38 17.28 -14.74
C TYR D 30 2.84 16.82 -14.76
N LEU D 31 3.05 15.52 -14.59
CA LEU D 31 4.38 14.95 -14.64
C LEU D 31 4.56 14.50 -16.10
N LEU D 32 5.42 15.20 -16.83
CA LEU D 32 5.65 14.89 -18.24
C LEU D 32 6.56 13.69 -18.48
N LEU D 33 6.01 12.67 -19.12
CA LEU D 33 6.75 11.46 -19.46
C LEU D 33 7.14 11.53 -20.94
N PHE D 34 8.43 11.73 -21.16
CA PHE D 34 9.03 11.89 -22.49
C PHE D 34 9.54 10.59 -23.09
N GLN D 35 9.18 10.32 -24.35
CA GLN D 35 9.64 9.10 -25.00
C GLN D 35 11.03 9.28 -25.60
N VAL D 36 11.88 8.31 -25.31
CA VAL D 36 13.25 8.29 -25.78
C VAL D 36 13.55 6.83 -26.07
N GLY D 37 13.33 6.44 -27.32
CA GLY D 37 13.58 5.06 -27.68
C GLY D 37 12.52 4.13 -27.13
N ASP D 38 12.90 3.21 -26.24
CA ASP D 38 11.95 2.27 -25.68
C ASP D 38 11.62 2.61 -24.25
N PHE D 39 11.80 3.88 -23.90
CA PHE D 39 11.54 4.32 -22.53
C PHE D 39 10.83 5.65 -22.45
N TYR D 40 10.24 5.87 -21.30
CA TYR D 40 9.58 7.13 -21.00
C TYR D 40 10.55 7.74 -20.01
N GLU D 41 11.00 8.95 -20.33
CA GLU D 41 11.98 9.64 -19.51
C GLU D 41 11.50 10.91 -18.84
N CYS D 42 12.14 11.22 -17.73
CA CYS D 42 11.87 12.40 -16.93
C CYS D 42 13.23 13.02 -16.63
N PHE D 43 13.30 14.35 -16.67
CA PHE D 43 14.58 15.00 -16.41
C PHE D 43 14.52 16.05 -15.31
N GLY D 44 15.70 16.46 -14.86
CA GLY D 44 15.78 17.47 -13.82
C GLY D 44 15.11 17.05 -12.52
N GLU D 45 14.38 17.99 -11.93
CA GLU D 45 13.67 17.77 -10.68
C GLU D 45 12.59 16.71 -10.82
N ASP D 46 11.94 16.67 -11.99
CA ASP D 46 10.88 15.69 -12.23
C ASP D 46 11.40 14.27 -12.22
N ALA D 47 12.62 14.10 -12.71
CA ALA D 47 13.23 12.79 -12.74
C ALA D 47 13.47 12.31 -11.31
N GLU D 48 13.75 13.27 -10.43
CA GLU D 48 14.01 12.96 -9.04
C GLU D 48 12.71 12.48 -8.39
N ARG D 49 11.59 13.05 -8.81
CA ARG D 49 10.32 12.61 -8.25
C ARG D 49 10.00 11.22 -8.75
N LEU D 50 10.00 11.06 -10.07
CA LEU D 50 9.71 9.77 -10.65
C LEU D 50 10.56 8.71 -9.98
N ALA D 51 11.84 9.00 -9.78
CA ALA D 51 12.74 8.05 -9.15
C ALA D 51 12.32 7.78 -7.71
N ARG D 52 11.91 8.84 -7.02
CA ARG D 52 11.49 8.74 -5.63
C ARG D 52 10.24 7.87 -5.52
N ALA D 53 9.14 8.37 -6.07
CA ALA D 53 7.84 7.69 -6.05
C ALA D 53 7.80 6.22 -6.48
N LEU D 54 8.69 5.82 -7.37
CA LEU D 54 8.71 4.43 -7.84
C LEU D 54 9.98 3.71 -7.38
N GLY D 55 10.85 4.47 -6.71
CA GLY D 55 12.11 3.94 -6.25
C GLY D 55 12.91 3.48 -7.45
N LEU D 56 13.23 4.40 -8.35
CA LEU D 56 13.99 4.05 -9.55
C LEU D 56 15.47 4.37 -9.45
N VAL D 57 16.20 4.08 -10.53
CA VAL D 57 17.64 4.31 -10.61
C VAL D 57 17.99 5.70 -11.12
N LEU D 58 18.25 6.64 -10.21
CA LEU D 58 18.62 7.98 -10.64
C LEU D 58 19.97 7.96 -11.36
N THR D 59 19.99 8.61 -12.52
CA THR D 59 21.21 8.69 -13.29
C THR D 59 21.21 10.06 -13.95
N HIS D 60 22.10 10.28 -14.91
CA HIS D 60 22.17 11.58 -15.56
C HIS D 60 22.17 11.57 -17.07
N LYS D 61 21.78 12.71 -17.64
CA LYS D 61 21.74 12.91 -19.08
C LYS D 61 22.82 13.96 -19.26
N THR D 62 23.86 13.60 -20.00
CA THR D 62 24.98 14.53 -20.20
C THR D 62 25.23 14.98 -21.62
N SER D 63 25.57 16.25 -21.73
CA SER D 63 25.90 16.89 -22.99
C SER D 63 27.05 17.78 -22.56
N LYS D 64 27.86 18.24 -23.50
CA LYS D 64 28.99 19.08 -23.16
C LYS D 64 28.71 20.14 -22.09
N ASP D 65 27.78 21.04 -22.35
CA ASP D 65 27.50 22.12 -21.42
C ASP D 65 26.43 21.95 -20.35
N PHE D 66 25.86 20.76 -20.23
CA PHE D 66 24.83 20.56 -19.23
C PHE D 66 24.55 19.10 -18.91
N THR D 67 24.39 18.83 -17.64
CA THR D 67 24.07 17.48 -17.19
C THR D 67 22.94 17.62 -16.19
N THR D 68 21.88 16.87 -16.42
CA THR D 68 20.73 16.90 -15.53
C THR D 68 20.33 15.48 -15.24
N PRO D 69 19.83 15.22 -14.02
CA PRO D 69 19.40 13.88 -13.63
C PRO D 69 18.25 13.35 -14.46
N ALA D 71 15.60 9.65 -15.07
CA ALA D 71 15.06 8.41 -14.53
C ALA D 71 13.93 8.07 -15.48
N GLY D 72 13.68 6.80 -15.71
CA GLY D 72 12.62 6.45 -16.64
C GLY D 72 12.00 5.08 -16.47
N ILE D 73 10.97 4.82 -17.25
CA ILE D 73 10.29 3.54 -17.20
C ILE D 73 10.14 3.03 -18.62
N PRO D 74 10.29 1.72 -18.82
CA PRO D 74 10.16 1.07 -20.13
C PRO D 74 8.84 1.38 -20.82
N LEU D 75 8.92 1.84 -22.06
CA LEU D 75 7.74 2.17 -22.85
C LEU D 75 6.67 1.12 -22.65
N ARG D 76 7.09 -0.14 -22.57
CA ARG D 76 6.19 -1.25 -22.38
C ARG D 76 5.48 -1.13 -21.05
N ALA D 77 6.19 -1.37 -19.94
CA ALA D 77 5.64 -1.32 -18.58
C ALA D 77 4.75 -0.12 -18.25
N PHE D 78 4.71 0.85 -19.16
CA PHE D 78 3.92 2.07 -18.99
C PHE D 78 2.62 1.95 -18.21
N GLU D 79 1.58 1.38 -18.82
CA GLU D 79 0.30 1.28 -18.14
C GLU D 79 0.33 0.68 -16.75
N ALA D 80 1.42 0.03 -16.36
CA ALA D 80 1.50 -0.55 -15.03
C ALA D 80 2.03 0.48 -14.01
N TYR D 81 2.94 1.34 -14.46
CA TYR D 81 3.52 2.38 -13.60
C TYR D 81 2.57 3.56 -13.56
N ALA D 82 1.84 3.73 -14.64
CA ALA D 82 0.87 4.80 -14.74
C ALA D 82 -0.08 4.62 -13.57
N GLU D 83 -0.53 3.39 -13.39
CA GLU D 83 -1.46 3.08 -12.31
C GLU D 83 -0.88 3.42 -10.94
N ARG D 84 0.36 3.00 -10.66
CA ARG D 84 0.95 3.33 -9.36
C ARG D 84 1.06 4.85 -9.22
N LEU D 85 1.56 5.48 -10.28
CA LEU D 85 1.73 6.93 -10.33
C LEU D 85 0.41 7.70 -10.20
N LEU D 86 -0.66 7.17 -10.78
CA LEU D 86 -1.96 7.81 -10.71
C LEU D 86 -2.50 7.71 -9.28
N LYS D 87 -2.42 6.51 -8.71
CA LYS D 87 -2.89 6.26 -7.36
C LYS D 87 -2.18 7.12 -6.35
N GLY D 89 -1.49 10.13 -6.76
CA GLY D 89 -1.88 11.52 -6.92
C GLY D 89 -1.14 12.22 -8.03
N PHE D 90 -0.56 11.45 -8.94
CA PHE D 90 0.15 12.04 -10.07
C PHE D 90 -0.71 12.19 -11.32
N ARG D 91 -0.68 13.37 -11.93
CA ARG D 91 -1.38 13.58 -13.18
C ARG D 91 -0.31 13.40 -14.26
N LEU D 92 -0.62 12.64 -15.30
CA LEU D 92 0.37 12.37 -16.33
C LEU D 92 0.22 12.95 -17.72
N ALA D 93 1.33 13.46 -18.25
CA ALA D 93 1.36 14.03 -19.60
C ALA D 93 2.28 13.13 -20.40
N VAL D 94 1.72 12.48 -21.42
CA VAL D 94 2.52 11.57 -22.23
C VAL D 94 2.99 12.20 -23.53
N ALA D 95 4.29 12.09 -23.77
CA ALA D 95 4.90 12.64 -24.97
C ALA D 95 5.48 11.48 -25.77
N ASP D 96 4.93 11.26 -26.96
CA ASP D 96 5.39 10.19 -27.82
C ASP D 96 6.14 10.72 -29.03
N GLN D 97 7.13 9.96 -29.49
CA GLN D 97 7.93 10.32 -30.66
C GLN D 97 7.10 10.04 -31.89
N VAL D 98 6.56 11.09 -32.51
CA VAL D 98 5.75 10.96 -33.72
C VAL D 98 6.45 9.98 -34.67
N GLU D 99 5.84 8.82 -34.87
CA GLU D 99 6.40 7.79 -35.74
C GLU D 99 7.29 8.40 -36.80
N PRO D 100 8.62 8.16 -36.71
CA PRO D 100 9.61 8.69 -37.65
C PRO D 100 9.06 9.13 -39.00
N VAL D 108 13.35 12.33 -34.44
CA VAL D 108 13.58 13.57 -33.72
C VAL D 108 12.40 14.52 -33.81
N ARG D 109 11.31 14.15 -33.12
CA ARG D 109 10.09 14.95 -33.07
C ARG D 109 9.12 14.34 -32.06
N ARG D 110 8.74 15.12 -31.05
CA ARG D 110 7.84 14.64 -29.99
C ARG D 110 6.71 15.60 -29.61
N GLU D 111 5.58 15.01 -29.21
CA GLU D 111 4.40 15.77 -28.82
C GLU D 111 3.60 15.03 -27.76
N VAL D 112 2.76 15.79 -27.05
CA VAL D 112 1.91 15.25 -25.98
C VAL D 112 0.70 14.48 -26.53
N THR D 113 0.77 13.15 -26.52
CA THR D 113 -0.34 12.37 -27.02
C THR D 113 -1.56 12.42 -26.08
N GLN D 114 -1.43 11.77 -24.93
CA GLN D 114 -2.50 11.70 -23.92
C GLN D 114 -2.25 12.56 -22.69
N LEU D 115 -3.22 12.52 -21.77
CA LEU D 115 -3.16 13.21 -20.49
C LEU D 115 -3.90 12.32 -19.49
N LEU D 116 -3.15 11.48 -18.78
CA LEU D 116 -3.75 10.57 -17.82
C LEU D 116 -4.17 11.23 -16.52
N THR D 117 -5.45 11.13 -16.22
CA THR D 117 -6.04 11.75 -15.05
C THR D 117 -7.06 10.82 -14.40
N PRO D 118 -7.05 10.72 -13.07
CA PRO D 118 -7.98 9.87 -12.31
C PRO D 118 -9.42 9.80 -12.84
N GLY D 119 -10.01 10.95 -13.14
CA GLY D 119 -11.37 10.96 -13.63
C GLY D 119 -11.62 11.19 -15.11
N THR D 120 -10.61 10.94 -15.93
CA THR D 120 -10.74 11.14 -17.35
C THR D 120 -10.09 9.99 -18.11
N LEU D 121 -9.70 8.94 -17.37
CA LEU D 121 -9.04 7.78 -17.98
C LEU D 121 -9.88 7.17 -19.09
N LEU D 122 -9.19 6.86 -20.18
CA LEU D 122 -9.79 6.30 -21.37
C LEU D 122 -9.26 4.88 -21.62
N GLN D 123 -8.09 4.58 -21.09
CA GLN D 123 -7.47 3.27 -21.28
C GLN D 123 -8.12 2.21 -20.43
N GLU D 124 -8.70 1.19 -21.08
CA GLU D 124 -9.37 0.11 -20.37
C GLU D 124 -8.60 -0.54 -19.22
N SER D 125 -7.33 -0.86 -19.42
CA SER D 125 -6.55 -1.50 -18.36
C SER D 125 -6.45 -0.66 -17.10
N LEU D 126 -6.80 0.61 -17.18
CA LEU D 126 -6.73 1.51 -16.04
C LEU D 126 -8.08 1.82 -15.46
N LEU D 127 -9.13 1.27 -16.07
CA LEU D 127 -10.47 1.53 -15.60
C LEU D 127 -11.13 0.32 -14.99
N PRO D 128 -12.10 0.55 -14.10
CA PRO D 128 -12.84 -0.53 -13.44
C PRO D 128 -14.04 -0.81 -14.34
N ARG D 129 -14.75 -1.91 -14.08
CA ARG D 129 -15.94 -2.21 -14.88
C ARG D 129 -16.91 -1.08 -14.66
N GLU D 130 -16.96 -0.63 -13.42
CA GLU D 130 -17.87 0.44 -13.02
C GLU D 130 -17.62 1.76 -13.74
N ALA D 131 -18.55 2.70 -13.60
CA ALA D 131 -18.37 4.00 -14.22
C ALA D 131 -17.27 4.75 -13.50
N ASN D 132 -16.63 5.66 -14.20
CA ASN D 132 -15.53 6.46 -13.66
C ASN D 132 -15.89 7.90 -13.99
N TYR D 133 -16.26 8.66 -12.98
CA TYR D 133 -16.68 10.04 -13.18
C TYR D 133 -15.67 11.14 -12.86
N LEU D 134 -15.86 12.25 -13.56
CA LEU D 134 -15.09 13.47 -13.34
C LEU D 134 -16.23 14.37 -12.91
N ALA D 135 -16.13 14.93 -11.71
CA ALA D 135 -17.18 15.82 -11.20
C ALA D 135 -16.75 17.27 -11.08
N ALA D 136 -17.71 18.16 -11.22
CA ALA D 136 -17.46 19.58 -11.11
C ALA D 136 -18.61 20.13 -10.29
N ILE D 137 -18.27 21.02 -9.37
CA ILE D 137 -19.25 21.66 -8.49
C ILE D 137 -19.09 23.17 -8.63
N ALA D 138 -20.21 23.87 -8.81
CA ALA D 138 -20.17 25.32 -8.94
C ALA D 138 -21.27 25.93 -8.07
N THR D 139 -21.35 27.25 -8.02
CA THR D 139 -22.35 27.92 -7.20
C THR D 139 -23.18 28.95 -7.97
N GLY D 140 -24.36 29.22 -7.43
CA GLY D 140 -25.29 30.18 -7.99
C GLY D 140 -26.51 29.99 -7.13
N ASP D 141 -27.71 29.98 -7.69
CA ASP D 141 -28.87 29.72 -6.85
C ASP D 141 -28.79 28.22 -6.66
N GLY D 142 -28.23 27.81 -5.52
CA GLY D 142 -28.08 26.41 -5.24
C GLY D 142 -26.80 25.88 -5.86
N TRP D 143 -26.44 24.66 -5.50
CA TRP D 143 -25.23 24.02 -6.00
C TRP D 143 -25.39 23.39 -7.38
N GLY D 144 -24.32 23.48 -8.17
CA GLY D 144 -24.32 22.90 -9.50
C GLY D 144 -23.44 21.67 -9.48
N LEU D 145 -24.02 20.50 -9.78
CA LEU D 145 -23.29 19.24 -9.78
C LEU D 145 -23.41 18.67 -11.18
N ALA D 146 -22.28 18.28 -11.78
CA ALA D 146 -22.29 17.68 -13.11
C ALA D 146 -21.26 16.57 -13.17
N PHE D 147 -21.63 15.43 -13.72
CA PHE D 147 -20.70 14.30 -13.83
C PHE D 147 -20.41 13.97 -15.28
N LEU D 148 -19.18 13.51 -15.51
CA LEU D 148 -18.75 13.14 -16.84
C LEU D 148 -17.90 11.88 -16.75
N ASP D 149 -18.09 10.96 -17.69
CA ASP D 149 -17.30 9.73 -17.75
C ASP D 149 -16.78 9.63 -19.17
N VAL D 150 -15.64 10.26 -19.45
CA VAL D 150 -15.07 10.28 -20.79
C VAL D 150 -15.01 8.94 -21.50
N SER D 151 -14.96 7.84 -20.76
CA SER D 151 -14.89 6.54 -21.41
C SER D 151 -16.26 6.04 -21.91
N THR D 152 -17.33 6.66 -21.42
CA THR D 152 -18.66 6.24 -21.81
C THR D 152 -19.46 7.26 -22.59
N GLY D 153 -19.21 8.54 -22.29
CA GLY D 153 -19.95 9.61 -22.94
C GLY D 153 -21.02 10.10 -21.98
N GLU D 154 -21.22 9.37 -20.87
CA GLU D 154 -22.23 9.74 -19.87
C GLU D 154 -21.98 11.16 -19.41
N PHE D 155 -23.02 11.98 -19.51
CA PHE D 155 -22.95 13.39 -19.17
C PHE D 155 -24.22 13.76 -18.43
N LYS D 156 -24.17 13.83 -17.11
CA LYS D 156 -25.37 14.20 -16.38
C LYS D 156 -25.11 15.24 -15.30
N GLY D 157 -26.20 15.83 -14.82
CA GLY D 157 -26.08 16.85 -13.80
C GLY D 157 -27.40 17.19 -13.13
N THR D 158 -27.31 17.98 -12.06
CA THR D 158 -28.48 18.40 -11.33
C THR D 158 -28.12 19.64 -10.54
N VAL D 159 -29.12 20.24 -9.92
CA VAL D 159 -28.94 21.44 -9.11
C VAL D 159 -29.48 21.16 -7.70
N LEU D 160 -28.59 21.20 -6.71
CA LEU D 160 -28.99 20.91 -5.36
C LEU D 160 -29.14 22.16 -4.52
N LYS D 161 -30.13 22.15 -3.63
CA LYS D 161 -30.44 23.27 -2.75
C LYS D 161 -29.59 23.34 -1.52
N SER D 162 -29.24 22.19 -0.95
CA SER D 162 -28.44 22.18 0.26
C SER D 162 -27.07 21.57 0.08
N LYS D 163 -26.09 22.12 0.79
CA LYS D 163 -24.75 21.58 0.70
C LYS D 163 -24.84 20.13 1.17
N SER D 164 -25.83 19.85 2.00
CA SER D 164 -26.03 18.51 2.51
C SER D 164 -26.43 17.56 1.37
N ALA D 165 -27.32 18.02 0.50
CA ALA D 165 -27.78 17.23 -0.63
C ALA D 165 -26.64 17.11 -1.64
N LEU D 166 -25.82 18.15 -1.70
CA LEU D 166 -24.69 18.16 -2.61
C LEU D 166 -23.86 16.95 -2.30
N TYR D 167 -23.28 16.93 -1.10
CA TYR D 167 -22.45 15.82 -0.68
C TYR D 167 -23.09 14.47 -0.96
N ASP D 168 -24.39 14.35 -0.70
CA ASP D 168 -25.04 13.08 -0.98
C ASP D 168 -24.87 12.63 -2.42
N GLU D 169 -25.29 13.48 -3.36
CA GLU D 169 -25.18 13.14 -4.78
C GLU D 169 -23.74 12.90 -5.16
N LEU D 170 -22.85 13.67 -4.57
CA LEU D 170 -21.44 13.52 -4.85
C LEU D 170 -20.99 12.11 -4.37
N PHE D 171 -21.55 11.67 -3.26
CA PHE D 171 -21.17 10.37 -2.72
C PHE D 171 -21.84 9.21 -3.41
N ARG D 172 -23.08 9.38 -3.87
CA ARG D 172 -23.77 8.30 -4.55
C ARG D 172 -22.92 7.86 -5.73
N HIS D 173 -22.28 8.85 -6.34
CA HIS D 173 -21.47 8.64 -7.53
C HIS D 173 -20.01 8.29 -7.39
N ARG D 174 -19.45 8.51 -6.20
CA ARG D 174 -18.04 8.19 -5.98
C ARG D 174 -17.11 8.68 -7.09
N PRO D 175 -17.11 9.99 -7.34
CA PRO D 175 -16.24 10.53 -8.38
C PRO D 175 -14.79 10.12 -8.18
N ALA D 176 -14.02 10.19 -9.26
CA ALA D 176 -12.61 9.85 -9.25
C ALA D 176 -11.77 11.12 -9.16
N GLU D 177 -12.33 12.23 -9.62
CA GLU D 177 -11.65 13.53 -9.62
C GLU D 177 -12.73 14.59 -9.55
N VAL D 178 -12.48 15.63 -8.77
CA VAL D 178 -13.46 16.70 -8.60
C VAL D 178 -12.91 18.04 -9.03
N LEU D 179 -13.77 18.88 -9.56
CA LEU D 179 -13.36 20.21 -9.98
C LEU D 179 -14.22 21.21 -9.24
N LEU D 180 -13.63 21.93 -8.29
CA LEU D 180 -14.39 22.93 -7.55
C LEU D 180 -14.21 24.28 -8.21
N ALA D 181 -15.31 25.00 -8.38
CA ALA D 181 -15.28 26.32 -8.98
C ALA D 181 -14.37 27.22 -8.12
N PRO D 182 -13.95 28.38 -8.64
CA PRO D 182 -13.07 29.28 -7.87
C PRO D 182 -13.67 29.77 -6.54
N GLU D 183 -14.96 30.10 -6.53
CA GLU D 183 -15.59 30.57 -5.30
C GLU D 183 -15.43 29.52 -4.22
N LEU D 184 -15.44 28.26 -4.61
CA LEU D 184 -15.31 27.20 -3.64
C LEU D 184 -13.86 27.00 -3.23
N LEU D 185 -12.93 27.11 -4.17
CA LEU D 185 -11.51 26.92 -3.87
C LEU D 185 -10.94 28.00 -2.96
N GLU D 186 -11.51 29.19 -3.04
CA GLU D 186 -11.05 30.31 -2.24
C GLU D 186 -11.67 30.35 -0.86
N ASN D 187 -12.84 29.72 -0.72
CA ASN D 187 -13.55 29.66 0.55
C ASN D 187 -12.82 28.67 1.46
N GLY D 188 -11.85 29.16 2.22
CA GLY D 188 -11.07 28.30 3.10
C GLY D 188 -11.79 27.30 3.98
N ALA D 189 -13.01 27.59 4.39
CA ALA D 189 -13.74 26.67 5.26
C ALA D 189 -14.32 25.50 4.50
N PHE D 190 -14.91 25.79 3.34
CA PHE D 190 -15.50 24.76 2.51
C PHE D 190 -14.42 23.77 2.08
N LEU D 191 -13.38 24.29 1.46
CA LEU D 191 -12.28 23.47 0.99
C LEU D 191 -11.70 22.64 2.14
N ASP D 192 -11.59 23.26 3.32
CA ASP D 192 -11.06 22.54 4.47
C ASP D 192 -12.00 21.42 4.90
N GLU D 193 -13.28 21.60 4.59
CA GLU D 193 -14.29 20.62 4.92
C GLU D 193 -14.38 19.57 3.81
N PHE D 194 -14.44 20.04 2.57
CA PHE D 194 -14.53 19.16 1.41
C PHE D 194 -13.42 18.12 1.40
N ARG D 195 -12.19 18.54 1.64
CA ARG D 195 -11.10 17.58 1.63
C ARG D 195 -11.32 16.56 2.74
N LYS D 196 -11.54 17.06 3.95
CA LYS D 196 -11.74 16.19 5.09
C LYS D 196 -12.82 15.14 4.82
N ARG D 197 -13.97 15.57 4.33
CA ARG D 197 -15.07 14.64 4.05
C ARG D 197 -14.99 13.90 2.72
N PHE D 198 -14.32 14.49 1.73
CA PHE D 198 -14.19 13.84 0.42
C PHE D 198 -12.73 13.72 -0.03
N PRO D 199 -12.00 12.73 0.52
CA PRO D 199 -10.60 12.56 0.12
C PRO D 199 -10.53 12.11 -1.34
N VAL D 200 -10.36 13.07 -2.24
CA VAL D 200 -10.28 12.78 -3.65
C VAL D 200 -9.49 13.88 -4.32
N LEU D 202 -8.42 16.95 -6.32
CA LEU D 202 -9.10 18.17 -6.71
C LEU D 202 -8.24 18.86 -7.78
N SER D 203 -8.86 19.18 -8.90
CA SER D 203 -8.14 19.82 -9.98
C SER D 203 -8.71 21.19 -10.30
N GLU D 204 -7.87 22.02 -10.92
CA GLU D 204 -8.23 23.37 -11.33
C GLU D 204 -8.81 23.29 -12.73
N ALA D 205 -9.74 24.19 -13.03
CA ALA D 205 -10.34 24.20 -14.36
C ALA D 205 -11.24 25.41 -14.57
N PRO D 206 -11.23 25.97 -15.78
CA PRO D 206 -12.08 27.12 -16.03
C PRO D 206 -13.56 26.75 -15.95
N PHE D 207 -14.37 27.69 -15.45
CA PHE D 207 -15.81 27.46 -15.30
C PHE D 207 -16.69 28.37 -16.12
N GLU D 208 -16.28 28.67 -17.35
CA GLU D 208 -17.10 29.54 -18.19
C GLU D 208 -18.36 28.75 -18.56
N PRO D 209 -19.55 29.28 -18.23
CA PRO D 209 -20.79 28.58 -18.56
C PRO D 209 -20.81 27.92 -19.92
N GLU D 210 -21.66 26.90 -20.05
CA GLU D 210 -21.83 26.12 -21.26
C GLU D 210 -23.30 25.76 -21.34
N GLY D 211 -23.88 25.87 -22.53
CA GLY D 211 -25.28 25.53 -22.71
C GLY D 211 -26.36 26.35 -22.02
N GLU D 212 -27.43 25.65 -21.62
CA GLU D 212 -28.56 26.32 -20.99
C GLU D 212 -28.89 25.82 -19.57
N GLY D 213 -29.97 26.37 -19.02
CA GLY D 213 -30.38 26.02 -17.68
C GLY D 213 -29.68 26.92 -16.67
N PRO D 214 -29.80 26.62 -15.37
CA PRO D 214 -29.18 27.39 -14.29
C PRO D 214 -27.73 27.81 -14.56
N LEU D 215 -27.31 28.92 -13.97
CA LEU D 215 -25.96 29.41 -14.15
C LEU D 215 -24.95 28.45 -13.55
N ALA D 216 -25.25 27.93 -12.36
CA ALA D 216 -24.33 27.01 -11.69
C ALA D 216 -24.14 25.71 -12.47
N LEU D 217 -25.18 25.26 -13.15
CA LEU D 217 -25.03 24.03 -13.91
C LEU D 217 -24.16 24.29 -15.14
N ARG D 218 -24.59 25.21 -16.00
CA ARG D 218 -23.83 25.54 -17.19
C ARG D 218 -22.35 25.71 -16.87
N ARG D 219 -22.06 26.36 -15.75
CA ARG D 219 -20.69 26.60 -15.34
C ARG D 219 -19.95 25.32 -15.01
N ALA D 220 -20.62 24.42 -14.29
CA ALA D 220 -20.00 23.15 -13.91
C ALA D 220 -19.80 22.28 -15.16
N ARG D 221 -20.82 22.31 -16.01
CA ARG D 221 -20.85 21.59 -17.27
C ARG D 221 -19.66 22.07 -18.10
N GLY D 222 -19.43 23.38 -18.10
CA GLY D 222 -18.33 23.92 -18.86
C GLY D 222 -16.98 23.45 -18.35
N ALA D 223 -16.82 23.43 -17.04
CA ALA D 223 -15.57 23.00 -16.43
C ALA D 223 -15.27 21.56 -16.88
N LEU D 224 -16.28 20.69 -16.84
CA LEU D 224 -16.09 19.32 -17.26
C LEU D 224 -15.65 19.32 -18.71
N LEU D 225 -16.47 19.88 -19.58
CA LEU D 225 -16.14 19.93 -20.99
C LEU D 225 -14.75 20.47 -21.27
N ALA D 226 -14.47 21.66 -20.74
CA ALA D 226 -13.17 22.28 -20.99
C ALA D 226 -12.04 21.42 -20.49
N TYR D 227 -12.17 20.88 -19.29
CA TYR D 227 -11.11 20.07 -18.70
C TYR D 227 -10.92 18.73 -19.44
N ALA D 228 -12.01 18.01 -19.66
CA ALA D 228 -11.92 16.71 -20.31
C ALA D 228 -11.37 16.77 -21.73
N GLN D 229 -11.65 17.84 -22.45
CA GLN D 229 -11.13 17.96 -23.81
C GLN D 229 -9.61 18.08 -23.76
N ARG D 230 -9.09 18.86 -22.81
CA ARG D 230 -7.66 19.01 -22.64
C ARG D 230 -7.00 17.62 -22.53
N THR D 231 -7.69 16.72 -21.82
CA THR D 231 -7.25 15.36 -21.60
C THR D 231 -7.26 14.55 -22.89
N GLN D 232 -8.46 14.37 -23.43
CA GLN D 232 -8.66 13.62 -24.66
C GLN D 232 -8.39 14.62 -25.79
N GLY D 233 -7.18 15.18 -25.76
CA GLY D 233 -6.71 16.17 -26.72
C GLY D 233 -7.55 16.50 -27.95
N GLY D 234 -8.77 16.97 -27.73
CA GLY D 234 -9.65 17.29 -28.84
C GLY D 234 -11.09 17.04 -28.48
N ALA D 235 -11.98 17.15 -29.46
CA ALA D 235 -13.40 16.93 -29.24
C ALA D 235 -13.70 15.65 -28.45
N LEU D 236 -14.69 15.76 -27.58
CA LEU D 236 -15.11 14.63 -26.73
C LEU D 236 -16.28 13.94 -27.36
N SER D 237 -16.40 12.66 -27.03
CA SER D 237 -17.51 11.88 -27.52
C SER D 237 -18.44 11.86 -26.33
N LEU D 238 -19.60 12.48 -26.45
CA LEU D 238 -20.52 12.51 -25.33
C LEU D 238 -21.95 12.35 -25.75
N GLN D 239 -22.71 11.66 -24.92
CA GLN D 239 -24.12 11.49 -25.19
C GLN D 239 -24.80 12.71 -24.57
N PRO D 240 -25.98 13.10 -25.08
CA PRO D 240 -26.75 14.25 -24.62
C PRO D 240 -26.73 14.44 -23.10
N PHE D 241 -26.47 15.66 -22.66
CA PHE D 241 -26.44 15.95 -21.24
C PHE D 241 -27.80 15.61 -20.63
N ARG D 242 -27.78 14.87 -19.53
CA ARG D 242 -29.02 14.49 -18.86
C ARG D 242 -29.11 15.25 -17.54
N PHE D 243 -30.12 16.11 -17.42
CA PHE D 243 -30.32 16.86 -16.18
C PHE D 243 -31.29 16.01 -15.39
N TYR D 244 -30.98 15.75 -14.12
CA TYR D 244 -31.88 14.92 -13.33
C TYR D 244 -32.25 15.59 -12.00
N ASP D 245 -33.26 15.02 -11.35
CA ASP D 245 -33.74 15.53 -10.09
C ASP D 245 -33.60 14.45 -9.01
N PRO D 246 -32.81 14.73 -7.97
CA PRO D 246 -32.65 13.71 -6.91
C PRO D 246 -33.98 13.45 -6.22
N GLY D 247 -34.91 14.37 -6.43
CA GLY D 247 -36.21 14.25 -5.82
C GLY D 247 -37.15 13.31 -6.55
N ALA D 248 -36.79 12.90 -7.75
CA ALA D 248 -37.65 11.99 -8.50
C ALA D 248 -37.39 10.54 -8.14
N PHE D 249 -36.41 10.30 -7.27
CA PHE D 249 -36.07 8.95 -6.85
C PHE D 249 -36.13 8.82 -5.35
N ARG D 251 -34.73 8.64 -1.86
CA ARG D 251 -33.54 9.26 -1.31
C ARG D 251 -32.64 8.22 -0.64
N LEU D 252 -31.35 8.28 -0.95
CA LEU D 252 -30.35 7.37 -0.41
C LEU D 252 -29.14 8.18 -0.02
N PRO D 253 -29.17 8.77 1.17
CA PRO D 253 -28.07 9.58 1.66
C PRO D 253 -26.79 8.83 2.05
N GLU D 254 -25.66 9.53 2.05
CA GLU D 254 -24.39 8.93 2.40
C GLU D 254 -24.45 8.10 3.68
N ALA D 255 -25.24 8.53 4.66
CA ALA D 255 -25.35 7.82 5.92
C ALA D 255 -25.96 6.44 5.68
N THR D 256 -26.97 6.40 4.84
CA THR D 256 -27.64 5.15 4.52
C THR D 256 -26.78 4.26 3.61
N LEU D 257 -26.09 4.87 2.63
CA LEU D 257 -25.28 4.09 1.74
C LEU D 257 -24.18 3.37 2.48
N ARG D 258 -23.61 4.05 3.47
CA ARG D 258 -22.52 3.49 4.29
C ARG D 258 -23.06 2.50 5.32
N ALA D 259 -24.08 2.94 6.05
CA ALA D 259 -24.68 2.10 7.07
C ALA D 259 -25.15 0.76 6.49
N LEU D 260 -25.70 0.82 5.29
CA LEU D 260 -26.21 -0.37 4.62
C LEU D 260 -25.19 -1.05 3.76
N GLU D 261 -24.02 -0.43 3.60
CA GLU D 261 -22.97 -1.02 2.77
C GLU D 261 -23.48 -1.39 1.39
N VAL D 262 -24.19 -0.49 0.75
CA VAL D 262 -24.71 -0.76 -0.58
C VAL D 262 -23.57 -1.02 -1.55
N PHE D 263 -22.60 -0.11 -1.57
CA PHE D 263 -21.46 -0.21 -2.47
C PHE D 263 -20.12 -0.54 -1.83
N GLU D 264 -19.86 -0.02 -0.62
CA GLU D 264 -18.59 -0.30 0.05
C GLU D 264 -18.77 -0.82 1.47
N PRO D 265 -18.00 -1.85 1.84
CA PRO D 265 -18.06 -2.46 3.17
C PRO D 265 -17.37 -1.63 4.22
N LEU D 266 -17.78 -1.80 5.46
CA LEU D 266 -17.19 -1.09 6.59
C LEU D 266 -15.91 -1.86 6.92
N ARG D 267 -15.32 -2.46 5.88
CA ARG D 267 -14.13 -3.30 5.98
C ARG D 267 -14.67 -4.62 6.54
N GLY D 268 -14.36 -5.71 5.86
CA GLY D 268 -14.85 -7.01 6.24
C GLY D 268 -15.82 -7.26 5.11
N GLN D 269 -15.24 -7.44 3.93
CA GLN D 269 -15.92 -7.63 2.65
C GLN D 269 -17.41 -8.00 2.51
N ASP D 270 -17.85 -7.97 1.26
CA ASP D 270 -19.21 -8.26 0.87
C ASP D 270 -20.13 -7.08 1.05
N THR D 271 -20.64 -6.60 -0.08
CA THR D 271 -21.54 -5.47 -0.12
C THR D 271 -22.85 -5.99 -0.66
N LEU D 272 -23.89 -5.17 -0.54
CA LEU D 272 -25.18 -5.55 -1.06
C LEU D 272 -24.90 -5.76 -2.53
N PHE D 273 -24.12 -4.85 -3.10
CA PHE D 273 -23.77 -4.93 -4.50
C PHE D 273 -23.01 -6.19 -4.94
N SER D 274 -21.98 -6.61 -4.22
CA SER D 274 -21.25 -7.80 -4.65
C SER D 274 -22.17 -9.03 -4.65
N VAL D 275 -22.90 -9.20 -3.56
CA VAL D 275 -23.84 -10.29 -3.42
C VAL D 275 -24.83 -10.26 -4.57
N LEU D 276 -25.39 -9.08 -4.77
CA LEU D 276 -26.40 -8.86 -5.78
C LEU D 276 -25.85 -8.92 -7.19
N ASP D 277 -24.70 -8.29 -7.42
CA ASP D 277 -24.13 -8.26 -8.75
C ASP D 277 -23.73 -9.63 -9.27
N GLU D 278 -24.31 -9.98 -10.41
CA GLU D 278 -24.08 -11.25 -11.08
C GLU D 278 -24.08 -11.02 -12.59
N THR D 279 -23.87 -9.77 -13.00
CA THR D 279 -23.86 -9.47 -14.43
C THR D 279 -22.64 -10.05 -15.12
N ARG D 280 -22.74 -10.15 -16.44
CA ARG D 280 -21.67 -10.70 -17.23
C ARG D 280 -20.90 -9.69 -18.08
N THR D 281 -21.45 -8.49 -18.23
CA THR D 281 -20.79 -7.45 -19.01
C THR D 281 -20.64 -6.20 -18.15
N ALA D 282 -19.77 -5.29 -18.59
CA ALA D 282 -19.55 -4.03 -17.87
C ALA D 282 -20.78 -3.15 -18.01
N PRO D 283 -21.27 -2.96 -19.24
CA PRO D 283 -22.47 -2.13 -19.35
C PRO D 283 -23.53 -2.61 -18.36
N GLY D 284 -23.64 -3.92 -18.20
CA GLY D 284 -24.62 -4.48 -17.27
C GLY D 284 -24.33 -4.06 -15.84
N ARG D 285 -23.09 -4.29 -15.41
CA ARG D 285 -22.68 -3.93 -14.08
C ARG D 285 -22.99 -2.44 -13.85
N ARG D 286 -22.72 -1.63 -14.86
CA ARG D 286 -22.95 -0.19 -14.76
C ARG D 286 -24.44 0.11 -14.64
N LEU D 287 -25.25 -0.57 -15.45
CA LEU D 287 -26.69 -0.38 -15.42
C LEU D 287 -27.25 -0.67 -14.02
N LEU D 288 -26.94 -1.86 -13.51
CA LEU D 288 -27.40 -2.29 -12.19
C LEU D 288 -26.94 -1.34 -11.10
N GLN D 289 -25.70 -0.90 -11.18
CA GLN D 289 -25.17 0.01 -10.19
C GLN D 289 -26.01 1.27 -10.25
N SER D 290 -26.27 1.72 -11.47
CA SER D 290 -27.07 2.91 -11.70
C SER D 290 -28.42 2.82 -10.99
N TRP D 291 -29.03 1.63 -11.03
CA TRP D 291 -30.32 1.39 -10.41
C TRP D 291 -30.20 1.45 -8.90
N LEU D 292 -29.24 0.72 -8.35
CA LEU D 292 -29.00 0.73 -6.92
C LEU D 292 -28.77 2.18 -6.46
N ARG D 293 -28.11 2.97 -7.30
CA ARG D 293 -27.81 4.36 -6.98
C ARG D 293 -29.09 5.21 -6.83
N HIS D 294 -30.06 4.97 -7.70
CA HIS D 294 -31.32 5.73 -7.66
C HIS D 294 -32.58 4.87 -7.71
N PRO D 295 -33.04 4.33 -6.57
CA PRO D 295 -34.25 3.50 -6.52
C PRO D 295 -35.48 4.29 -6.95
N LEU D 296 -36.47 3.59 -7.49
CA LEU D 296 -37.67 4.21 -8.01
C LEU D 296 -38.79 4.43 -6.99
N LEU D 297 -39.65 5.40 -7.30
CA LEU D 297 -40.81 5.74 -6.48
C LEU D 297 -42.03 5.13 -7.14
N ASP D 298 -42.12 5.40 -8.44
CA ASP D 298 -43.22 4.96 -9.27
C ASP D 298 -43.36 3.44 -9.45
N ARG D 299 -44.55 2.94 -9.14
CA ARG D 299 -44.87 1.53 -9.26
C ARG D 299 -44.92 1.03 -10.73
N GLY D 300 -45.29 1.91 -11.65
CA GLY D 300 -45.35 1.52 -13.04
C GLY D 300 -44.03 0.90 -13.48
N PRO D 301 -42.96 1.70 -13.51
CA PRO D 301 -41.66 1.18 -13.91
C PRO D 301 -41.19 -0.01 -13.08
N LEU D 302 -41.32 0.09 -11.76
CA LEU D 302 -40.87 -0.99 -10.89
C LEU D 302 -41.51 -2.33 -11.25
N GLU D 303 -42.81 -2.30 -11.49
CA GLU D 303 -43.54 -3.50 -11.83
C GLU D 303 -43.09 -3.99 -13.21
N ALA D 304 -42.70 -3.06 -14.06
CA ALA D 304 -42.23 -3.42 -15.38
C ALA D 304 -40.89 -4.13 -15.19
N ARG D 305 -40.02 -3.59 -14.36
CA ARG D 305 -38.74 -4.27 -14.14
C ARG D 305 -38.95 -5.65 -13.54
N LEU D 306 -39.85 -5.75 -12.56
CA LEU D 306 -40.12 -7.03 -11.94
C LEU D 306 -40.70 -7.99 -12.98
N ASP D 307 -41.48 -7.45 -13.91
CA ASP D 307 -42.02 -8.30 -14.96
C ASP D 307 -40.89 -8.90 -15.78
N ARG D 308 -39.94 -8.06 -16.18
CA ARG D 308 -38.81 -8.52 -16.97
C ARG D 308 -38.01 -9.59 -16.26
N VAL D 309 -37.79 -9.37 -14.96
CA VAL D 309 -37.05 -10.29 -14.10
C VAL D 309 -37.72 -11.64 -14.01
N GLU D 310 -39.03 -11.62 -13.82
CA GLU D 310 -39.82 -12.85 -13.73
C GLU D 310 -39.72 -13.59 -15.05
N GLY D 311 -39.69 -12.84 -16.15
CA GLY D 311 -39.57 -13.48 -17.45
C GLY D 311 -38.46 -14.50 -17.39
N PHE D 312 -37.27 -14.07 -16.97
CA PHE D 312 -36.11 -14.96 -16.89
C PHE D 312 -36.16 -15.99 -15.78
N VAL D 313 -36.94 -15.73 -14.73
CA VAL D 313 -37.07 -16.70 -13.65
C VAL D 313 -37.84 -17.88 -14.21
N ARG D 314 -38.77 -17.58 -15.12
CA ARG D 314 -39.55 -18.62 -15.78
C ARG D 314 -38.65 -19.29 -16.83
N GLU D 315 -38.34 -18.55 -17.89
CA GLU D 315 -37.52 -19.06 -18.98
C GLU D 315 -36.07 -19.43 -18.64
N GLY D 316 -35.91 -20.42 -17.77
CA GLY D 316 -34.58 -20.85 -17.39
C GLY D 316 -33.68 -21.13 -18.57
N ALA D 317 -34.20 -21.83 -19.57
CA ALA D 317 -33.42 -22.16 -20.77
C ALA D 317 -32.89 -20.90 -21.43
N LEU D 318 -33.73 -19.88 -21.47
CA LEU D 318 -33.38 -18.61 -22.07
C LEU D 318 -32.37 -17.91 -21.18
N ARG D 319 -32.70 -17.82 -19.89
CA ARG D 319 -31.83 -17.18 -18.92
C ARG D 319 -30.42 -17.77 -19.02
N GLU D 320 -30.32 -19.09 -18.90
CA GLU D 320 -29.04 -19.77 -18.97
C GLU D 320 -28.32 -19.61 -20.32
N GLY D 321 -29.10 -19.53 -21.39
CA GLY D 321 -28.54 -19.37 -22.72
C GLY D 321 -28.00 -17.98 -22.95
N VAL D 322 -28.58 -17.00 -22.28
CA VAL D 322 -28.14 -15.64 -22.44
C VAL D 322 -26.93 -15.34 -21.57
N ARG D 323 -26.93 -15.88 -20.36
CA ARG D 323 -25.80 -15.64 -19.48
C ARG D 323 -24.55 -16.33 -20.00
N ARG D 324 -24.75 -17.40 -20.77
CA ARG D 324 -23.62 -18.13 -21.36
C ARG D 324 -22.98 -17.31 -22.48
N LEU D 325 -23.80 -16.83 -23.39
CA LEU D 325 -23.33 -16.03 -24.52
C LEU D 325 -22.66 -14.75 -24.08
N LEU D 326 -23.18 -14.12 -23.03
CA LEU D 326 -22.61 -12.87 -22.55
C LEU D 326 -21.31 -13.00 -21.79
N TYR D 327 -20.93 -14.23 -21.42
CA TYR D 327 -19.70 -14.44 -20.68
C TYR D 327 -18.48 -13.85 -21.35
N ARG D 328 -17.91 -12.86 -20.69
CA ARG D 328 -16.72 -12.15 -21.15
C ARG D 328 -16.92 -11.27 -22.40
N LEU D 329 -18.15 -11.19 -22.90
CA LEU D 329 -18.48 -10.37 -24.06
C LEU D 329 -17.89 -8.98 -23.78
N ALA D 330 -17.26 -8.36 -24.78
CA ALA D 330 -16.63 -7.06 -24.54
C ALA D 330 -17.58 -5.93 -24.20
N ASP D 331 -17.00 -4.80 -23.79
CA ASP D 331 -17.73 -3.59 -23.43
C ASP D 331 -17.99 -2.72 -24.66
N LEU D 332 -19.02 -3.06 -25.42
CA LEU D 332 -19.34 -2.31 -26.62
C LEU D 332 -19.47 -0.79 -26.45
N GLU D 333 -19.99 -0.33 -25.31
CA GLU D 333 -20.13 1.11 -25.11
C GLU D 333 -18.75 1.77 -25.06
N ARG D 334 -17.84 1.24 -24.26
CA ARG D 334 -16.54 1.87 -24.22
C ARG D 334 -15.86 1.74 -25.57
N LEU D 335 -15.97 0.57 -26.18
CA LEU D 335 -15.35 0.35 -27.46
C LEU D 335 -15.84 1.39 -28.44
N ALA D 336 -17.14 1.61 -28.45
CA ALA D 336 -17.72 2.59 -29.34
C ALA D 336 -17.05 3.95 -29.13
N THR D 337 -16.94 4.36 -27.87
CA THR D 337 -16.33 5.63 -27.52
C THR D 337 -14.89 5.79 -28.01
N ARG D 338 -14.09 4.74 -27.86
CA ARG D 338 -12.70 4.79 -28.29
C ARG D 338 -12.65 4.97 -29.81
N LEU D 339 -13.57 4.32 -30.53
CA LEU D 339 -13.61 4.45 -31.98
C LEU D 339 -13.97 5.89 -32.32
N GLU D 340 -14.99 6.42 -31.66
CA GLU D 340 -15.43 7.79 -31.91
C GLU D 340 -14.29 8.78 -31.60
N LEU D 341 -13.51 8.52 -30.56
CA LEU D 341 -12.40 9.39 -30.18
C LEU D 341 -11.21 9.18 -31.08
N GLY D 342 -11.29 8.18 -31.95
CA GLY D 342 -10.18 7.86 -32.83
C GLY D 342 -9.03 7.23 -32.07
N ARG D 343 -9.35 6.44 -31.05
CA ARG D 343 -8.31 5.80 -30.23
C ARG D 343 -8.30 4.27 -30.25
N ALA D 344 -9.23 3.66 -30.98
CA ALA D 344 -9.30 2.20 -31.05
C ALA D 344 -8.03 1.53 -31.58
N SER D 345 -7.55 0.56 -30.82
CA SER D 345 -6.33 -0.18 -31.15
C SER D 345 -6.69 -1.33 -32.07
N PRO D 346 -5.70 -1.88 -32.76
CA PRO D 346 -6.04 -3.01 -33.63
C PRO D 346 -6.61 -4.12 -32.71
N LYS D 347 -6.01 -4.26 -31.53
CA LYS D 347 -6.48 -5.26 -30.59
C LYS D 347 -7.96 -5.00 -30.31
N ASP D 348 -8.35 -3.72 -30.29
CA ASP D 348 -9.74 -3.38 -30.05
C ASP D 348 -10.62 -3.93 -31.15
N LEU D 349 -10.27 -3.63 -32.39
CA LEU D 349 -11.04 -4.12 -33.52
C LEU D 349 -11.18 -5.63 -33.46
N GLY D 350 -10.17 -6.30 -32.95
CA GLY D 350 -10.22 -7.75 -32.87
C GLY D 350 -11.25 -8.18 -31.83
N ALA D 351 -11.26 -7.46 -30.70
CA ALA D 351 -12.19 -7.78 -29.64
C ALA D 351 -13.60 -7.51 -30.16
N LEU D 352 -13.73 -6.44 -30.94
CA LEU D 352 -15.00 -6.08 -31.52
C LEU D 352 -15.52 -7.22 -32.41
N ARG D 353 -14.66 -7.74 -33.28
CA ARG D 353 -15.15 -8.79 -34.17
C ARG D 353 -15.62 -10.00 -33.39
N ARG D 354 -14.92 -10.35 -32.32
CA ARG D 354 -15.33 -11.49 -31.50
C ARG D 354 -16.73 -11.20 -31.00
N SER D 355 -16.93 -9.99 -30.49
CA SER D 355 -18.22 -9.62 -29.97
C SER D 355 -19.30 -9.71 -31.04
N LEU D 356 -18.99 -9.20 -32.23
CA LEU D 356 -19.94 -9.25 -33.32
C LEU D 356 -20.30 -10.65 -33.72
N GLN D 357 -19.34 -11.56 -33.59
CA GLN D 357 -19.58 -12.96 -33.94
C GLN D 357 -20.60 -13.57 -33.00
N ILE D 358 -20.55 -13.18 -31.74
CA ILE D 358 -21.50 -13.69 -30.76
C ILE D 358 -22.89 -13.06 -30.86
N LEU D 359 -22.96 -11.82 -31.33
CA LEU D 359 -24.22 -11.13 -31.46
C LEU D 359 -25.31 -11.93 -32.19
N PRO D 360 -24.99 -12.54 -33.35
CA PRO D 360 -25.95 -13.34 -34.11
C PRO D 360 -26.63 -14.43 -33.28
N GLU D 361 -25.86 -15.05 -32.41
CA GLU D 361 -26.36 -16.12 -31.55
C GLU D 361 -27.37 -15.61 -30.54
N LEU D 362 -27.08 -14.44 -29.96
CA LEU D 362 -27.99 -13.84 -28.99
C LEU D 362 -29.33 -13.53 -29.64
N ARG D 363 -29.31 -13.03 -30.88
CA ARG D 363 -30.56 -12.70 -31.55
C ARG D 363 -31.39 -13.94 -31.87
N ALA D 364 -30.71 -15.06 -32.10
CA ALA D 364 -31.38 -16.32 -32.39
C ALA D 364 -32.23 -16.62 -31.17
N LEU D 365 -31.55 -16.67 -30.04
CA LEU D 365 -32.17 -16.95 -28.74
C LEU D 365 -33.34 -16.04 -28.40
N LEU D 366 -33.09 -14.74 -28.45
CA LEU D 366 -34.09 -13.75 -28.11
C LEU D 366 -35.11 -13.55 -29.23
N GLY D 367 -34.67 -12.96 -30.33
CA GLY D 367 -35.57 -12.71 -31.46
C GLY D 367 -35.79 -11.23 -31.69
N GLU D 368 -36.33 -10.92 -32.86
CA GLU D 368 -36.62 -9.55 -33.29
C GLU D 368 -37.21 -8.62 -32.21
N GLU D 369 -37.94 -9.19 -31.26
CA GLU D 369 -38.55 -8.39 -30.19
C GLU D 369 -37.51 -7.44 -29.59
N VAL D 370 -36.38 -8.02 -29.20
CA VAL D 370 -35.28 -7.30 -28.57
C VAL D 370 -34.81 -6.05 -29.31
N GLY D 371 -34.54 -6.17 -30.60
CA GLY D 371 -34.13 -5.00 -31.34
C GLY D 371 -32.64 -4.77 -31.56
N LEU D 372 -31.84 -5.82 -31.34
CA LEU D 372 -30.39 -5.70 -31.55
C LEU D 372 -30.17 -5.35 -33.01
N PRO D 373 -29.11 -4.60 -33.30
CA PRO D 373 -28.83 -4.22 -34.69
C PRO D 373 -28.10 -5.31 -35.44
N ASP D 374 -28.39 -5.46 -36.74
CA ASP D 374 -27.69 -6.47 -37.53
C ASP D 374 -26.36 -5.88 -37.98
N LEU D 375 -25.28 -6.38 -37.42
CA LEU D 375 -23.96 -5.86 -37.77
C LEU D 375 -23.12 -6.89 -38.51
N SER D 376 -23.77 -7.93 -39.03
CA SER D 376 -23.06 -8.96 -39.78
C SER D 376 -22.10 -8.35 -40.82
N PRO D 377 -22.51 -7.28 -41.53
CA PRO D 377 -21.62 -6.67 -42.53
C PRO D 377 -20.29 -6.21 -41.92
N LEU D 378 -20.37 -5.53 -40.78
CA LEU D 378 -19.17 -5.04 -40.11
C LEU D 378 -18.36 -6.26 -39.69
N LYS D 379 -19.04 -7.28 -39.18
CA LYS D 379 -18.36 -8.51 -38.75
C LYS D 379 -17.70 -9.28 -39.89
N GLU D 380 -18.27 -9.18 -41.10
CA GLU D 380 -17.67 -9.88 -42.24
C GLU D 380 -16.43 -9.12 -42.62
N GLU D 381 -16.52 -7.80 -42.57
CA GLU D 381 -15.37 -6.96 -42.90
C GLU D 381 -14.22 -7.27 -41.94
N LEU D 382 -14.48 -7.14 -40.65
CA LEU D 382 -13.47 -7.41 -39.65
C LEU D 382 -12.89 -8.82 -39.75
N GLU D 383 -13.67 -9.77 -40.26
CA GLU D 383 -13.17 -11.12 -40.41
C GLU D 383 -12.28 -11.21 -41.64
N ALA D 384 -12.51 -10.30 -42.58
CA ALA D 384 -11.75 -10.28 -43.82
C ALA D 384 -10.43 -9.53 -43.72
N ALA D 385 -10.36 -8.53 -42.85
CA ALA D 385 -9.15 -7.73 -42.76
C ALA D 385 -8.17 -8.00 -41.63
N LEU D 386 -8.66 -8.42 -40.47
CA LEU D 386 -7.78 -8.64 -39.34
C LEU D 386 -7.23 -10.02 -39.17
N VAL D 387 -6.00 -10.10 -38.67
CA VAL D 387 -5.37 -11.38 -38.43
C VAL D 387 -6.13 -11.97 -37.25
N GLU D 388 -6.11 -13.28 -37.08
CA GLU D 388 -6.83 -13.89 -35.98
C GLU D 388 -6.19 -13.59 -34.64
N ASP D 389 -5.60 -12.40 -34.51
CA ASP D 389 -4.93 -11.98 -33.28
C ASP D 389 -4.23 -10.65 -33.50
N PRO D 390 -4.97 -9.61 -33.90
CA PRO D 390 -4.30 -8.33 -34.12
C PRO D 390 -3.38 -7.93 -32.96
N PRO D 391 -2.27 -7.25 -33.28
CA PRO D 391 -1.30 -6.80 -32.29
C PRO D 391 -1.12 -5.29 -32.25
N LEU D 392 -1.78 -4.62 -31.30
CA LEU D 392 -1.65 -3.17 -31.19
C LEU D 392 -0.21 -2.80 -30.95
N LYS D 393 0.46 -3.67 -30.19
CA LYS D 393 1.85 -3.47 -29.80
C LYS D 393 2.92 -3.82 -30.84
N VAL D 394 2.79 -4.97 -31.50
CA VAL D 394 3.78 -5.40 -32.49
C VAL D 394 3.86 -4.54 -33.78
N SER D 395 4.48 -3.37 -33.66
CA SER D 395 4.68 -2.43 -34.78
C SER D 395 3.39 -1.75 -35.22
N GLU D 396 2.60 -2.54 -35.94
CA GLU D 396 1.31 -2.18 -36.51
C GLU D 396 1.25 -3.04 -37.76
N GLY D 397 2.27 -3.89 -37.90
CA GLY D 397 2.39 -4.82 -39.02
C GLY D 397 1.93 -6.19 -38.57
N GLY D 398 1.78 -7.11 -39.51
CA GLY D 398 1.30 -8.44 -39.15
C GLY D 398 -0.08 -8.19 -38.60
N LEU D 399 -0.69 -7.14 -39.15
CA LEU D 399 -1.99 -6.66 -38.76
C LEU D 399 -3.08 -7.02 -39.78
N ILE D 400 -2.85 -6.72 -41.04
CA ILE D 400 -3.81 -7.04 -42.09
C ILE D 400 -3.44 -8.42 -42.67
N ARG D 401 -4.43 -9.29 -42.81
CA ARG D 401 -4.16 -10.60 -43.34
C ARG D 401 -4.01 -10.60 -44.85
N GLU D 402 -3.41 -11.66 -45.38
CA GLU D 402 -3.19 -11.82 -46.80
C GLU D 402 -4.51 -11.91 -47.57
N GLY D 403 -4.49 -11.43 -48.80
CA GLY D 403 -5.67 -11.50 -49.64
C GLY D 403 -6.81 -10.57 -49.32
N TYR D 404 -6.61 -9.63 -48.41
CA TYR D 404 -7.66 -8.68 -48.05
C TYR D 404 -7.55 -7.46 -48.94
N ASP D 405 -6.33 -6.97 -49.08
CA ASP D 405 -6.04 -5.80 -49.89
C ASP D 405 -4.98 -6.15 -50.91
N PRO D 406 -5.32 -6.06 -52.21
CA PRO D 406 -4.37 -6.39 -53.29
C PRO D 406 -3.09 -5.56 -53.27
N ASP D 407 -3.21 -4.24 -53.12
CA ASP D 407 -2.02 -3.39 -53.09
C ASP D 407 -1.02 -3.88 -52.04
N LEU D 408 -1.50 -4.03 -50.80
CA LEU D 408 -0.63 -4.48 -49.73
C LEU D 408 -0.10 -5.86 -50.08
N ASP D 409 -0.96 -6.71 -50.58
CA ASP D 409 -0.59 -8.06 -50.97
C ASP D 409 0.58 -8.11 -51.95
N ALA D 410 0.53 -7.26 -52.98
CA ALA D 410 1.57 -7.23 -53.99
C ALA D 410 2.91 -6.82 -53.40
N LEU D 411 2.88 -5.82 -52.53
CA LEU D 411 4.09 -5.32 -51.88
C LEU D 411 4.69 -6.39 -50.99
N ARG D 412 3.87 -7.00 -50.12
CA ARG D 412 4.34 -8.04 -49.23
C ARG D 412 5.00 -9.17 -50.00
N ALA D 413 4.38 -9.52 -51.13
CA ALA D 413 4.89 -10.58 -52.00
C ALA D 413 6.27 -10.22 -52.55
N ALA D 414 6.41 -9.01 -53.11
CA ALA D 414 7.68 -8.56 -53.65
C ALA D 414 8.74 -8.62 -52.54
N HIS D 415 8.45 -7.97 -51.40
CA HIS D 415 9.35 -7.98 -50.25
C HIS D 415 9.85 -9.41 -50.08
N ARG D 416 8.93 -10.32 -49.75
CA ARG D 416 9.26 -11.72 -49.55
C ARG D 416 10.25 -12.29 -50.56
N GLU D 417 10.08 -11.94 -51.83
CA GLU D 417 11.01 -12.42 -52.83
C GLU D 417 12.40 -11.95 -52.42
N GLY D 418 12.52 -10.65 -52.14
CA GLY D 418 13.80 -10.13 -51.71
C GLY D 418 14.44 -10.99 -50.64
N VAL D 419 13.71 -11.25 -49.56
CA VAL D 419 14.22 -12.09 -48.48
C VAL D 419 14.71 -13.40 -49.05
N ALA D 420 13.97 -13.93 -50.02
CA ALA D 420 14.34 -15.18 -50.66
C ALA D 420 15.69 -15.02 -51.33
N TYR D 421 15.85 -13.94 -52.09
CA TYR D 421 17.11 -13.66 -52.76
C TYR D 421 18.25 -13.74 -51.75
N PHE D 422 18.09 -13.03 -50.63
CA PHE D 422 19.10 -13.02 -49.58
C PHE D 422 19.08 -14.31 -48.76
N LEU D 423 18.63 -15.38 -49.40
CA LEU D 423 18.58 -16.70 -48.79
C LEU D 423 19.17 -17.64 -49.83
N GLU D 424 19.27 -17.11 -51.05
CA GLU D 424 19.84 -17.84 -52.18
C GLU D 424 21.32 -17.48 -52.22
N LEU D 425 21.61 -16.19 -52.03
CA LEU D 425 22.99 -15.69 -52.00
C LEU D 425 23.75 -16.51 -50.96
N GLU D 426 23.04 -16.92 -49.93
CA GLU D 426 23.61 -17.69 -48.85
C GLU D 426 23.90 -19.11 -49.33
N GLU D 427 22.85 -19.80 -49.80
CA GLU D 427 22.96 -21.17 -50.29
C GLU D 427 23.90 -21.28 -51.48
N ARG D 428 23.84 -20.28 -52.34
CA ARG D 428 24.66 -20.24 -53.55
C ARG D 428 26.14 -20.00 -53.26
N GLU D 429 26.43 -19.02 -52.40
CA GLU D 429 27.81 -18.71 -52.07
C GLU D 429 28.55 -19.85 -51.38
N ARG D 430 28.14 -20.24 -50.18
CA ARG D 430 28.83 -21.33 -49.50
C ARG D 430 28.95 -22.55 -50.40
N GLU D 431 28.22 -22.54 -51.51
CA GLU D 431 28.24 -23.61 -52.49
C GLU D 431 29.22 -23.24 -53.59
N ARG D 432 30.18 -22.39 -53.24
CA ARG D 432 31.20 -21.92 -54.16
C ARG D 432 32.46 -21.62 -53.37
N THR D 433 32.28 -21.24 -52.12
CA THR D 433 33.39 -20.91 -51.23
C THR D 433 33.68 -22.06 -50.27
N GLY D 434 32.80 -23.05 -50.28
CA GLY D 434 32.99 -24.20 -49.42
C GLY D 434 32.75 -23.86 -47.96
N ILE D 435 32.33 -22.63 -47.69
CA ILE D 435 32.06 -22.20 -46.32
C ILE D 435 30.58 -22.39 -46.00
N PRO D 436 30.16 -23.64 -45.70
CA PRO D 436 28.73 -23.85 -45.40
C PRO D 436 28.27 -23.10 -44.15
N THR D 437 29.15 -22.23 -43.64
CA THR D 437 28.89 -21.41 -42.46
C THR D 437 28.38 -20.03 -42.90
N LEU D 438 29.16 -19.38 -43.76
CA LEU D 438 28.86 -18.06 -44.32
C LEU D 438 27.40 -17.63 -44.18
N LYS D 439 27.19 -16.51 -43.50
CA LYS D 439 25.84 -15.99 -43.27
C LYS D 439 25.47 -14.77 -44.10
N VAL D 440 24.17 -14.52 -44.18
CA VAL D 440 23.64 -13.37 -44.90
C VAL D 440 22.62 -12.68 -44.00
N GLY D 441 23.12 -11.90 -43.04
CA GLY D 441 22.26 -11.18 -42.12
C GLY D 441 22.22 -9.69 -42.43
N TYR D 442 21.30 -8.97 -41.80
CA TYR D 442 21.22 -7.55 -42.07
C TYR D 442 21.22 -6.74 -40.80
N ASN D 443 21.64 -5.48 -40.92
CA ASN D 443 21.74 -4.56 -39.80
C ASN D 443 21.48 -3.15 -40.28
N ALA D 444 20.73 -2.38 -39.50
CA ALA D 444 20.40 -1.00 -39.86
C ALA D 444 21.61 -0.23 -40.37
N VAL D 445 22.71 -0.27 -39.60
CA VAL D 445 23.94 0.45 -39.92
C VAL D 445 24.41 0.40 -41.38
N PHE D 446 24.42 -0.78 -41.98
CA PHE D 446 24.87 -0.90 -43.37
C PHE D 446 23.83 -1.58 -44.26
N GLY D 447 22.77 -2.12 -43.65
CA GLY D 447 21.74 -2.81 -44.40
C GLY D 447 22.00 -4.30 -44.41
N TYR D 448 22.25 -4.85 -45.60
CA TYR D 448 22.53 -6.28 -45.71
C TYR D 448 24.02 -6.55 -45.79
N TYR D 449 24.39 -7.82 -45.64
CA TYR D 449 25.80 -8.18 -45.67
C TYR D 449 26.04 -9.69 -45.67
N LEU D 450 27.32 -10.07 -45.63
CA LEU D 450 27.73 -11.47 -45.59
C LEU D 450 28.50 -11.62 -44.29
N GLU D 451 28.28 -12.72 -43.58
CA GLU D 451 28.96 -12.92 -42.31
C GLU D 451 29.80 -14.20 -42.30
N VAL D 452 31.11 -14.04 -42.09
CA VAL D 452 32.03 -15.16 -42.06
C VAL D 452 32.69 -15.31 -40.69
N THR D 453 32.77 -16.54 -40.19
CA THR D 453 33.39 -16.78 -38.88
C THR D 453 34.91 -16.68 -38.99
N ARG D 454 35.57 -16.56 -37.84
CA ARG D 454 37.03 -16.45 -37.77
C ARG D 454 37.79 -17.51 -38.56
N PRO D 455 37.43 -18.80 -38.40
CA PRO D 455 38.11 -19.90 -39.09
C PRO D 455 38.27 -19.76 -40.61
N TYR D 456 37.20 -19.36 -41.29
CA TYR D 456 37.19 -19.25 -42.74
C TYR D 456 37.78 -18.03 -43.43
N TYR D 457 38.56 -17.23 -42.73
CA TYR D 457 39.15 -16.04 -43.35
C TYR D 457 40.07 -16.40 -44.53
N GLU D 458 40.63 -17.61 -44.48
CA GLU D 458 41.50 -18.06 -45.56
C GLU D 458 40.69 -18.47 -46.78
N ARG D 459 39.46 -18.90 -46.57
CA ARG D 459 38.59 -19.30 -47.66
C ARG D 459 37.69 -18.17 -48.12
N VAL D 460 37.92 -16.96 -47.59
CA VAL D 460 37.10 -15.81 -47.99
C VAL D 460 37.69 -15.13 -49.23
N PRO D 461 36.96 -15.19 -50.36
CA PRO D 461 37.38 -14.59 -51.63
C PRO D 461 37.50 -13.07 -51.61
N LYS D 462 38.01 -12.52 -52.70
CA LYS D 462 38.23 -11.09 -52.81
C LYS D 462 37.07 -10.30 -53.42
N GLU D 463 36.14 -10.99 -54.07
CA GLU D 463 34.96 -10.32 -54.65
C GLU D 463 34.28 -9.53 -53.54
N TYR D 464 34.64 -9.85 -52.30
CA TYR D 464 34.09 -9.21 -51.11
C TYR D 464 34.75 -7.87 -50.78
N ARG D 465 34.28 -7.28 -49.69
CA ARG D 465 34.76 -6.00 -49.20
C ARG D 465 34.32 -5.87 -47.75
N PRO D 466 35.17 -6.26 -46.79
CA PRO D 466 34.79 -6.16 -45.38
C PRO D 466 34.19 -4.79 -45.04
N VAL D 467 33.26 -4.79 -44.11
CA VAL D 467 32.58 -3.57 -43.69
C VAL D 467 32.55 -3.46 -42.18
N GLN D 468 32.73 -4.59 -41.52
CA GLN D 468 32.67 -4.63 -40.07
C GLN D 468 33.19 -5.97 -39.52
N THR D 469 34.09 -5.90 -38.54
CA THR D 469 34.67 -7.10 -37.94
C THR D 469 34.19 -7.28 -36.49
N LEU D 470 33.84 -8.50 -36.13
CA LEU D 470 33.38 -8.82 -34.78
C LEU D 470 34.34 -9.77 -34.07
N LYS D 471 34.05 -10.03 -32.81
CA LYS D 471 34.88 -10.92 -31.97
C LYS D 471 35.23 -12.24 -32.64
N ASP D 472 34.21 -13.00 -33.04
CA ASP D 472 34.44 -14.29 -33.67
C ASP D 472 34.11 -14.38 -35.15
N ARG D 473 33.66 -13.27 -35.74
CA ARG D 473 33.33 -13.26 -37.17
C ARG D 473 33.38 -11.85 -37.76
N GLN D 474 33.38 -11.78 -39.09
CA GLN D 474 33.47 -10.50 -39.79
C GLN D 474 32.45 -10.47 -40.92
N ARG D 475 31.76 -9.33 -41.06
CA ARG D 475 30.73 -9.17 -42.09
C ARG D 475 31.23 -8.41 -43.32
N TYR D 476 31.09 -9.02 -44.50
CA TYR D 476 31.52 -8.42 -45.77
C TYR D 476 30.36 -7.91 -46.63
N THR D 477 30.72 -7.31 -47.77
CA THR D 477 29.77 -6.74 -48.74
C THR D 477 30.07 -7.30 -50.15
N LEU D 478 29.20 -6.99 -51.10
CA LEU D 478 29.37 -7.43 -52.48
C LEU D 478 28.76 -6.37 -53.38
N PRO D 479 29.14 -6.37 -54.67
CA PRO D 479 28.59 -5.38 -55.61
C PRO D 479 27.12 -5.60 -55.98
N GLU D 480 26.77 -6.85 -56.29
CA GLU D 480 25.41 -7.23 -56.66
C GLU D 480 24.47 -7.37 -55.45
N LYS D 482 23.82 -4.29 -53.10
CA LYS D 482 23.26 -2.99 -52.68
C LYS D 482 21.85 -2.75 -53.24
N GLU D 483 21.68 -2.91 -54.56
CA GLU D 483 20.37 -2.71 -55.18
C GLU D 483 19.31 -3.51 -54.42
N LYS D 484 19.54 -4.83 -54.32
CA LYS D 484 18.61 -5.73 -53.64
C LYS D 484 18.41 -5.40 -52.15
N GLU D 485 19.05 -4.34 -51.67
CA GLU D 485 18.90 -3.92 -50.29
C GLU D 485 18.04 -2.66 -50.33
N ARG D 486 18.48 -1.70 -51.14
CA ARG D 486 17.75 -0.45 -51.29
C ARG D 486 16.35 -0.74 -51.81
N GLU D 487 16.07 -2.02 -52.05
CA GLU D 487 14.78 -2.44 -52.54
C GLU D 487 13.97 -3.10 -51.44
N VAL D 488 14.55 -4.08 -50.76
CA VAL D 488 13.84 -4.74 -49.67
C VAL D 488 13.33 -3.64 -48.75
N TYR D 489 14.16 -2.65 -48.48
CA TYR D 489 13.78 -1.56 -47.61
C TYR D 489 12.70 -0.66 -48.17
N ARG D 490 12.89 -0.16 -49.39
CA ARG D 490 11.89 0.71 -50.00
C ARG D 490 10.51 0.05 -49.83
N LEU D 491 10.51 -1.28 -49.76
CA LEU D 491 9.28 -2.04 -49.59
C LEU D 491 8.85 -2.12 -48.13
N GLU D 492 9.76 -2.50 -47.23
CA GLU D 492 9.44 -2.59 -45.80
C GLU D 492 8.79 -1.30 -45.34
N ALA D 493 9.21 -0.20 -45.95
CA ALA D 493 8.66 1.11 -45.64
C ALA D 493 7.26 1.14 -46.22
N LEU D 494 7.14 1.00 -47.54
CA LEU D 494 5.84 1.01 -48.22
C LEU D 494 4.84 0.05 -47.55
N ILE D 495 5.30 -1.10 -47.09
CA ILE D 495 4.44 -2.07 -46.43
C ILE D 495 3.85 -1.44 -45.17
N ARG D 496 4.62 -0.56 -44.53
CA ARG D 496 4.16 0.12 -43.33
C ARG D 496 3.15 1.17 -43.75
N ARG D 497 3.55 2.00 -44.71
CA ARG D 497 2.69 3.06 -45.21
C ARG D 497 1.32 2.53 -45.62
N ARG D 498 1.31 1.47 -46.42
CA ARG D 498 0.08 0.87 -46.92
C ARG D 498 -0.75 0.13 -45.87
N GLU D 499 -0.13 -0.76 -45.13
CA GLU D 499 -0.87 -1.48 -44.12
C GLU D 499 -1.57 -0.51 -43.17
N GLU D 500 -0.93 0.60 -42.82
CA GLU D 500 -1.56 1.53 -41.91
C GLU D 500 -2.77 2.16 -42.57
N GLU D 501 -2.69 2.43 -43.86
CA GLU D 501 -3.82 3.01 -44.57
C GLU D 501 -5.02 2.07 -44.40
N VAL D 502 -4.87 0.82 -44.84
CA VAL D 502 -5.94 -0.17 -44.75
C VAL D 502 -6.49 -0.27 -43.32
N PHE D 503 -5.60 -0.34 -42.34
CA PHE D 503 -6.03 -0.41 -40.95
C PHE D 503 -6.93 0.77 -40.63
N LEU D 504 -6.52 1.96 -41.06
CA LEU D 504 -7.31 3.15 -40.81
C LEU D 504 -8.64 3.08 -41.53
N GLU D 505 -8.61 2.61 -42.78
CA GLU D 505 -9.80 2.45 -43.60
C GLU D 505 -10.76 1.54 -42.86
N VAL D 506 -10.21 0.41 -42.39
CA VAL D 506 -11.00 -0.58 -41.66
C VAL D 506 -11.54 -0.05 -40.33
N ARG D 507 -10.68 0.63 -39.59
CA ARG D 507 -11.09 1.21 -38.32
C ARG D 507 -12.24 2.20 -38.54
N GLU D 508 -12.20 2.92 -39.66
CA GLU D 508 -13.24 3.89 -39.97
C GLU D 508 -14.60 3.25 -40.19
N ARG D 509 -14.63 2.08 -40.82
CA ARG D 509 -15.88 1.38 -41.10
C ARG D 509 -16.51 0.99 -39.79
N ALA D 510 -15.67 0.56 -38.86
CA ALA D 510 -16.13 0.18 -37.54
C ALA D 510 -16.68 1.40 -36.80
N LYS D 511 -16.00 2.54 -36.98
CA LYS D 511 -16.42 3.78 -36.32
C LYS D 511 -17.75 4.30 -36.84
N ARG D 512 -18.11 3.94 -38.07
CA ARG D 512 -19.38 4.37 -38.62
C ARG D 512 -20.53 3.57 -38.00
N GLN D 513 -20.21 2.61 -37.14
CA GLN D 513 -21.28 1.85 -36.52
C GLN D 513 -21.31 2.10 -35.03
N ALA D 514 -20.79 3.25 -34.61
CA ALA D 514 -20.76 3.63 -33.19
C ALA D 514 -22.12 3.57 -32.50
N GLU D 515 -23.17 4.14 -33.10
CA GLU D 515 -24.51 4.10 -32.50
C GLU D 515 -25.06 2.70 -32.46
N ALA D 516 -24.86 1.95 -33.54
CA ALA D 516 -25.39 0.61 -33.54
C ALA D 516 -24.71 -0.14 -32.41
N LEU D 517 -23.46 0.19 -32.15
CA LEU D 517 -22.72 -0.45 -31.06
C LEU D 517 -23.25 0.00 -29.71
N ARG D 518 -23.55 1.28 -29.58
CA ARG D 518 -24.09 1.81 -28.34
C ARG D 518 -25.50 1.26 -28.10
N GLU D 519 -26.29 1.18 -29.16
CA GLU D 519 -27.65 0.68 -29.04
C GLU D 519 -27.57 -0.78 -28.61
N ALA D 520 -26.73 -1.54 -29.28
CA ALA D 520 -26.58 -2.94 -28.94
C ALA D 520 -26.14 -3.05 -27.48
N ALA D 521 -25.06 -2.37 -27.14
CA ALA D 521 -24.51 -2.40 -25.77
C ALA D 521 -25.59 -2.22 -24.73
N ARG D 522 -26.40 -1.18 -24.94
CA ARG D 522 -27.49 -0.85 -24.06
C ARG D 522 -28.54 -1.95 -23.91
N ILE D 523 -28.98 -2.53 -25.02
CA ILE D 523 -29.99 -3.58 -24.95
C ILE D 523 -29.44 -4.76 -24.15
N LEU D 524 -28.25 -5.20 -24.52
CA LEU D 524 -27.61 -6.30 -23.84
C LEU D 524 -27.42 -5.99 -22.37
N ALA D 525 -27.14 -4.73 -22.07
CA ALA D 525 -26.95 -4.32 -20.68
C ALA D 525 -28.22 -4.62 -19.89
N GLU D 526 -29.39 -4.31 -20.47
CA GLU D 526 -30.63 -4.58 -19.76
C GLU D 526 -30.82 -6.07 -19.62
N LEU D 527 -30.72 -6.77 -20.74
CA LEU D 527 -30.88 -8.20 -20.75
C LEU D 527 -29.92 -8.78 -19.74
N ASP D 528 -28.70 -8.29 -19.76
CA ASP D 528 -27.73 -8.82 -18.83
C ASP D 528 -28.21 -8.64 -17.40
N VAL D 529 -28.72 -7.45 -17.07
CA VAL D 529 -29.18 -7.16 -15.73
C VAL D 529 -30.41 -7.97 -15.30
N TYR D 530 -31.47 -7.96 -16.09
CA TYR D 530 -32.67 -8.72 -15.75
C TYR D 530 -32.32 -10.18 -15.56
N ALA D 531 -31.58 -10.73 -16.52
CA ALA D 531 -31.19 -12.13 -16.47
C ALA D 531 -30.36 -12.47 -15.24
N ALA D 532 -29.61 -11.49 -14.73
CA ALA D 532 -28.78 -11.71 -13.56
C ALA D 532 -29.61 -11.56 -12.28
N LEU D 533 -30.54 -10.61 -12.26
CA LEU D 533 -31.35 -10.44 -11.07
C LEU D 533 -32.18 -11.71 -10.96
N ALA D 534 -32.43 -12.33 -12.11
CA ALA D 534 -33.19 -13.58 -12.14
C ALA D 534 -32.34 -14.67 -11.51
N GLU D 535 -31.09 -14.79 -11.97
CA GLU D 535 -30.14 -15.78 -11.48
C GLU D 535 -30.01 -15.73 -9.96
N VAL D 536 -29.92 -14.53 -9.42
CA VAL D 536 -29.81 -14.36 -7.98
C VAL D 536 -31.08 -14.83 -7.28
N ALA D 537 -32.22 -14.42 -7.79
CA ALA D 537 -33.47 -14.82 -7.18
C ALA D 537 -33.58 -16.35 -7.11
N VAL D 538 -33.19 -17.00 -8.20
CA VAL D 538 -33.26 -18.46 -8.30
C VAL D 538 -32.24 -19.20 -7.42
N ARG D 539 -31.08 -18.58 -7.19
CA ARG D 539 -30.04 -19.23 -6.39
C ARG D 539 -30.25 -19.10 -4.88
N TYR D 540 -30.48 -17.90 -4.40
CA TYR D 540 -30.65 -17.66 -2.97
C TYR D 540 -32.07 -17.58 -2.49
N GLY D 541 -33.01 -17.85 -3.39
CA GLY D 541 -34.40 -17.83 -3.01
C GLY D 541 -34.99 -16.48 -2.67
N TYR D 542 -35.07 -15.62 -3.67
CA TYR D 542 -35.67 -14.31 -3.47
C TYR D 542 -37.08 -14.39 -4.08
N VAL D 543 -38.00 -13.61 -3.53
CA VAL D 543 -39.37 -13.59 -3.99
C VAL D 543 -39.70 -12.23 -4.61
N ARG D 544 -40.72 -12.19 -5.46
CA ARG D 544 -41.15 -10.93 -6.06
C ARG D 544 -41.92 -10.14 -5.01
N PRO D 545 -41.60 -8.85 -4.84
CA PRO D 545 -42.34 -8.08 -3.85
C PRO D 545 -43.62 -7.51 -4.42
N ARG D 546 -44.48 -7.04 -3.53
CA ARG D 546 -45.76 -6.45 -3.90
C ARG D 546 -45.81 -5.09 -3.22
N PHE D 547 -46.33 -4.07 -3.89
CA PHE D 547 -46.38 -2.76 -3.28
C PHE D 547 -47.75 -2.34 -2.74
N GLY D 548 -47.76 -1.73 -1.56
CA GLY D 548 -49.00 -1.28 -0.93
C GLY D 548 -48.72 -0.53 0.35
N ASP D 549 -49.67 0.28 0.83
CA ASP D 549 -49.44 1.06 2.03
C ASP D 549 -48.99 0.35 3.31
N ARG D 550 -48.99 -0.98 3.32
CA ARG D 550 -48.55 -1.67 4.52
C ARG D 550 -47.28 -2.45 4.26
N LEU D 551 -46.43 -2.55 5.27
CA LEU D 551 -45.20 -3.30 5.11
C LEU D 551 -45.45 -4.65 5.77
N GLN D 552 -45.33 -5.71 4.99
CA GLN D 552 -45.51 -7.05 5.52
C GLN D 552 -44.46 -7.93 4.90
N ILE D 553 -43.55 -8.40 5.74
CA ILE D 553 -42.49 -9.26 5.25
C ILE D 553 -42.51 -10.56 6.03
N ARG D 554 -42.66 -11.65 5.29
CA ARG D 554 -42.71 -12.99 5.84
C ARG D 554 -41.38 -13.71 5.62
N ALA D 555 -40.69 -13.99 6.73
CA ALA D 555 -39.41 -14.69 6.71
C ALA D 555 -38.35 -13.98 5.87
N GLY D 556 -38.03 -12.75 6.29
CA GLY D 556 -37.03 -11.98 5.59
C GLY D 556 -35.64 -12.24 6.13
N ARG D 557 -34.64 -12.19 5.25
CA ARG D 557 -33.26 -12.41 5.67
C ARG D 557 -32.42 -11.25 5.20
N HIS D 558 -31.32 -11.01 5.90
CA HIS D 558 -30.41 -9.97 5.50
C HIS D 558 -29.69 -10.59 4.27
N PRO D 559 -29.88 -9.99 3.08
CA PRO D 559 -29.27 -10.49 1.84
C PRO D 559 -27.77 -10.70 1.83
N VAL D 560 -27.01 -9.84 2.50
CA VAL D 560 -25.55 -10.00 2.52
C VAL D 560 -25.12 -10.94 3.63
N VAL D 561 -25.58 -10.68 4.85
CA VAL D 561 -25.21 -11.50 5.99
C VAL D 561 -25.41 -13.00 5.78
N GLU D 562 -26.52 -13.38 5.17
CA GLU D 562 -26.80 -14.80 4.97
C GLU D 562 -25.84 -15.59 4.12
N ARG D 563 -25.25 -14.97 3.10
CA ARG D 563 -24.30 -15.70 2.27
C ARG D 563 -23.13 -16.19 3.13
N ARG D 564 -23.09 -15.78 4.40
CA ARG D 564 -21.99 -16.17 5.30
C ARG D 564 -22.33 -17.08 6.48
N THR D 565 -23.62 -17.21 6.81
CA THR D 565 -24.02 -18.10 7.91
C THR D 565 -25.46 -18.55 7.81
N GLU D 566 -25.84 -19.45 8.72
CA GLU D 566 -27.21 -19.95 8.75
C GLU D 566 -27.99 -18.78 9.30
N PHE D 567 -28.82 -18.17 8.46
CA PHE D 567 -29.58 -17.03 8.89
C PHE D 567 -30.95 -17.43 9.37
N VAL D 568 -31.44 -16.73 10.41
CA VAL D 568 -32.77 -17.02 10.91
C VAL D 568 -33.68 -15.96 10.32
N PRO D 569 -34.62 -16.36 9.46
CA PRO D 569 -35.50 -15.35 8.90
C PRO D 569 -36.43 -14.81 9.98
N ASN D 570 -37.09 -13.69 9.70
CA ASN D 570 -37.99 -13.10 10.67
C ASN D 570 -39.14 -12.40 9.95
N ASP D 571 -40.20 -12.07 10.69
CA ASP D 571 -41.34 -11.39 10.12
C ASP D 571 -41.42 -9.95 10.59
N LEU D 572 -42.18 -9.14 9.86
CA LEU D 572 -42.37 -7.76 10.23
C LEU D 572 -43.65 -7.22 9.60
N GLU D 573 -44.43 -6.50 10.39
CA GLU D 573 -45.69 -5.91 9.93
C GLU D 573 -45.76 -4.48 10.43
N ALA D 575 -46.82 -0.18 9.56
CA ALA D 575 -47.77 0.68 8.88
C ALA D 575 -47.79 2.04 9.53
N HIS D 576 -46.79 2.88 9.21
CA HIS D 576 -46.70 4.22 9.77
C HIS D 576 -46.66 4.14 11.30
N GLU D 577 -46.03 3.09 11.80
CA GLU D 577 -45.96 2.90 13.24
C GLU D 577 -44.56 3.08 13.80
N LEU D 578 -44.49 3.30 15.12
CA LEU D 578 -43.22 3.43 15.80
C LEU D 578 -42.99 2.01 16.32
N VAL D 579 -42.02 1.30 15.76
CA VAL D 579 -41.75 -0.06 16.21
C VAL D 579 -40.46 -0.16 17.00
N LEU D 580 -40.57 -0.20 18.32
CA LEU D 580 -39.39 -0.32 19.16
C LEU D 580 -38.88 -1.76 19.21
N ILE D 581 -37.57 -1.92 19.29
CA ILE D 581 -37.01 -3.26 19.37
C ILE D 581 -36.00 -3.25 20.49
N THR D 582 -36.32 -4.01 21.52
CA THR D 582 -35.46 -4.13 22.67
C THR D 582 -34.91 -5.56 22.61
N GLY D 583 -34.13 -5.95 23.61
CA GLY D 583 -33.55 -7.28 23.60
C GLY D 583 -32.06 -7.18 23.86
N PRO D 584 -31.41 -8.29 24.23
CA PRO D 584 -29.98 -8.29 24.51
C PRO D 584 -29.09 -8.15 23.29
N ASN D 585 -28.01 -7.37 23.41
CA ASN D 585 -27.07 -7.19 22.32
C ASN D 585 -26.57 -8.58 21.92
N ALA D 587 -27.93 -10.39 19.95
CA ALA D 587 -29.11 -11.15 19.59
C ALA D 587 -29.57 -10.87 18.16
N GLY D 588 -29.41 -9.62 17.70
CA GLY D 588 -29.80 -9.33 16.33
C GLY D 588 -30.55 -8.06 15.99
N LYS D 589 -30.74 -7.17 16.96
CA LYS D 589 -31.46 -5.92 16.73
C LYS D 589 -30.98 -5.16 15.50
N SER D 590 -29.70 -4.82 15.50
CA SER D 590 -29.12 -4.08 14.39
C SER D 590 -29.22 -4.79 13.05
N THR D 591 -29.02 -6.10 13.01
CA THR D 591 -29.12 -6.83 11.75
C THR D 591 -30.55 -6.76 11.22
N PHE D 592 -31.52 -6.91 12.12
CA PHE D 592 -32.91 -6.87 11.73
C PHE D 592 -33.25 -5.54 11.04
N LEU D 593 -32.91 -4.42 11.65
CA LEU D 593 -33.21 -3.14 11.05
C LEU D 593 -32.61 -3.08 9.66
N ARG D 594 -31.39 -3.56 9.54
CA ARG D 594 -30.70 -3.53 8.27
C ARG D 594 -31.31 -4.39 7.18
N GLN D 595 -31.81 -5.57 7.54
CA GLN D 595 -32.40 -6.43 6.53
C GLN D 595 -33.67 -5.73 6.07
N THR D 596 -34.39 -5.17 7.03
CA THR D 596 -35.62 -4.48 6.71
C THR D 596 -35.33 -3.43 5.67
N ALA D 597 -34.23 -2.70 5.87
CA ALA D 597 -33.84 -1.63 4.96
C ALA D 597 -33.36 -2.12 3.60
N LEU D 598 -32.57 -3.19 3.59
CA LEU D 598 -32.05 -3.72 2.34
C LEU D 598 -33.16 -4.30 1.47
N ILE D 599 -34.16 -4.88 2.13
CA ILE D 599 -35.29 -5.47 1.40
C ILE D 599 -36.04 -4.37 0.67
N ALA D 600 -36.33 -3.28 1.39
CA ALA D 600 -37.04 -2.13 0.82
C ALA D 600 -36.25 -1.60 -0.39
N LEU D 601 -34.93 -1.62 -0.28
CA LEU D 601 -34.06 -1.14 -1.33
C LEU D 601 -34.09 -2.06 -2.56
N LEU D 602 -33.88 -3.36 -2.35
CA LEU D 602 -33.92 -4.29 -3.48
C LEU D 602 -35.27 -4.12 -4.19
N ALA D 603 -36.35 -4.07 -3.43
CA ALA D 603 -37.66 -3.91 -4.03
C ALA D 603 -37.73 -2.69 -4.95
N GLN D 604 -37.38 -1.52 -4.44
CA GLN D 604 -37.46 -0.32 -5.24
C GLN D 604 -36.35 -0.12 -6.27
N VAL D 605 -35.65 -1.19 -6.57
CA VAL D 605 -34.58 -1.19 -7.57
C VAL D 605 -35.10 -2.10 -8.68
N GLY D 606 -36.14 -2.87 -8.32
CA GLY D 606 -36.76 -3.78 -9.26
C GLY D 606 -36.22 -5.19 -9.17
N SER D 607 -35.68 -5.54 -8.00
CA SER D 607 -35.13 -6.86 -7.78
C SER D 607 -36.03 -7.67 -6.87
N PHE D 608 -35.82 -8.98 -6.83
CA PHE D 608 -36.62 -9.82 -5.97
C PHE D 608 -36.01 -9.63 -4.60
N VAL D 609 -36.66 -10.11 -3.54
CA VAL D 609 -36.13 -9.91 -2.20
C VAL D 609 -35.92 -11.18 -1.42
N PRO D 610 -35.02 -11.16 -0.41
CA PRO D 610 -34.70 -12.31 0.43
C PRO D 610 -35.78 -12.58 1.47
N ALA D 611 -36.87 -13.19 1.03
CA ALA D 611 -37.98 -13.51 1.92
C ALA D 611 -38.94 -14.50 1.24
N GLU D 612 -40.09 -14.74 1.87
CA GLU D 612 -41.08 -15.62 1.27
C GLU D 612 -42.19 -14.75 0.72
N GLU D 613 -42.63 -13.78 1.51
CA GLU D 613 -43.69 -12.88 1.11
C GLU D 613 -43.29 -11.48 1.51
N ALA D 614 -43.37 -10.55 0.58
CA ALA D 614 -42.97 -9.18 0.86
C ALA D 614 -43.85 -8.12 0.23
N HIS D 615 -44.78 -7.59 1.01
CA HIS D 615 -45.65 -6.54 0.51
C HIS D 615 -45.06 -5.30 1.13
N LEU D 616 -44.59 -4.40 0.26
CA LEU D 616 -43.90 -3.20 0.70
C LEU D 616 -44.43 -1.88 0.16
N PRO D 617 -44.36 -0.83 0.98
CA PRO D 617 -44.82 0.48 0.54
C PRO D 617 -43.71 1.16 -0.25
N LEU D 618 -44.06 2.02 -1.18
CA LEU D 618 -43.02 2.69 -1.95
C LEU D 618 -42.51 3.86 -1.12
N PHE D 619 -41.44 3.61 -0.37
CA PHE D 619 -40.84 4.65 0.47
C PHE D 619 -40.24 5.76 -0.37
N ASP D 620 -40.17 6.97 0.18
CA ASP D 620 -39.59 8.08 -0.55
C ASP D 620 -38.11 8.23 -0.21
N GLY D 621 -37.69 7.48 0.81
CA GLY D 621 -36.29 7.52 1.21
C GLY D 621 -36.06 6.61 2.40
N ILE D 622 -34.84 6.10 2.52
CA ILE D 622 -34.48 5.25 3.65
C ILE D 622 -33.42 6.00 4.42
N TYR D 623 -33.76 6.44 5.63
CA TYR D 623 -32.84 7.20 6.47
C TYR D 623 -32.38 6.39 7.66
N THR D 624 -31.08 6.10 7.70
CA THR D 624 -30.49 5.31 8.76
C THR D 624 -29.64 6.11 9.73
N ARG D 625 -29.47 5.56 10.92
CA ARG D 625 -28.66 6.12 11.99
C ARG D 625 -28.20 4.85 12.69
N ILE D 626 -27.26 4.16 12.04
CA ILE D 626 -26.71 2.90 12.53
C ILE D 626 -25.20 2.92 12.50
N GLY D 627 -24.57 2.35 13.53
CA GLY D 627 -23.11 2.29 13.60
C GLY D 627 -22.41 3.52 14.16
N ALA D 628 -21.08 3.52 14.09
CA ALA D 628 -20.28 4.64 14.59
C ALA D 628 -19.83 5.58 13.46
N GLY D 635 -12.35 15.44 17.39
CA GLY D 635 -12.75 16.82 17.61
C GLY D 635 -14.19 16.93 18.09
N LYS D 636 -15.03 16.02 17.59
CA LYS D 636 -16.45 16.00 17.95
C LYS D 636 -16.70 14.70 18.70
N SER D 637 -17.50 14.77 19.77
CA SER D 637 -17.83 13.58 20.54
C SER D 637 -18.69 12.70 19.65
N THR D 638 -18.74 11.40 19.92
CA THR D 638 -19.56 10.51 19.10
C THR D 638 -21.02 10.97 19.17
N PHE D 639 -21.40 11.42 20.35
CA PHE D 639 -22.75 11.90 20.60
C PHE D 639 -23.11 13.01 19.61
N VAL D 641 -21.86 13.79 16.75
CA VAL D 641 -21.99 13.27 15.40
C VAL D 641 -23.32 12.55 15.22
N GLU D 642 -23.69 11.73 16.20
CA GLU D 642 -24.95 11.02 16.11
C GLU D 642 -26.14 11.97 16.05
N GLU D 644 -26.18 15.09 14.90
CA GLU D 644 -26.22 15.74 13.60
C GLU D 644 -26.96 14.82 12.62
N GLU D 645 -26.64 13.52 12.64
CA GLU D 645 -27.31 12.58 11.76
C GLU D 645 -28.81 12.55 12.06
N VAL D 646 -29.19 12.51 13.34
CA VAL D 646 -30.60 12.50 13.72
C VAL D 646 -31.32 13.76 13.19
N ALA D 647 -30.71 14.91 13.40
CA ALA D 647 -31.28 16.17 12.95
C ALA D 647 -31.57 16.08 11.45
N LEU D 648 -30.67 15.44 10.71
CA LEU D 648 -30.87 15.25 9.27
C LEU D 648 -32.20 14.52 9.03
N ILE D 649 -32.34 13.35 9.64
CA ILE D 649 -33.56 12.57 9.52
C ILE D 649 -34.81 13.36 9.91
N LEU D 650 -34.79 14.05 11.05
CA LEU D 650 -35.96 14.81 11.46
C LEU D 650 -36.32 15.92 10.48
N LYS D 651 -35.34 16.42 9.74
CA LYS D 651 -35.63 17.47 8.77
C LYS D 651 -35.95 16.89 7.39
N GLU D 652 -35.78 15.58 7.23
CA GLU D 652 -36.04 14.90 5.96
C GLU D 652 -37.24 13.98 5.97
N ALA D 653 -37.26 13.06 6.91
CA ALA D 653 -38.31 12.06 7.01
C ALA D 653 -39.75 12.55 6.85
N THR D 654 -40.53 11.80 6.07
CA THR D 654 -41.93 12.14 5.89
C THR D 654 -42.71 10.89 6.25
N GLU D 655 -44.04 10.94 6.12
CA GLU D 655 -44.83 9.78 6.47
C GLU D 655 -44.56 8.58 5.55
N ASN D 656 -43.87 8.81 4.42
CA ASN D 656 -43.57 7.72 3.50
C ASN D 656 -42.10 7.33 3.50
N SER D 657 -41.41 7.68 4.57
CA SER D 657 -39.98 7.38 4.70
C SER D 657 -39.79 6.22 5.64
N LEU D 658 -38.75 5.43 5.38
CA LEU D 658 -38.42 4.32 6.24
C LEU D 658 -37.23 4.81 7.09
N VAL D 659 -37.46 5.02 8.38
CA VAL D 659 -36.39 5.50 9.24
C VAL D 659 -35.92 4.39 10.14
N LEU D 660 -34.61 4.23 10.26
CA LEU D 660 -34.06 3.17 11.11
C LEU D 660 -33.17 3.77 12.20
N LEU D 661 -33.67 3.82 13.44
CA LEU D 661 -32.86 4.36 14.52
C LEU D 661 -32.25 3.23 15.34
N ASP D 662 -30.92 3.19 15.37
CA ASP D 662 -30.20 2.18 16.13
C ASP D 662 -29.57 2.78 17.39
N GLU D 663 -30.20 2.52 18.53
CA GLU D 663 -29.73 2.98 19.83
C GLU D 663 -29.51 4.47 20.00
N VAL D 664 -30.29 5.29 19.32
CA VAL D 664 -30.19 6.73 19.43
C VAL D 664 -30.37 7.15 20.89
N GLY D 665 -29.51 8.02 21.37
CA GLY D 665 -29.59 8.46 22.74
C GLY D 665 -28.30 8.17 23.48
N ARG D 666 -27.60 7.15 23.02
CA ARG D 666 -26.36 6.79 23.68
C ARG D 666 -25.30 7.88 23.57
N GLY D 667 -24.22 7.71 24.33
CA GLY D 667 -23.13 8.65 24.26
C GLY D 667 -23.17 9.83 25.20
N THR D 668 -24.05 9.80 26.19
CA THR D 668 -24.11 10.91 27.13
C THR D 668 -24.68 10.46 28.47
N SER D 669 -25.25 11.40 29.23
CA SER D 669 -25.85 11.09 30.52
C SER D 669 -27.01 10.14 30.29
N SER D 670 -27.41 9.40 31.32
CA SER D 670 -28.53 8.48 31.14
C SER D 670 -29.83 9.28 31.01
N LEU D 671 -29.88 10.44 31.67
CA LEU D 671 -31.04 11.31 31.65
C LEU D 671 -31.24 11.93 30.28
N ASP D 672 -30.30 12.78 29.88
CA ASP D 672 -30.37 13.43 28.57
C ASP D 672 -30.57 12.33 27.52
N GLY D 673 -29.94 11.19 27.77
CA GLY D 673 -30.03 10.07 26.87
C GLY D 673 -31.48 9.68 26.67
N VAL D 674 -32.16 9.28 27.74
CA VAL D 674 -33.56 8.89 27.64
C VAL D 674 -34.45 10.06 27.17
N ALA D 675 -34.17 11.27 27.66
CA ALA D 675 -34.97 12.42 27.30
C ALA D 675 -34.92 12.68 25.78
N ILE D 676 -33.72 12.79 25.26
CA ILE D 676 -33.53 13.03 23.84
C ILE D 676 -34.21 11.90 23.06
N ALA D 677 -33.90 10.66 23.47
CA ALA D 677 -34.44 9.47 22.82
C ALA D 677 -35.95 9.43 22.82
N THR D 678 -36.58 9.97 23.85
CA THR D 678 -38.02 9.94 23.88
C THR D 678 -38.59 11.01 22.95
N ALA D 679 -37.99 12.20 22.99
CA ALA D 679 -38.44 13.31 22.14
C ALA D 679 -38.38 12.97 20.66
N VAL D 680 -37.35 12.21 20.27
CA VAL D 680 -37.16 11.81 18.89
C VAL D 680 -38.18 10.76 18.51
N ALA D 681 -38.39 9.80 19.39
CA ALA D 681 -39.32 8.73 19.12
C ALA D 681 -40.70 9.34 18.91
N GLU D 682 -40.99 10.38 19.68
CA GLU D 682 -42.27 11.04 19.57
C GLU D 682 -42.40 11.80 18.26
N ALA D 683 -41.38 12.60 17.95
CA ALA D 683 -41.35 13.39 16.74
C ALA D 683 -41.57 12.50 15.53
N LEU D 684 -41.00 11.32 15.55
CA LEU D 684 -41.16 10.40 14.42
C LEU D 684 -42.50 9.75 14.46
N HIS D 685 -43.10 9.70 15.64
CA HIS D 685 -44.42 9.11 15.76
C HIS D 685 -45.39 10.08 15.10
N GLU D 686 -45.30 11.35 15.44
CA GLU D 686 -46.20 12.32 14.85
C GLU D 686 -45.95 12.44 13.36
N ARG D 687 -44.70 12.22 12.95
CA ARG D 687 -44.36 12.34 11.54
C ARG D 687 -45.07 11.28 10.72
N ARG D 688 -45.33 10.15 11.35
CA ARG D 688 -46.03 9.03 10.72
C ARG D 688 -45.17 8.22 9.75
N ALA D 689 -43.87 8.32 9.89
CA ALA D 689 -42.97 7.57 9.03
C ALA D 689 -42.79 6.13 9.54
N TYR D 690 -42.28 5.24 8.68
CA TYR D 690 -42.06 3.87 9.11
C TYR D 690 -40.77 3.89 9.91
N THR D 691 -40.91 3.82 11.24
CA THR D 691 -39.77 3.87 12.13
C THR D 691 -39.44 2.59 12.89
N LEU D 692 -38.23 2.11 12.74
CA LEU D 692 -37.78 0.95 13.49
C LEU D 692 -36.71 1.57 14.38
N PHE D 693 -36.91 1.47 15.68
CA PHE D 693 -36.02 2.09 16.65
C PHE D 693 -35.53 1.07 17.65
N ALA D 694 -34.31 0.58 17.45
CA ALA D 694 -33.70 -0.37 18.39
C ALA D 694 -33.13 0.50 19.49
N THR D 695 -33.50 0.22 20.73
CA THR D 695 -33.05 1.01 21.86
C THR D 695 -32.79 0.16 23.08
N HIS D 696 -32.27 0.78 24.13
CA HIS D 696 -32.01 0.09 25.39
C HIS D 696 -32.83 0.78 26.48
N TYR D 697 -33.46 1.89 26.11
CA TYR D 697 -34.30 2.63 27.03
C TYR D 697 -35.69 1.99 27.02
N PHE D 698 -35.96 1.15 28.00
CA PHE D 698 -37.27 0.50 28.07
C PHE D 698 -38.36 1.55 28.20
N GLU D 699 -38.00 2.76 28.62
CA GLU D 699 -39.00 3.82 28.75
C GLU D 699 -39.75 3.96 27.44
N LEU D 700 -39.01 4.04 26.34
CA LEU D 700 -39.62 4.20 25.04
C LEU D 700 -40.65 3.09 24.82
N THR D 701 -40.34 1.90 25.32
CA THR D 701 -41.21 0.75 25.18
C THR D 701 -42.60 0.96 25.75
N ALA D 702 -42.76 1.93 26.66
CA ALA D 702 -44.07 2.16 27.24
C ALA D 702 -44.59 3.58 27.12
N LEU D 703 -44.26 4.29 26.04
CA LEU D 703 -44.74 5.66 25.90
C LEU D 703 -46.26 5.68 25.77
N GLY D 704 -46.82 4.60 25.23
CA GLY D 704 -48.26 4.55 25.12
C GLY D 704 -48.86 5.39 24.01
N LEU D 705 -48.07 5.64 22.97
CA LEU D 705 -48.55 6.39 21.82
C LEU D 705 -49.43 5.45 21.01
N PRO D 706 -50.45 6.01 20.34
CA PRO D 706 -51.38 5.22 19.52
C PRO D 706 -50.77 4.29 18.46
N ARG D 707 -49.73 4.74 17.76
CA ARG D 707 -49.15 3.88 16.74
C ARG D 707 -47.83 3.21 17.12
N LEU D 708 -47.53 3.17 18.41
CA LEU D 708 -46.31 2.55 18.93
C LEU D 708 -46.50 1.04 19.02
N LYS D 709 -45.41 0.30 18.93
CA LYS D 709 -45.48 -1.16 18.93
C LYS D 709 -44.15 -1.74 19.42
N ASN D 710 -44.21 -2.88 20.09
CA ASN D 710 -43.00 -3.51 20.62
C ASN D 710 -42.61 -4.83 19.98
N LEU D 711 -41.31 -5.11 19.98
CA LEU D 711 -40.76 -6.33 19.44
C LEU D 711 -39.42 -6.46 20.14
N HIS D 712 -38.95 -7.68 20.30
CA HIS D 712 -37.67 -7.88 20.94
C HIS D 712 -37.10 -9.22 20.58
N VAL D 713 -35.84 -9.37 20.89
CA VAL D 713 -35.10 -10.59 20.67
C VAL D 713 -34.74 -11.05 22.07
N ALA D 714 -34.35 -12.31 22.24
CA ALA D 714 -34.02 -12.79 23.57
C ALA D 714 -32.84 -13.75 23.60
N ALA D 715 -32.47 -14.16 24.81
CA ALA D 715 -31.36 -15.08 25.00
C ALA D 715 -31.69 -16.06 26.11
N ARG D 716 -31.30 -17.32 25.92
CA ARG D 716 -31.53 -18.35 26.92
C ARG D 716 -30.28 -18.56 27.75
N GLU D 717 -30.36 -19.44 28.74
CA GLU D 717 -29.22 -19.72 29.60
C GLU D 717 -28.80 -21.19 29.45
N GLU D 718 -28.28 -21.52 28.28
CA GLU D 718 -27.85 -22.89 27.97
C GLU D 718 -26.43 -23.18 28.46
N ALA D 719 -26.15 -24.46 28.67
CA ALA D 719 -24.85 -24.95 29.13
C ALA D 719 -24.15 -24.05 30.16
N GLY D 720 -23.14 -23.31 29.72
CA GLY D 720 -22.39 -22.44 30.62
C GLY D 720 -23.02 -21.11 30.99
N GLY D 721 -23.18 -20.23 30.01
CA GLY D 721 -23.76 -18.93 30.26
C GLY D 721 -24.99 -18.58 29.47
N LEU D 722 -24.80 -17.78 28.41
CA LEU D 722 -25.92 -17.34 27.57
C LEU D 722 -25.79 -17.60 26.07
N VAL D 723 -26.81 -18.21 25.49
CA VAL D 723 -26.83 -18.45 24.05
C VAL D 723 -27.92 -17.56 23.42
N PHE D 724 -27.51 -16.74 22.45
CA PHE D 724 -28.44 -15.82 21.81
C PHE D 724 -29.13 -16.40 20.58
N TYR D 725 -30.44 -16.59 20.68
CA TYR D 725 -31.25 -17.10 19.59
C TYR D 725 -31.55 -15.87 18.74
N HIS D 726 -31.57 -16.04 17.43
CA HIS D 726 -31.80 -14.90 16.58
C HIS D 726 -33.25 -14.77 16.07
N GLN D 727 -34.22 -14.89 16.98
CA GLN D 727 -35.63 -14.77 16.63
C GLN D 727 -36.26 -13.48 17.15
N VAL D 728 -36.88 -12.71 16.26
CA VAL D 728 -37.53 -11.45 16.64
C VAL D 728 -38.99 -11.70 17.05
N LEU D 729 -39.20 -11.81 18.37
CA LEU D 729 -40.51 -12.06 18.97
C LEU D 729 -41.28 -10.77 19.22
N PRO D 730 -42.63 -10.85 19.31
CA PRO D 730 -43.45 -9.66 19.56
C PRO D 730 -43.48 -9.20 21.02
N GLY D 731 -43.64 -7.89 21.21
CA GLY D 731 -43.65 -7.31 22.53
C GLY D 731 -42.25 -6.98 23.01
N PRO D 732 -42.11 -6.24 24.12
CA PRO D 732 -40.81 -5.85 24.67
C PRO D 732 -40.12 -6.90 25.53
N ALA D 733 -38.80 -6.73 25.70
CA ALA D 733 -37.99 -7.61 26.53
C ALA D 733 -38.19 -7.06 27.93
N SER D 734 -37.85 -7.83 28.94
CA SER D 734 -38.04 -7.35 30.30
C SER D 734 -36.73 -7.31 31.07
N LYS D 735 -35.66 -7.81 30.45
CA LYS D 735 -34.36 -7.85 31.10
C LYS D 735 -33.23 -7.20 30.32
N SER D 736 -32.10 -7.07 31.00
CA SER D 736 -30.87 -6.55 30.43
C SER D 736 -29.88 -7.58 30.95
N TYR D 737 -28.99 -8.06 30.07
CA TYR D 737 -28.04 -9.06 30.52
C TYR D 737 -26.67 -8.48 30.72
N GLY D 738 -26.61 -7.19 31.03
CA GLY D 738 -25.33 -6.56 31.25
C GLY D 738 -24.48 -7.41 32.18
N VAL D 739 -24.87 -7.44 33.44
CA VAL D 739 -24.17 -8.21 34.46
C VAL D 739 -23.96 -9.66 34.02
N GLU D 740 -24.96 -10.25 33.38
CA GLU D 740 -24.84 -11.62 32.91
C GLU D 740 -23.69 -11.74 31.92
N VAL D 741 -23.50 -10.68 31.14
CA VAL D 741 -22.45 -10.68 30.12
C VAL D 741 -21.07 -10.38 30.70
N ALA D 742 -21.01 -9.51 31.71
CA ALA D 742 -19.74 -9.20 32.32
C ALA D 742 -19.23 -10.49 32.94
N ALA D 743 -20.18 -11.32 33.36
CA ALA D 743 -19.88 -12.61 33.98
C ALA D 743 -19.14 -13.50 32.99
N ALA D 745 -17.76 -12.47 30.43
CA ALA D 745 -16.57 -11.70 30.09
C ALA D 745 -15.38 -12.10 30.94
N GLY D 746 -15.64 -12.51 32.17
CA GLY D 746 -14.57 -12.92 33.06
C GLY D 746 -14.42 -12.05 34.28
N LEU D 747 -15.39 -11.18 34.51
CA LEU D 747 -15.38 -10.29 35.68
C LEU D 747 -15.41 -11.09 36.99
N PRO D 748 -14.49 -10.78 37.93
CA PRO D 748 -14.43 -11.45 39.22
C PRO D 748 -15.79 -11.61 39.87
N LYS D 749 -16.13 -12.85 40.22
CA LYS D 749 -17.40 -13.20 40.84
C LYS D 749 -17.88 -12.21 41.89
N GLU D 750 -16.96 -11.67 42.68
CA GLU D 750 -17.36 -10.73 43.72
C GLU D 750 -17.92 -9.47 43.08
N VAL D 751 -17.20 -8.95 42.10
CA VAL D 751 -17.62 -7.74 41.41
C VAL D 751 -18.96 -8.00 40.75
N VAL D 752 -19.11 -9.17 40.15
CA VAL D 752 -20.38 -9.53 39.52
C VAL D 752 -21.50 -9.55 40.57
N ALA D 753 -21.23 -10.23 41.69
CA ALA D 753 -22.19 -10.35 42.78
C ALA D 753 -22.57 -8.98 43.32
N ARG D 754 -21.56 -8.13 43.47
CA ARG D 754 -21.75 -6.77 43.97
C ARG D 754 -22.68 -5.99 43.05
N ALA D 755 -22.49 -6.19 41.75
CA ALA D 755 -23.28 -5.52 40.73
C ALA D 755 -24.73 -5.93 40.85
N ARG D 756 -24.97 -7.24 40.96
CA ARG D 756 -26.32 -7.79 41.11
C ARG D 756 -26.98 -7.23 42.36
N ALA D 757 -26.22 -7.16 43.44
CA ALA D 757 -26.74 -6.63 44.69
C ALA D 757 -27.21 -5.22 44.40
N LEU D 758 -26.36 -4.46 43.71
CA LEU D 758 -26.69 -3.10 43.35
C LEU D 758 -27.93 -3.05 42.46
N LEU D 759 -27.95 -3.83 41.38
CA LEU D 759 -29.09 -3.87 40.47
C LEU D 759 -30.41 -3.91 41.22
N GLN D 760 -30.61 -4.99 41.97
CA GLN D 760 -31.82 -5.19 42.74
C GLN D 760 -32.03 -4.12 43.77
N ALA D 761 -30.98 -3.79 44.50
CA ALA D 761 -31.05 -2.76 45.53
C ALA D 761 -31.73 -1.52 45.01
#